data_1VRV
# 
_entry.id   1VRV 
# 
_audit_conform.dict_name       mmcif_pdbx.dic 
_audit_conform.dict_version    5.398 
_audit_conform.dict_location   http://mmcif.pdb.org/dictionaries/ascii/mmcif_pdbx.dic 
# 
loop_
_database_2.database_id 
_database_2.database_code 
_database_2.pdbx_database_accession 
_database_2.pdbx_DOI 
PDB   1VRV         pdb_00001vrv 10.2210/pdb1vrv/pdb 
RCSB  RCSB002097   ?            ?                   
WWPDB D_1000002097 ?            ?                   
# 
loop_
_pdbx_audit_revision_history.ordinal 
_pdbx_audit_revision_history.data_content_type 
_pdbx_audit_revision_history.major_revision 
_pdbx_audit_revision_history.minor_revision 
_pdbx_audit_revision_history.revision_date 
1 'Structure model' 1 0 2005-11-22 
2 'Structure model' 1 1 2008-04-27 
3 'Structure model' 1 2 2011-07-13 
4 'Structure model' 1 3 2021-10-20 
5 'Structure model' 1 4 2023-12-27 
6 'Structure model' 1 5 2024-11-13 
# 
_pdbx_audit_revision_details.ordinal             1 
_pdbx_audit_revision_details.revision_ordinal    1 
_pdbx_audit_revision_details.data_content_type   'Structure model' 
_pdbx_audit_revision_details.provider            repository 
_pdbx_audit_revision_details.type                'Initial release' 
_pdbx_audit_revision_details.description         ? 
_pdbx_audit_revision_details.details             ? 
# 
loop_
_pdbx_audit_revision_group.ordinal 
_pdbx_audit_revision_group.revision_ordinal 
_pdbx_audit_revision_group.data_content_type 
_pdbx_audit_revision_group.group 
1 2 'Structure model' 'Version format compliance' 
2 3 'Structure model' 'Source and taxonomy'       
3 3 'Structure model' 'Version format compliance' 
4 4 'Structure model' 'Data collection'           
5 4 'Structure model' 'Database references'       
6 4 'Structure model' 'Derived calculations'      
7 5 'Structure model' 'Data collection'           
8 6 'Structure model' 'Structure summary'         
# 
loop_
_pdbx_audit_revision_category.ordinal 
_pdbx_audit_revision_category.revision_ordinal 
_pdbx_audit_revision_category.data_content_type 
_pdbx_audit_revision_category.category 
1 4 'Structure model' database_2                
2 4 'Structure model' pdbx_nmr_software         
3 4 'Structure model' struct_conn               
4 4 'Structure model' struct_ref_seq_dif        
5 5 'Structure model' chem_comp_atom            
6 5 'Structure model' chem_comp_bond            
7 6 'Structure model' pdbx_entry_details        
8 6 'Structure model' pdbx_modification_feature 
# 
loop_
_pdbx_audit_revision_item.ordinal 
_pdbx_audit_revision_item.revision_ordinal 
_pdbx_audit_revision_item.data_content_type 
_pdbx_audit_revision_item.item 
1 4 'Structure model' '_database_2.pdbx_DOI'                
2 4 'Structure model' '_database_2.pdbx_database_accession' 
3 4 'Structure model' '_pdbx_nmr_software.name'             
4 4 'Structure model' '_struct_conn.pdbx_leaving_atom_flag' 
5 4 'Structure model' '_struct_ref_seq_dif.details'         
# 
_pdbx_database_status.status_code                     REL 
_pdbx_database_status.entry_id                        1VRV 
_pdbx_database_status.recvd_initial_deposition_date   2005-06-17 
_pdbx_database_status.deposit_site                    RCSB 
_pdbx_database_status.process_site                    RCSB 
_pdbx_database_status.status_code_sf                  ? 
_pdbx_database_status.status_code_mr                  REL 
_pdbx_database_status.SG_entry                        ? 
_pdbx_database_status.pdb_format_compatible           Y 
_pdbx_database_status.status_code_cs                  ? 
_pdbx_database_status.status_code_nmr_data            ? 
_pdbx_database_status.methods_development_category    ? 
# 
loop_
_audit_author.name 
_audit_author.pdbx_ordinal 
'Suh, J.Y.'   1 
'Tang, C.'    2 
'Cai, M.'     3 
'Clore, G.M.' 4 
# 
_citation.id                        primary 
_citation.title                     
;Visualization of the Phosphorylated Active Site Loop of the Cytoplasmic B Domain of the Mannitol Transporter II(Mannitol) of the Escherichia coli Phosphotransferase System by NMR Spectroscopy and Residual Dipolar Couplings.
;
_citation.journal_abbrev            J.Mol.Biol. 
_citation.journal_volume            353 
_citation.page_first                1129 
_citation.page_last                 1136 
_citation.year                      2005 
_citation.journal_id_ASTM           JMOBAK 
_citation.country                   UK 
_citation.journal_id_ISSN           0022-2836 
_citation.journal_id_CSD            0070 
_citation.book_publisher            ? 
_citation.pdbx_database_id_PubMed   16219324 
_citation.pdbx_database_id_DOI      10.1016/j.jmb.2005.09.033 
# 
loop_
_citation_author.citation_id 
_citation_author.name 
_citation_author.ordinal 
_citation_author.identifier_ORCID 
primary 'Suh, J.Y.'   1 ? 
primary 'Tang, C.'    2 ? 
primary 'Cai, M.'     3 ? 
primary 'Clore, G.M.' 4 ? 
# 
_entity.id                         1 
_entity.type                       polymer 
_entity.src_method                 man 
_entity.pdbx_description           'mannitol-specific PTS system enzyme IIABC components' 
_entity.formula_weight             11028.347 
_entity.pdbx_number_of_molecules   1 
_entity.pdbx_ec                    ? 
_entity.pdbx_mutation              'C384(SEP)' 
_entity.pdbx_fragment              'IIB DOMAIN' 
_entity.details                    ? 
# 
_entity_name_com.entity_id   1 
_entity_name_com.name        'IIBMTL PHOSPHOTRANSFERASE ENZYME II, B COMPONENT, EIIB-MTL' 
# 
_entity_poly.entity_id                      1 
_entity_poly.type                           'polypeptide(L)' 
_entity_poly.nstd_linkage                   no 
_entity_poly.nstd_monomer                   yes 
_entity_poly.pdbx_seq_one_letter_code       
;SHVRKIIVA(SEP)DAGMGSSAMGAGVLRKKIQDAGLSQISVTNSAINNLPPDVDLVITHRDLTERAMRQVPQAQHISLT
NFLDSGLYTSLTERLVAAQRHTENE
;
_entity_poly.pdbx_seq_one_letter_code_can   
;SHVRKIIVASDAGMGSSAMGAGVLRKKIQDAGLSQISVTNSAINNLPPDVDLVITHRDLTERAMRQVPQAQHISLTNFLD
SGLYTSLTERLVAAQRHTENE
;
_entity_poly.pdbx_strand_id                 A 
_entity_poly.pdbx_target_identifier         ? 
# 
loop_
_entity_poly_seq.entity_id 
_entity_poly_seq.num 
_entity_poly_seq.mon_id 
_entity_poly_seq.hetero 
1 1   SER n 
1 2   HIS n 
1 3   VAL n 
1 4   ARG n 
1 5   LYS n 
1 6   ILE n 
1 7   ILE n 
1 8   VAL n 
1 9   ALA n 
1 10  SEP n 
1 11  ASP n 
1 12  ALA n 
1 13  GLY n 
1 14  MET n 
1 15  GLY n 
1 16  SER n 
1 17  SER n 
1 18  ALA n 
1 19  MET n 
1 20  GLY n 
1 21  ALA n 
1 22  GLY n 
1 23  VAL n 
1 24  LEU n 
1 25  ARG n 
1 26  LYS n 
1 27  LYS n 
1 28  ILE n 
1 29  GLN n 
1 30  ASP n 
1 31  ALA n 
1 32  GLY n 
1 33  LEU n 
1 34  SER n 
1 35  GLN n 
1 36  ILE n 
1 37  SER n 
1 38  VAL n 
1 39  THR n 
1 40  ASN n 
1 41  SER n 
1 42  ALA n 
1 43  ILE n 
1 44  ASN n 
1 45  ASN n 
1 46  LEU n 
1 47  PRO n 
1 48  PRO n 
1 49  ASP n 
1 50  VAL n 
1 51  ASP n 
1 52  LEU n 
1 53  VAL n 
1 54  ILE n 
1 55  THR n 
1 56  HIS n 
1 57  ARG n 
1 58  ASP n 
1 59  LEU n 
1 60  THR n 
1 61  GLU n 
1 62  ARG n 
1 63  ALA n 
1 64  MET n 
1 65  ARG n 
1 66  GLN n 
1 67  VAL n 
1 68  PRO n 
1 69  GLN n 
1 70  ALA n 
1 71  GLN n 
1 72  HIS n 
1 73  ILE n 
1 74  SER n 
1 75  LEU n 
1 76  THR n 
1 77  ASN n 
1 78  PHE n 
1 79  LEU n 
1 80  ASP n 
1 81  SER n 
1 82  GLY n 
1 83  LEU n 
1 84  TYR n 
1 85  THR n 
1 86  SER n 
1 87  LEU n 
1 88  THR n 
1 89  GLU n 
1 90  ARG n 
1 91  LEU n 
1 92  VAL n 
1 93  ALA n 
1 94  ALA n 
1 95  GLN n 
1 96  ARG n 
1 97  HIS n 
1 98  THR n 
1 99  GLU n 
1 100 ASN n 
1 101 GLU n 
# 
_entity_src_gen.entity_id                          1 
_entity_src_gen.pdbx_src_id                        1 
_entity_src_gen.pdbx_alt_source_flag               sample 
_entity_src_gen.pdbx_seq_type                      ? 
_entity_src_gen.pdbx_beg_seq_num                   ? 
_entity_src_gen.pdbx_end_seq_num                   ? 
_entity_src_gen.gene_src_common_name               ? 
_entity_src_gen.gene_src_genus                     Escherichia 
_entity_src_gen.pdbx_gene_src_gene                 ? 
_entity_src_gen.gene_src_species                   'Escherichia coli' 
_entity_src_gen.gene_src_strain                    O157:H7 
_entity_src_gen.gene_src_tissue                    ? 
_entity_src_gen.gene_src_tissue_fraction           ? 
_entity_src_gen.gene_src_details                   ? 
_entity_src_gen.pdbx_gene_src_fragment             ? 
_entity_src_gen.pdbx_gene_src_scientific_name      'Escherichia coli' 
_entity_src_gen.pdbx_gene_src_ncbi_taxonomy_id     83334 
_entity_src_gen.pdbx_gene_src_variant              ? 
_entity_src_gen.pdbx_gene_src_cell_line            ? 
_entity_src_gen.pdbx_gene_src_atcc                 ? 
_entity_src_gen.pdbx_gene_src_organ                ? 
_entity_src_gen.pdbx_gene_src_organelle            ? 
_entity_src_gen.pdbx_gene_src_cell                 ? 
_entity_src_gen.pdbx_gene_src_cellular_location    ? 
_entity_src_gen.host_org_common_name               ? 
_entity_src_gen.pdbx_host_org_scientific_name      'Escherichia coli' 
_entity_src_gen.pdbx_host_org_ncbi_taxonomy_id     562 
_entity_src_gen.host_org_genus                     Escherichia 
_entity_src_gen.pdbx_host_org_gene                 ? 
_entity_src_gen.pdbx_host_org_organ                ? 
_entity_src_gen.host_org_species                   ? 
_entity_src_gen.pdbx_host_org_tissue               ? 
_entity_src_gen.pdbx_host_org_tissue_fraction      ? 
_entity_src_gen.pdbx_host_org_strain               ? 
_entity_src_gen.pdbx_host_org_variant              ? 
_entity_src_gen.pdbx_host_org_cell_line            ? 
_entity_src_gen.pdbx_host_org_atcc                 ? 
_entity_src_gen.pdbx_host_org_culture_collection   ? 
_entity_src_gen.pdbx_host_org_cell                 ? 
_entity_src_gen.pdbx_host_org_organelle            ? 
_entity_src_gen.pdbx_host_org_cellular_location    ? 
_entity_src_gen.pdbx_host_org_vector_type          ? 
_entity_src_gen.pdbx_host_org_vector               ? 
_entity_src_gen.host_org_details                   ? 
_entity_src_gen.expression_system_id               ? 
_entity_src_gen.plasmid_name                       ? 
_entity_src_gen.plasmid_details                    ? 
_entity_src_gen.pdbx_description                   ? 
# 
loop_
_chem_comp.id 
_chem_comp.type 
_chem_comp.mon_nstd_flag 
_chem_comp.name 
_chem_comp.pdbx_synonyms 
_chem_comp.formula 
_chem_comp.formula_weight 
ALA 'L-peptide linking' y ALANINE         ?               'C3 H7 N O2'     89.093  
ARG 'L-peptide linking' y ARGININE        ?               'C6 H15 N4 O2 1' 175.209 
ASN 'L-peptide linking' y ASPARAGINE      ?               'C4 H8 N2 O3'    132.118 
ASP 'L-peptide linking' y 'ASPARTIC ACID' ?               'C4 H7 N O4'     133.103 
CYS 'L-peptide linking' y CYSTEINE        ?               'C3 H7 N O2 S'   121.158 
GLN 'L-peptide linking' y GLUTAMINE       ?               'C5 H10 N2 O3'   146.144 
GLU 'L-peptide linking' y 'GLUTAMIC ACID' ?               'C5 H9 N O4'     147.129 
GLY 'peptide linking'   y GLYCINE         ?               'C2 H5 N O2'     75.067  
HIS 'L-peptide linking' y HISTIDINE       ?               'C6 H10 N3 O2 1' 156.162 
ILE 'L-peptide linking' y ISOLEUCINE      ?               'C6 H13 N O2'    131.173 
LEU 'L-peptide linking' y LEUCINE         ?               'C6 H13 N O2'    131.173 
LYS 'L-peptide linking' y LYSINE          ?               'C6 H15 N2 O2 1' 147.195 
MET 'L-peptide linking' y METHIONINE      ?               'C5 H11 N O2 S'  149.211 
PHE 'L-peptide linking' y PHENYLALANINE   ?               'C9 H11 N O2'    165.189 
PRO 'L-peptide linking' y PROLINE         ?               'C5 H9 N O2'     115.130 
SEP 'L-peptide linking' n PHOSPHOSERINE   PHOSPHONOSERINE 'C3 H8 N O6 P'   185.072 
SER 'L-peptide linking' y SERINE          ?               'C3 H7 N O3'     105.093 
THR 'L-peptide linking' y THREONINE       ?               'C4 H9 N O3'     119.119 
TYR 'L-peptide linking' y TYROSINE        ?               'C9 H11 N O3'    181.189 
VAL 'L-peptide linking' y VALINE          ?               'C5 H11 N O2'    117.146 
# 
loop_
_pdbx_poly_seq_scheme.asym_id 
_pdbx_poly_seq_scheme.entity_id 
_pdbx_poly_seq_scheme.seq_id 
_pdbx_poly_seq_scheme.mon_id 
_pdbx_poly_seq_scheme.ndb_seq_num 
_pdbx_poly_seq_scheme.pdb_seq_num 
_pdbx_poly_seq_scheme.auth_seq_num 
_pdbx_poly_seq_scheme.pdb_mon_id 
_pdbx_poly_seq_scheme.auth_mon_id 
_pdbx_poly_seq_scheme.pdb_strand_id 
_pdbx_poly_seq_scheme.pdb_ins_code 
_pdbx_poly_seq_scheme.hetero 
A 1 1   SER 1   375 375 SER SER A . n 
A 1 2   HIS 2   376 376 HIS HIS A . n 
A 1 3   VAL 3   377 377 VAL VAL A . n 
A 1 4   ARG 4   378 378 ARG ARG A . n 
A 1 5   LYS 5   379 379 LYS LYS A . n 
A 1 6   ILE 6   380 380 ILE ILE A . n 
A 1 7   ILE 7   381 381 ILE ILE A . n 
A 1 8   VAL 8   382 382 VAL VAL A . n 
A 1 9   ALA 9   383 383 ALA ALA A . n 
A 1 10  SEP 10  384 384 SEP SEP A . n 
A 1 11  ASP 11  385 385 ASP ASP A . n 
A 1 12  ALA 12  386 386 ALA ALA A . n 
A 1 13  GLY 13  387 387 GLY GLY A . n 
A 1 14  MET 14  388 388 MET MET A . n 
A 1 15  GLY 15  389 389 GLY GLY A . n 
A 1 16  SER 16  390 390 SER SER A . n 
A 1 17  SER 17  391 391 SER SER A . n 
A 1 18  ALA 18  392 392 ALA ALA A . n 
A 1 19  MET 19  393 393 MET MET A . n 
A 1 20  GLY 20  394 394 GLY GLY A . n 
A 1 21  ALA 21  395 395 ALA ALA A . n 
A 1 22  GLY 22  396 396 GLY GLY A . n 
A 1 23  VAL 23  397 397 VAL VAL A . n 
A 1 24  LEU 24  398 398 LEU LEU A . n 
A 1 25  ARG 25  399 399 ARG ARG A . n 
A 1 26  LYS 26  400 400 LYS LYS A . n 
A 1 27  LYS 27  401 401 LYS LYS A . n 
A 1 28  ILE 28  402 402 ILE ILE A . n 
A 1 29  GLN 29  403 403 GLN GLN A . n 
A 1 30  ASP 30  404 404 ASP ASP A . n 
A 1 31  ALA 31  405 405 ALA ALA A . n 
A 1 32  GLY 32  406 406 GLY GLY A . n 
A 1 33  LEU 33  407 407 LEU LEU A . n 
A 1 34  SER 34  408 408 SER SER A . n 
A 1 35  GLN 35  409 409 GLN GLN A . n 
A 1 36  ILE 36  410 410 ILE ILE A . n 
A 1 37  SER 37  411 411 SER SER A . n 
A 1 38  VAL 38  412 412 VAL VAL A . n 
A 1 39  THR 39  413 413 THR THR A . n 
A 1 40  ASN 40  414 414 ASN ASN A . n 
A 1 41  SER 41  415 415 SER SER A . n 
A 1 42  ALA 42  416 416 ALA ALA A . n 
A 1 43  ILE 43  417 417 ILE ILE A . n 
A 1 44  ASN 44  418 418 ASN ASN A . n 
A 1 45  ASN 45  419 419 ASN ASN A . n 
A 1 46  LEU 46  420 420 LEU LEU A . n 
A 1 47  PRO 47  421 421 PRO PRO A . n 
A 1 48  PRO 48  422 422 PRO PRO A . n 
A 1 49  ASP 49  423 423 ASP ASP A . n 
A 1 50  VAL 50  424 424 VAL VAL A . n 
A 1 51  ASP 51  425 425 ASP ASP A . n 
A 1 52  LEU 52  426 426 LEU LEU A . n 
A 1 53  VAL 53  427 427 VAL VAL A . n 
A 1 54  ILE 54  428 428 ILE ILE A . n 
A 1 55  THR 55  429 429 THR THR A . n 
A 1 56  HIS 56  430 430 HIS HIS A . n 
A 1 57  ARG 57  431 431 ARG ARG A . n 
A 1 58  ASP 58  432 432 ASP ASP A . n 
A 1 59  LEU 59  433 433 LEU LEU A . n 
A 1 60  THR 60  434 434 THR THR A . n 
A 1 61  GLU 61  435 435 GLU GLU A . n 
A 1 62  ARG 62  436 436 ARG ARG A . n 
A 1 63  ALA 63  437 437 ALA ALA A . n 
A 1 64  MET 64  438 438 MET MET A . n 
A 1 65  ARG 65  439 439 ARG ARG A . n 
A 1 66  GLN 66  440 440 GLN GLN A . n 
A 1 67  VAL 67  441 441 VAL VAL A . n 
A 1 68  PRO 68  442 442 PRO PRO A . n 
A 1 69  GLN 69  443 443 GLN GLN A . n 
A 1 70  ALA 70  444 444 ALA ALA A . n 
A 1 71  GLN 71  445 445 GLN GLN A . n 
A 1 72  HIS 72  446 446 HIS HIS A . n 
A 1 73  ILE 73  447 447 ILE ILE A . n 
A 1 74  SER 74  448 448 SER SER A . n 
A 1 75  LEU 75  449 449 LEU LEU A . n 
A 1 76  THR 76  450 450 THR THR A . n 
A 1 77  ASN 77  451 451 ASN ASN A . n 
A 1 78  PHE 78  452 452 PHE PHE A . n 
A 1 79  LEU 79  453 453 LEU LEU A . n 
A 1 80  ASP 80  454 454 ASP ASP A . n 
A 1 81  SER 81  455 455 SER SER A . n 
A 1 82  GLY 82  456 456 GLY GLY A . n 
A 1 83  LEU 83  457 457 LEU LEU A . n 
A 1 84  TYR 84  458 458 TYR TYR A . n 
A 1 85  THR 85  459 459 THR THR A . n 
A 1 86  SER 86  460 460 SER SER A . n 
A 1 87  LEU 87  461 461 LEU LEU A . n 
A 1 88  THR 88  462 462 THR THR A . n 
A 1 89  GLU 89  463 463 GLU GLU A . n 
A 1 90  ARG 90  464 464 ARG ARG A . n 
A 1 91  LEU 91  465 465 LEU LEU A . n 
A 1 92  VAL 92  466 466 VAL VAL A . n 
A 1 93  ALA 93  467 467 ALA ALA A . n 
A 1 94  ALA 94  468 468 ALA ALA A . n 
A 1 95  GLN 95  469 469 GLN GLN A . n 
A 1 96  ARG 96  470 470 ARG ARG A . n 
A 1 97  HIS 97  471 471 HIS HIS A . n 
A 1 98  THR 98  472 ?   ?   ?   A . n 
A 1 99  GLU 99  473 ?   ?   ?   A . n 
A 1 100 ASN 100 474 ?   ?   ?   A . n 
A 1 101 GLU 101 475 ?   ?   ?   A . n 
# 
_cell.entry_id           1VRV 
_cell.length_a           1.000 
_cell.length_b           1.000 
_cell.length_c           1.000 
_cell.angle_alpha        90.00 
_cell.angle_beta         90.00 
_cell.angle_gamma        90.00 
_cell.Z_PDB              1 
_cell.pdbx_unique_axis   ? 
# 
_symmetry.entry_id                         1VRV 
_symmetry.space_group_name_H-M             'P 1' 
_symmetry.pdbx_full_space_group_name_H-M   ? 
_symmetry.cell_setting                     ? 
_symmetry.Int_Tables_number                1 
# 
_exptl.entry_id          1VRV 
_exptl.method            'SOLUTION NMR' 
_exptl.crystals_number   ? 
# 
_struct.entry_id                  1VRV 
_struct.title                     'Structure of phosphorylated IIB (C384(SEP)) domain of the mannitol-specific permease enzyme II' 
_struct.pdbx_model_details        ? 
_struct.pdbx_CASP_flag            ? 
_struct.pdbx_model_type_details   ? 
# 
_struct_keywords.entry_id        1VRV 
_struct_keywords.pdbx_keywords   TRANSFERASE 
_struct_keywords.text            'PHOSPHOTRANSFERASE, TRANSFERASE, KINASE, SUGAR TRANSPORT' 
# 
_struct_asym.id                            A 
_struct_asym.pdbx_blank_PDB_chainid_flag   N 
_struct_asym.pdbx_modified                 N 
_struct_asym.entity_id                     1 
_struct_asym.details                       ? 
# 
_struct_ref.id                         1 
_struct_ref.db_name                    UNP 
_struct_ref.db_code                    PTM3C_ECOLI 
_struct_ref.pdbx_db_accession          P00550 
_struct_ref.entity_id                  1 
_struct_ref.pdbx_seq_one_letter_code   
;SHVRKIIVACDAGMGSSAMGAGVLRKKIQDAGLSQISVTNSAINNLPPDVDLVITHRDLTERAMRQVPQAQHISLTNFLD
SGLYTSLTERLVAAQRHTENE
;
_struct_ref.pdbx_align_begin           375 
_struct_ref.pdbx_db_isoform            ? 
# 
_struct_ref_seq.align_id                      1 
_struct_ref_seq.ref_id                        1 
_struct_ref_seq.pdbx_PDB_id_code              1VRV 
_struct_ref_seq.pdbx_strand_id                A 
_struct_ref_seq.seq_align_beg                 1 
_struct_ref_seq.pdbx_seq_align_beg_ins_code   ? 
_struct_ref_seq.seq_align_end                 101 
_struct_ref_seq.pdbx_seq_align_end_ins_code   ? 
_struct_ref_seq.pdbx_db_accession             P00550 
_struct_ref_seq.db_align_beg                  375 
_struct_ref_seq.pdbx_db_align_beg_ins_code    ? 
_struct_ref_seq.db_align_end                  475 
_struct_ref_seq.pdbx_db_align_end_ins_code    ? 
_struct_ref_seq.pdbx_auth_seq_align_beg       375 
_struct_ref_seq.pdbx_auth_seq_align_end       475 
# 
_struct_ref_seq_dif.align_id                     1 
_struct_ref_seq_dif.pdbx_pdb_id_code             1VRV 
_struct_ref_seq_dif.mon_id                       SEP 
_struct_ref_seq_dif.pdbx_pdb_strand_id           A 
_struct_ref_seq_dif.seq_num                      10 
_struct_ref_seq_dif.pdbx_pdb_ins_code            ? 
_struct_ref_seq_dif.pdbx_seq_db_name             UNP 
_struct_ref_seq_dif.pdbx_seq_db_accession_code   P00550 
_struct_ref_seq_dif.db_mon_id                    CYS 
_struct_ref_seq_dif.pdbx_seq_db_seq_num          384 
_struct_ref_seq_dif.details                      'engineered mutation' 
_struct_ref_seq_dif.pdbx_auth_seq_num            384 
_struct_ref_seq_dif.pdbx_ordinal                 1 
# 
_pdbx_struct_assembly.id                   1 
_pdbx_struct_assembly.details              author_defined_assembly 
_pdbx_struct_assembly.method_details       ? 
_pdbx_struct_assembly.oligomeric_details   monomeric 
_pdbx_struct_assembly.oligomeric_count     1 
# 
_pdbx_struct_assembly_gen.assembly_id       1 
_pdbx_struct_assembly_gen.oper_expression   1 
_pdbx_struct_assembly_gen.asym_id_list      A 
# 
_pdbx_struct_oper_list.id                   1 
_pdbx_struct_oper_list.type                 'identity operation' 
_pdbx_struct_oper_list.name                 1_555 
_pdbx_struct_oper_list.symmetry_operation   x,y,z 
_pdbx_struct_oper_list.matrix[1][1]         1.0000000000 
_pdbx_struct_oper_list.matrix[1][2]         0.0000000000 
_pdbx_struct_oper_list.matrix[1][3]         0.0000000000 
_pdbx_struct_oper_list.vector[1]            0.0000000000 
_pdbx_struct_oper_list.matrix[2][1]         0.0000000000 
_pdbx_struct_oper_list.matrix[2][2]         1.0000000000 
_pdbx_struct_oper_list.matrix[2][3]         0.0000000000 
_pdbx_struct_oper_list.vector[2]            0.0000000000 
_pdbx_struct_oper_list.matrix[3][1]         0.0000000000 
_pdbx_struct_oper_list.matrix[3][2]         0.0000000000 
_pdbx_struct_oper_list.matrix[3][3]         1.0000000000 
_pdbx_struct_oper_list.vector[3]            0.0000000000 
# 
_struct_biol.id   1 
# 
loop_
_struct_conf.conf_type_id 
_struct_conf.id 
_struct_conf.pdbx_PDB_helix_id 
_struct_conf.beg_label_comp_id 
_struct_conf.beg_label_asym_id 
_struct_conf.beg_label_seq_id 
_struct_conf.pdbx_beg_PDB_ins_code 
_struct_conf.end_label_comp_id 
_struct_conf.end_label_asym_id 
_struct_conf.end_label_seq_id 
_struct_conf.pdbx_end_PDB_ins_code 
_struct_conf.beg_auth_comp_id 
_struct_conf.beg_auth_asym_id 
_struct_conf.beg_auth_seq_id 
_struct_conf.end_auth_comp_id 
_struct_conf.end_auth_asym_id 
_struct_conf.end_auth_seq_id 
_struct_conf.pdbx_PDB_helix_class 
_struct_conf.details 
_struct_conf.pdbx_PDB_helix_length 
HELX_P HELX_P1 1 GLY A 15 ? ALA A 31 ? GLY A 389 ALA A 405 1 ? 17 
HELX_P HELX_P2 2 ARG A 57 ? VAL A 67 ? ARG A 431 VAL A 441 1 ? 11 
HELX_P HELX_P3 3 ASP A 80 ? HIS A 97 ? ASP A 454 HIS A 471 1 ? 18 
# 
_struct_conf_type.id          HELX_P 
_struct_conf_type.criteria    ? 
_struct_conf_type.reference   ? 
# 
loop_
_struct_conn.id 
_struct_conn.conn_type_id 
_struct_conn.pdbx_leaving_atom_flag 
_struct_conn.pdbx_PDB_id 
_struct_conn.ptnr1_label_asym_id 
_struct_conn.ptnr1_label_comp_id 
_struct_conn.ptnr1_label_seq_id 
_struct_conn.ptnr1_label_atom_id 
_struct_conn.pdbx_ptnr1_label_alt_id 
_struct_conn.pdbx_ptnr1_PDB_ins_code 
_struct_conn.pdbx_ptnr1_standard_comp_id 
_struct_conn.ptnr1_symmetry 
_struct_conn.ptnr2_label_asym_id 
_struct_conn.ptnr2_label_comp_id 
_struct_conn.ptnr2_label_seq_id 
_struct_conn.ptnr2_label_atom_id 
_struct_conn.pdbx_ptnr2_label_alt_id 
_struct_conn.pdbx_ptnr2_PDB_ins_code 
_struct_conn.ptnr1_auth_asym_id 
_struct_conn.ptnr1_auth_comp_id 
_struct_conn.ptnr1_auth_seq_id 
_struct_conn.ptnr2_auth_asym_id 
_struct_conn.ptnr2_auth_comp_id 
_struct_conn.ptnr2_auth_seq_id 
_struct_conn.ptnr2_symmetry 
_struct_conn.pdbx_ptnr3_label_atom_id 
_struct_conn.pdbx_ptnr3_label_seq_id 
_struct_conn.pdbx_ptnr3_label_comp_id 
_struct_conn.pdbx_ptnr3_label_asym_id 
_struct_conn.pdbx_ptnr3_label_alt_id 
_struct_conn.pdbx_ptnr3_PDB_ins_code 
_struct_conn.details 
_struct_conn.pdbx_dist_value 
_struct_conn.pdbx_value_order 
_struct_conn.pdbx_role 
covale1 covale both ? A ALA 9  C ? ? ? 1_555 A SEP 10 N ? ? A ALA 383 A SEP 384 1_555 ? ? ? ? ? ? ? 1.331 ? ? 
covale2 covale both ? A SEP 10 C ? ? ? 1_555 A ASP 11 N ? ? A SEP 384 A ASP 385 1_555 ? ? ? ? ? ? ? 1.334 ? ? 
# 
_struct_conn_type.id          covale 
_struct_conn_type.criteria    ? 
_struct_conn_type.reference   ? 
# 
_pdbx_modification_feature.ordinal                            1 
_pdbx_modification_feature.label_comp_id                      SEP 
_pdbx_modification_feature.label_asym_id                      A 
_pdbx_modification_feature.label_seq_id                       10 
_pdbx_modification_feature.label_alt_id                       ? 
_pdbx_modification_feature.modified_residue_label_comp_id     . 
_pdbx_modification_feature.modified_residue_label_asym_id     . 
_pdbx_modification_feature.modified_residue_label_seq_id      . 
_pdbx_modification_feature.modified_residue_label_alt_id      . 
_pdbx_modification_feature.auth_comp_id                       SEP 
_pdbx_modification_feature.auth_asym_id                       A 
_pdbx_modification_feature.auth_seq_id                        384 
_pdbx_modification_feature.PDB_ins_code                       ? 
_pdbx_modification_feature.symmetry                           1_555 
_pdbx_modification_feature.modified_residue_auth_comp_id      . 
_pdbx_modification_feature.modified_residue_auth_asym_id      . 
_pdbx_modification_feature.modified_residue_auth_seq_id       . 
_pdbx_modification_feature.modified_residue_PDB_ins_code      . 
_pdbx_modification_feature.modified_residue_symmetry          . 
_pdbx_modification_feature.comp_id_linking_atom               . 
_pdbx_modification_feature.modified_residue_id_linking_atom   . 
_pdbx_modification_feature.modified_residue_id                SER 
_pdbx_modification_feature.ref_pcm_id                         1 
_pdbx_modification_feature.ref_comp_id                        SEP 
_pdbx_modification_feature.type                               Phosphorylation 
_pdbx_modification_feature.category                           'Named protein modification' 
# 
_struct_sheet.id               A 
_struct_sheet.type             ? 
_struct_sheet.number_strands   4 
_struct_sheet.details          ? 
# 
loop_
_struct_sheet_order.sheet_id 
_struct_sheet_order.range_id_1 
_struct_sheet_order.range_id_2 
_struct_sheet_order.offset 
_struct_sheet_order.sense 
A 1 2 ? parallel 
A 2 3 ? parallel 
A 3 4 ? parallel 
# 
loop_
_struct_sheet_range.sheet_id 
_struct_sheet_range.id 
_struct_sheet_range.beg_label_comp_id 
_struct_sheet_range.beg_label_asym_id 
_struct_sheet_range.beg_label_seq_id 
_struct_sheet_range.pdbx_beg_PDB_ins_code 
_struct_sheet_range.end_label_comp_id 
_struct_sheet_range.end_label_asym_id 
_struct_sheet_range.end_label_seq_id 
_struct_sheet_range.pdbx_end_PDB_ins_code 
_struct_sheet_range.beg_auth_comp_id 
_struct_sheet_range.beg_auth_asym_id 
_struct_sheet_range.beg_auth_seq_id 
_struct_sheet_range.end_auth_comp_id 
_struct_sheet_range.end_auth_asym_id 
_struct_sheet_range.end_auth_seq_id 
A 1 SER A 37 ? ALA A 42 ? SER A 411 ALA A 416 
A 2 LYS A 5  ? SEP A 10 ? LYS A 379 SEP A 384 
A 3 LEU A 52 ? HIS A 56 ? LEU A 426 HIS A 430 
A 4 GLN A 71 ? LEU A 75 ? GLN A 445 LEU A 449 
# 
loop_
_pdbx_struct_sheet_hbond.sheet_id 
_pdbx_struct_sheet_hbond.range_id_1 
_pdbx_struct_sheet_hbond.range_id_2 
_pdbx_struct_sheet_hbond.range_1_label_atom_id 
_pdbx_struct_sheet_hbond.range_1_label_comp_id 
_pdbx_struct_sheet_hbond.range_1_label_asym_id 
_pdbx_struct_sheet_hbond.range_1_label_seq_id 
_pdbx_struct_sheet_hbond.range_1_PDB_ins_code 
_pdbx_struct_sheet_hbond.range_1_auth_atom_id 
_pdbx_struct_sheet_hbond.range_1_auth_comp_id 
_pdbx_struct_sheet_hbond.range_1_auth_asym_id 
_pdbx_struct_sheet_hbond.range_1_auth_seq_id 
_pdbx_struct_sheet_hbond.range_2_label_atom_id 
_pdbx_struct_sheet_hbond.range_2_label_comp_id 
_pdbx_struct_sheet_hbond.range_2_label_asym_id 
_pdbx_struct_sheet_hbond.range_2_label_seq_id 
_pdbx_struct_sheet_hbond.range_2_PDB_ins_code 
_pdbx_struct_sheet_hbond.range_2_auth_atom_id 
_pdbx_struct_sheet_hbond.range_2_auth_comp_id 
_pdbx_struct_sheet_hbond.range_2_auth_asym_id 
_pdbx_struct_sheet_hbond.range_2_auth_seq_id 
A 1 2 O SER A 41 ? O SER A 415 N VAL A 8  ? N VAL A 382 
A 2 3 N ILE A 7  ? N ILE A 381 O ILE A 54 ? O ILE A 428 
A 3 4 N VAL A 53 ? N VAL A 427 O GLN A 71 ? O GLN A 445 
# 
_pdbx_entry_details.entry_id                   1VRV 
_pdbx_entry_details.compound_details           ? 
_pdbx_entry_details.source_details             ? 
_pdbx_entry_details.nonpolymer_details         ? 
_pdbx_entry_details.sequence_details           ? 
_pdbx_entry_details.has_ligand_of_interest     ? 
_pdbx_entry_details.has_protein_modification   Y 
# 
loop_
_pdbx_validate_close_contact.id 
_pdbx_validate_close_contact.PDB_model_num 
_pdbx_validate_close_contact.auth_atom_id_1 
_pdbx_validate_close_contact.auth_asym_id_1 
_pdbx_validate_close_contact.auth_comp_id_1 
_pdbx_validate_close_contact.auth_seq_id_1 
_pdbx_validate_close_contact.PDB_ins_code_1 
_pdbx_validate_close_contact.label_alt_id_1 
_pdbx_validate_close_contact.auth_atom_id_2 
_pdbx_validate_close_contact.auth_asym_id_2 
_pdbx_validate_close_contact.auth_comp_id_2 
_pdbx_validate_close_contact.auth_seq_id_2 
_pdbx_validate_close_contact.PDB_ins_code_2 
_pdbx_validate_close_contact.label_alt_id_2 
_pdbx_validate_close_contact.dist 
1 1 HD1 A HIS 430 ? ? H A ASP 432 ? ? 1.16 
2 1 O1P A SEP 384 ? ? H A SER 391 ? ? 1.52 
3 1 O2P A SEP 384 ? ? H A MET 388 ? ? 1.54 
4 1 OG  A SEP 384 ? ? H A GLY 387 ? ? 1.60 
# 
loop_
_pdbx_validate_torsion.id 
_pdbx_validate_torsion.PDB_model_num 
_pdbx_validate_torsion.auth_comp_id 
_pdbx_validate_torsion.auth_asym_id 
_pdbx_validate_torsion.auth_seq_id 
_pdbx_validate_torsion.PDB_ins_code 
_pdbx_validate_torsion.label_alt_id 
_pdbx_validate_torsion.phi 
_pdbx_validate_torsion.psi 
1 1 ARG A 378 ? ? -143.23 -3.04 
2 1 ASP A 454 ? ? -62.04  79.20 
# 
_pdbx_struct_mod_residue.id               1 
_pdbx_struct_mod_residue.label_asym_id    A 
_pdbx_struct_mod_residue.label_comp_id    SEP 
_pdbx_struct_mod_residue.label_seq_id     10 
_pdbx_struct_mod_residue.auth_asym_id     A 
_pdbx_struct_mod_residue.auth_comp_id     SEP 
_pdbx_struct_mod_residue.auth_seq_id      384 
_pdbx_struct_mod_residue.PDB_ins_code     ? 
_pdbx_struct_mod_residue.parent_comp_id   SER 
_pdbx_struct_mod_residue.details          PHOSPHOSERINE 
# 
_pdbx_nmr_ensemble.entry_id                                      1VRV 
_pdbx_nmr_ensemble.conformers_calculated_total_number            150 
_pdbx_nmr_ensemble.conformers_submitted_total_number             1 
_pdbx_nmr_ensemble.conformer_selection_criteria                  'REGULARIZED MEAN STRUCTURE' 
_pdbx_nmr_ensemble.average_constraints_per_residue               ? 
_pdbx_nmr_ensemble.average_constraint_violations_per_residue     ? 
_pdbx_nmr_ensemble.maximum_distance_constraint_violation         ? 
_pdbx_nmr_ensemble.average_distance_constraint_violation         ? 
_pdbx_nmr_ensemble.maximum_upper_distance_constraint_violation   ? 
_pdbx_nmr_ensemble.maximum_lower_distance_constraint_violation   ? 
_pdbx_nmr_ensemble.distance_constraint_violation_method          ? 
_pdbx_nmr_ensemble.maximum_torsion_angle_constraint_violation    ? 
_pdbx_nmr_ensemble.average_torsion_angle_constraint_violation    ? 
_pdbx_nmr_ensemble.torsion_angle_constraint_violation_method     ? 
# 
_pdbx_nmr_exptl_sample_conditions.conditions_id       1 
_pdbx_nmr_exptl_sample_conditions.temperature         303.00 
_pdbx_nmr_exptl_sample_conditions.pressure_units      ? 
_pdbx_nmr_exptl_sample_conditions.pressure            ? 
_pdbx_nmr_exptl_sample_conditions.pH                  7.4 
_pdbx_nmr_exptl_sample_conditions.ionic_strength      '0 EXCEPT FOR RDC MEASUREMENTS IN PHAGE PF1 WHERE IT WAS 0.5M' 
_pdbx_nmr_exptl_sample_conditions.temperature_units   K 
# 
loop_
_pdbx_nmr_exptl.experiment_id 
_pdbx_nmr_exptl.conditions_id 
_pdbx_nmr_exptl.type 
_pdbx_nmr_exptl.solution_id 
1 1 '(1) TRIPLE RESONANCE FOR ASSIGNMENT OF PROTEIN'               1 
2 1 '(2) QUANTITATIVE J CORRELATION FOR COUPLING CONSTANTS'        1 
3 1 '(3) 3D HETERONUCLEAR SEPARATED NOE EXPTS'                     1 
4 1 '(4) IPAP AND COUPLED HSQC EXPERIMENTS FOR DIPOLAR COUPLINGS.' 1 
# 
_pdbx_nmr_refine.entry_id           1VRV 
_pdbx_nmr_refine.method             'torsion angle dynamics' 
_pdbx_nmr_refine.details            
;THE TARGET FUNCTION COMPRISES TERMS FOR THE NOE-DERIVED INTERPROTON DISTANCE RESTRAINTS, TORSION ANGLE RESTRAINTS, AND RESIDUAL DIPOLAR COUPLINGS (N-H, N-C' AND HN-C') IN THREE ALIGNMENT MEDIA; A QUARTIC VAN DE WAALS REPULSION TERM, AND A TORSION ANGLE DATABASE POTENTIAL OF MEAN FORCE.



IN THIS ENTRY THE LAST COLUMN FOR
FOR THE ACTIVE SITE LOOP (RESIDUES 383-393)
REPRESENTS THE AVERAGE RMS
DIFFERENCE BETWEEN THE INDIVIDUAL 150 SIMULATED ANNEALING
STRUCTURES AND THE MEAN COORDINATE POSITIONS.
NOTE ONLY THE COORDINATES OF THE ACTIVE SITE LOOP
(RESIDUES 383-393) HAVE BEEN REFINED; THE REMAINDER
OF THE PROTEIN COORDINATES ARE HELD FIXED AT THEIR
POSITIONS IN UNPHOSPHORYLATED IIBMTL (PDB ACCESSION 
CODE 1VKR). THE LAST COLUMN FOR RESIDUES OUTSIDE THE 
ACTIVE SITE REPRESENTS THE AVERAGE RMS DIFFERENCE 
BETWEEN THE INDIVIDUAL 100 SIMULATED ANNEALING STRUCTURES 
AND THE MEAN COORDINATE POSITIONS FOR THE STRUCTURE OF 
THE PREVIOUSLY DETERMINED UNPHOSPHORYLATED STATE (PDB 
ACCESSION CODE 1VKR).

EXPERIMENTAL RESTRAINTS INVOLVING THE PHOSPHORYLATED 
ACTIVE SITE RESIDUES 383-394:
 83 NOE-DERIVED INTERPROTON DISTANCE RESTRAINTS (8 
    INTRARESIDUE, 17 SEQUENTIAL, 20 MEDIUM RANGE AND 38 
    LONG-RANGE INTERRESIDUE)    
 21 TORSION ANGLES (10 PHI, 9 PSI AND TWO CHI1)
 11 N-H, 11 N-C' and 11 HN-C' RDCS IN PHAGE PF1
 11 N-H, 6 N-C' AND 6 HN-C' RDCS IN  NEUTRAL ANISOTROPIC 
    GEL
 10 N-H RDCS IN A POSITIVELY CHARGED ANISOTROPIC GEL
 12 RESTRAINTS FOR 6 BACKBONE H-BONDS INVOLVING ONE 
    ACTIVE SITE RESIDUE
  2 RESTRAINTS FOR A PHOSPHORYL-NH(SER391) H-BOND 
    DEMONSTRATED BY OBSERVATION OF A 3JNP COUPLING.
THE TOTAL NUMBER OF RDCS MEASURED FOR THE WHOLE PROTEIN 
 WAS: 192 IN PHAGE PF1, 139 IN NEUTRAL GEL, AND 55 IN 
 POSITIVE GEL. EXCLUDING A FEW OUTLIERS INVOLVING ONLY 
 RESIDUES 386-391 WITHIN THE ACTIVE SITE, THE REMAINING 
 RDCS FIT THE STRUCTURE OF THE UNPHOSPHORYLATED STATE 
 (COORDINATES 1VKR) EXTREMELY WELL INDICATING THAT THE 
 ONLY BACKBONE CONFORMATIONAL CHANGES THAT OCCUR UPON 
 PHOSPHORYLATION ARE LOCALIZED SPECIFICALLY TO THE 
 ACTIVE SITE (RESIDUES 383-393).  THEREFORE ONLY THE 
 COORDINATES OF THE ACTIVE SITE WERE REFINED WITH THE 
 COORDINATES OF THE REMAINDER OF THE PROTEIN 
 FIXED TO THEIR POSITIONS IN 1VKR.
;
_pdbx_nmr_refine.software_ordinal   1 
# 
_pdbx_nmr_software.classification   refinement 
_pdbx_nmr_software.name             'X-PLOR NIH' 
_pdbx_nmr_software.version          '(HTTP://NMR.CIT.NIH.GOV/XPLOR_NIH)' 
_pdbx_nmr_software.authors          'SCHWIETERS, KUSZEWSKI, TJANDRA, CLORE' 
_pdbx_nmr_software.ordinal          1 
# 
loop_
_pdbx_unobs_or_zero_occ_residues.id 
_pdbx_unobs_or_zero_occ_residues.PDB_model_num 
_pdbx_unobs_or_zero_occ_residues.polymer_flag 
_pdbx_unobs_or_zero_occ_residues.occupancy_flag 
_pdbx_unobs_or_zero_occ_residues.auth_asym_id 
_pdbx_unobs_or_zero_occ_residues.auth_comp_id 
_pdbx_unobs_or_zero_occ_residues.auth_seq_id 
_pdbx_unobs_or_zero_occ_residues.PDB_ins_code 
_pdbx_unobs_or_zero_occ_residues.label_asym_id 
_pdbx_unobs_or_zero_occ_residues.label_comp_id 
_pdbx_unobs_or_zero_occ_residues.label_seq_id 
1 1 Y 1 A THR 472 ? A THR 98  
2 1 Y 1 A GLU 473 ? A GLU 99  
3 1 Y 1 A ASN 474 ? A ASN 100 
4 1 Y 1 A GLU 475 ? A GLU 101 
# 
loop_
_chem_comp_atom.comp_id 
_chem_comp_atom.atom_id 
_chem_comp_atom.type_symbol 
_chem_comp_atom.pdbx_aromatic_flag 
_chem_comp_atom.pdbx_stereo_config 
_chem_comp_atom.pdbx_ordinal 
ALA N    N N N 1   
ALA CA   C N S 2   
ALA C    C N N 3   
ALA O    O N N 4   
ALA CB   C N N 5   
ALA OXT  O N N 6   
ALA H    H N N 7   
ALA H2   H N N 8   
ALA HA   H N N 9   
ALA HB1  H N N 10  
ALA HB2  H N N 11  
ALA HB3  H N N 12  
ALA HXT  H N N 13  
ARG N    N N N 14  
ARG CA   C N S 15  
ARG C    C N N 16  
ARG O    O N N 17  
ARG CB   C N N 18  
ARG CG   C N N 19  
ARG CD   C N N 20  
ARG NE   N N N 21  
ARG CZ   C N N 22  
ARG NH1  N N N 23  
ARG NH2  N N N 24  
ARG OXT  O N N 25  
ARG H    H N N 26  
ARG H2   H N N 27  
ARG HA   H N N 28  
ARG HB2  H N N 29  
ARG HB3  H N N 30  
ARG HG2  H N N 31  
ARG HG3  H N N 32  
ARG HD2  H N N 33  
ARG HD3  H N N 34  
ARG HE   H N N 35  
ARG HH11 H N N 36  
ARG HH12 H N N 37  
ARG HH21 H N N 38  
ARG HH22 H N N 39  
ARG HXT  H N N 40  
ASN N    N N N 41  
ASN CA   C N S 42  
ASN C    C N N 43  
ASN O    O N N 44  
ASN CB   C N N 45  
ASN CG   C N N 46  
ASN OD1  O N N 47  
ASN ND2  N N N 48  
ASN OXT  O N N 49  
ASN H    H N N 50  
ASN H2   H N N 51  
ASN HA   H N N 52  
ASN HB2  H N N 53  
ASN HB3  H N N 54  
ASN HD21 H N N 55  
ASN HD22 H N N 56  
ASN HXT  H N N 57  
ASP N    N N N 58  
ASP CA   C N S 59  
ASP C    C N N 60  
ASP O    O N N 61  
ASP CB   C N N 62  
ASP CG   C N N 63  
ASP OD1  O N N 64  
ASP OD2  O N N 65  
ASP OXT  O N N 66  
ASP H    H N N 67  
ASP H2   H N N 68  
ASP HA   H N N 69  
ASP HB2  H N N 70  
ASP HB3  H N N 71  
ASP HD2  H N N 72  
ASP HXT  H N N 73  
CYS N    N N N 74  
CYS CA   C N R 75  
CYS C    C N N 76  
CYS O    O N N 77  
CYS CB   C N N 78  
CYS SG   S N N 79  
CYS OXT  O N N 80  
CYS H    H N N 81  
CYS H2   H N N 82  
CYS HA   H N N 83  
CYS HB2  H N N 84  
CYS HB3  H N N 85  
CYS HG   H N N 86  
CYS HXT  H N N 87  
GLN N    N N N 88  
GLN CA   C N S 89  
GLN C    C N N 90  
GLN O    O N N 91  
GLN CB   C N N 92  
GLN CG   C N N 93  
GLN CD   C N N 94  
GLN OE1  O N N 95  
GLN NE2  N N N 96  
GLN OXT  O N N 97  
GLN H    H N N 98  
GLN H2   H N N 99  
GLN HA   H N N 100 
GLN HB2  H N N 101 
GLN HB3  H N N 102 
GLN HG2  H N N 103 
GLN HG3  H N N 104 
GLN HE21 H N N 105 
GLN HE22 H N N 106 
GLN HXT  H N N 107 
GLU N    N N N 108 
GLU CA   C N S 109 
GLU C    C N N 110 
GLU O    O N N 111 
GLU CB   C N N 112 
GLU CG   C N N 113 
GLU CD   C N N 114 
GLU OE1  O N N 115 
GLU OE2  O N N 116 
GLU OXT  O N N 117 
GLU H    H N N 118 
GLU H2   H N N 119 
GLU HA   H N N 120 
GLU HB2  H N N 121 
GLU HB3  H N N 122 
GLU HG2  H N N 123 
GLU HG3  H N N 124 
GLU HE2  H N N 125 
GLU HXT  H N N 126 
GLY N    N N N 127 
GLY CA   C N N 128 
GLY C    C N N 129 
GLY O    O N N 130 
GLY OXT  O N N 131 
GLY H    H N N 132 
GLY H2   H N N 133 
GLY HA2  H N N 134 
GLY HA3  H N N 135 
GLY HXT  H N N 136 
HIS N    N N N 137 
HIS CA   C N S 138 
HIS C    C N N 139 
HIS O    O N N 140 
HIS CB   C N N 141 
HIS CG   C Y N 142 
HIS ND1  N Y N 143 
HIS CD2  C Y N 144 
HIS CE1  C Y N 145 
HIS NE2  N Y N 146 
HIS OXT  O N N 147 
HIS H    H N N 148 
HIS H2   H N N 149 
HIS HA   H N N 150 
HIS HB2  H N N 151 
HIS HB3  H N N 152 
HIS HD1  H N N 153 
HIS HD2  H N N 154 
HIS HE1  H N N 155 
HIS HE2  H N N 156 
HIS HXT  H N N 157 
ILE N    N N N 158 
ILE CA   C N S 159 
ILE C    C N N 160 
ILE O    O N N 161 
ILE CB   C N S 162 
ILE CG1  C N N 163 
ILE CG2  C N N 164 
ILE CD1  C N N 165 
ILE OXT  O N N 166 
ILE H    H N N 167 
ILE H2   H N N 168 
ILE HA   H N N 169 
ILE HB   H N N 170 
ILE HG12 H N N 171 
ILE HG13 H N N 172 
ILE HG21 H N N 173 
ILE HG22 H N N 174 
ILE HG23 H N N 175 
ILE HD11 H N N 176 
ILE HD12 H N N 177 
ILE HD13 H N N 178 
ILE HXT  H N N 179 
LEU N    N N N 180 
LEU CA   C N S 181 
LEU C    C N N 182 
LEU O    O N N 183 
LEU CB   C N N 184 
LEU CG   C N N 185 
LEU CD1  C N N 186 
LEU CD2  C N N 187 
LEU OXT  O N N 188 
LEU H    H N N 189 
LEU H2   H N N 190 
LEU HA   H N N 191 
LEU HB2  H N N 192 
LEU HB3  H N N 193 
LEU HG   H N N 194 
LEU HD11 H N N 195 
LEU HD12 H N N 196 
LEU HD13 H N N 197 
LEU HD21 H N N 198 
LEU HD22 H N N 199 
LEU HD23 H N N 200 
LEU HXT  H N N 201 
LYS N    N N N 202 
LYS CA   C N S 203 
LYS C    C N N 204 
LYS O    O N N 205 
LYS CB   C N N 206 
LYS CG   C N N 207 
LYS CD   C N N 208 
LYS CE   C N N 209 
LYS NZ   N N N 210 
LYS OXT  O N N 211 
LYS H    H N N 212 
LYS H2   H N N 213 
LYS HA   H N N 214 
LYS HB2  H N N 215 
LYS HB3  H N N 216 
LYS HG2  H N N 217 
LYS HG3  H N N 218 
LYS HD2  H N N 219 
LYS HD3  H N N 220 
LYS HE2  H N N 221 
LYS HE3  H N N 222 
LYS HZ1  H N N 223 
LYS HZ2  H N N 224 
LYS HZ3  H N N 225 
LYS HXT  H N N 226 
MET N    N N N 227 
MET CA   C N S 228 
MET C    C N N 229 
MET O    O N N 230 
MET CB   C N N 231 
MET CG   C N N 232 
MET SD   S N N 233 
MET CE   C N N 234 
MET OXT  O N N 235 
MET H    H N N 236 
MET H2   H N N 237 
MET HA   H N N 238 
MET HB2  H N N 239 
MET HB3  H N N 240 
MET HG2  H N N 241 
MET HG3  H N N 242 
MET HE1  H N N 243 
MET HE2  H N N 244 
MET HE3  H N N 245 
MET HXT  H N N 246 
PHE N    N N N 247 
PHE CA   C N S 248 
PHE C    C N N 249 
PHE O    O N N 250 
PHE CB   C N N 251 
PHE CG   C Y N 252 
PHE CD1  C Y N 253 
PHE CD2  C Y N 254 
PHE CE1  C Y N 255 
PHE CE2  C Y N 256 
PHE CZ   C Y N 257 
PHE OXT  O N N 258 
PHE H    H N N 259 
PHE H2   H N N 260 
PHE HA   H N N 261 
PHE HB2  H N N 262 
PHE HB3  H N N 263 
PHE HD1  H N N 264 
PHE HD2  H N N 265 
PHE HE1  H N N 266 
PHE HE2  H N N 267 
PHE HZ   H N N 268 
PHE HXT  H N N 269 
PRO N    N N N 270 
PRO CA   C N S 271 
PRO C    C N N 272 
PRO O    O N N 273 
PRO CB   C N N 274 
PRO CG   C N N 275 
PRO CD   C N N 276 
PRO OXT  O N N 277 
PRO H    H N N 278 
PRO HA   H N N 279 
PRO HB2  H N N 280 
PRO HB3  H N N 281 
PRO HG2  H N N 282 
PRO HG3  H N N 283 
PRO HD2  H N N 284 
PRO HD3  H N N 285 
PRO HXT  H N N 286 
SEP N    N N N 287 
SEP CA   C N S 288 
SEP CB   C N N 289 
SEP OG   O N N 290 
SEP C    C N N 291 
SEP O    O N N 292 
SEP OXT  O N N 293 
SEP P    P N N 294 
SEP O1P  O N N 295 
SEP O2P  O N N 296 
SEP O3P  O N N 297 
SEP H    H N N 298 
SEP H2   H N N 299 
SEP HA   H N N 300 
SEP HB2  H N N 301 
SEP HB3  H N N 302 
SEP HXT  H N N 303 
SEP HOP2 H N N 304 
SEP HOP3 H N N 305 
SER N    N N N 306 
SER CA   C N S 307 
SER C    C N N 308 
SER O    O N N 309 
SER CB   C N N 310 
SER OG   O N N 311 
SER OXT  O N N 312 
SER H    H N N 313 
SER H2   H N N 314 
SER HA   H N N 315 
SER HB2  H N N 316 
SER HB3  H N N 317 
SER HG   H N N 318 
SER HXT  H N N 319 
THR N    N N N 320 
THR CA   C N S 321 
THR C    C N N 322 
THR O    O N N 323 
THR CB   C N R 324 
THR OG1  O N N 325 
THR CG2  C N N 326 
THR OXT  O N N 327 
THR H    H N N 328 
THR H2   H N N 329 
THR HA   H N N 330 
THR HB   H N N 331 
THR HG1  H N N 332 
THR HG21 H N N 333 
THR HG22 H N N 334 
THR HG23 H N N 335 
THR HXT  H N N 336 
TYR N    N N N 337 
TYR CA   C N S 338 
TYR C    C N N 339 
TYR O    O N N 340 
TYR CB   C N N 341 
TYR CG   C Y N 342 
TYR CD1  C Y N 343 
TYR CD2  C Y N 344 
TYR CE1  C Y N 345 
TYR CE2  C Y N 346 
TYR CZ   C Y N 347 
TYR OH   O N N 348 
TYR OXT  O N N 349 
TYR H    H N N 350 
TYR H2   H N N 351 
TYR HA   H N N 352 
TYR HB2  H N N 353 
TYR HB3  H N N 354 
TYR HD1  H N N 355 
TYR HD2  H N N 356 
TYR HE1  H N N 357 
TYR HE2  H N N 358 
TYR HH   H N N 359 
TYR HXT  H N N 360 
VAL N    N N N 361 
VAL CA   C N S 362 
VAL C    C N N 363 
VAL O    O N N 364 
VAL CB   C N N 365 
VAL CG1  C N N 366 
VAL CG2  C N N 367 
VAL OXT  O N N 368 
VAL H    H N N 369 
VAL H2   H N N 370 
VAL HA   H N N 371 
VAL HB   H N N 372 
VAL HG11 H N N 373 
VAL HG12 H N N 374 
VAL HG13 H N N 375 
VAL HG21 H N N 376 
VAL HG22 H N N 377 
VAL HG23 H N N 378 
VAL HXT  H N N 379 
# 
loop_
_chem_comp_bond.comp_id 
_chem_comp_bond.atom_id_1 
_chem_comp_bond.atom_id_2 
_chem_comp_bond.value_order 
_chem_comp_bond.pdbx_aromatic_flag 
_chem_comp_bond.pdbx_stereo_config 
_chem_comp_bond.pdbx_ordinal 
ALA N   CA   sing N N 1   
ALA N   H    sing N N 2   
ALA N   H2   sing N N 3   
ALA CA  C    sing N N 4   
ALA CA  CB   sing N N 5   
ALA CA  HA   sing N N 6   
ALA C   O    doub N N 7   
ALA C   OXT  sing N N 8   
ALA CB  HB1  sing N N 9   
ALA CB  HB2  sing N N 10  
ALA CB  HB3  sing N N 11  
ALA OXT HXT  sing N N 12  
ARG N   CA   sing N N 13  
ARG N   H    sing N N 14  
ARG N   H2   sing N N 15  
ARG CA  C    sing N N 16  
ARG CA  CB   sing N N 17  
ARG CA  HA   sing N N 18  
ARG C   O    doub N N 19  
ARG C   OXT  sing N N 20  
ARG CB  CG   sing N N 21  
ARG CB  HB2  sing N N 22  
ARG CB  HB3  sing N N 23  
ARG CG  CD   sing N N 24  
ARG CG  HG2  sing N N 25  
ARG CG  HG3  sing N N 26  
ARG CD  NE   sing N N 27  
ARG CD  HD2  sing N N 28  
ARG CD  HD3  sing N N 29  
ARG NE  CZ   sing N N 30  
ARG NE  HE   sing N N 31  
ARG CZ  NH1  sing N N 32  
ARG CZ  NH2  doub N N 33  
ARG NH1 HH11 sing N N 34  
ARG NH1 HH12 sing N N 35  
ARG NH2 HH21 sing N N 36  
ARG NH2 HH22 sing N N 37  
ARG OXT HXT  sing N N 38  
ASN N   CA   sing N N 39  
ASN N   H    sing N N 40  
ASN N   H2   sing N N 41  
ASN CA  C    sing N N 42  
ASN CA  CB   sing N N 43  
ASN CA  HA   sing N N 44  
ASN C   O    doub N N 45  
ASN C   OXT  sing N N 46  
ASN CB  CG   sing N N 47  
ASN CB  HB2  sing N N 48  
ASN CB  HB3  sing N N 49  
ASN CG  OD1  doub N N 50  
ASN CG  ND2  sing N N 51  
ASN ND2 HD21 sing N N 52  
ASN ND2 HD22 sing N N 53  
ASN OXT HXT  sing N N 54  
ASP N   CA   sing N N 55  
ASP N   H    sing N N 56  
ASP N   H2   sing N N 57  
ASP CA  C    sing N N 58  
ASP CA  CB   sing N N 59  
ASP CA  HA   sing N N 60  
ASP C   O    doub N N 61  
ASP C   OXT  sing N N 62  
ASP CB  CG   sing N N 63  
ASP CB  HB2  sing N N 64  
ASP CB  HB3  sing N N 65  
ASP CG  OD1  doub N N 66  
ASP CG  OD2  sing N N 67  
ASP OD2 HD2  sing N N 68  
ASP OXT HXT  sing N N 69  
CYS N   CA   sing N N 70  
CYS N   H    sing N N 71  
CYS N   H2   sing N N 72  
CYS CA  C    sing N N 73  
CYS CA  CB   sing N N 74  
CYS CA  HA   sing N N 75  
CYS C   O    doub N N 76  
CYS C   OXT  sing N N 77  
CYS CB  SG   sing N N 78  
CYS CB  HB2  sing N N 79  
CYS CB  HB3  sing N N 80  
CYS SG  HG   sing N N 81  
CYS OXT HXT  sing N N 82  
GLN N   CA   sing N N 83  
GLN N   H    sing N N 84  
GLN N   H2   sing N N 85  
GLN CA  C    sing N N 86  
GLN CA  CB   sing N N 87  
GLN CA  HA   sing N N 88  
GLN C   O    doub N N 89  
GLN C   OXT  sing N N 90  
GLN CB  CG   sing N N 91  
GLN CB  HB2  sing N N 92  
GLN CB  HB3  sing N N 93  
GLN CG  CD   sing N N 94  
GLN CG  HG2  sing N N 95  
GLN CG  HG3  sing N N 96  
GLN CD  OE1  doub N N 97  
GLN CD  NE2  sing N N 98  
GLN NE2 HE21 sing N N 99  
GLN NE2 HE22 sing N N 100 
GLN OXT HXT  sing N N 101 
GLU N   CA   sing N N 102 
GLU N   H    sing N N 103 
GLU N   H2   sing N N 104 
GLU CA  C    sing N N 105 
GLU CA  CB   sing N N 106 
GLU CA  HA   sing N N 107 
GLU C   O    doub N N 108 
GLU C   OXT  sing N N 109 
GLU CB  CG   sing N N 110 
GLU CB  HB2  sing N N 111 
GLU CB  HB3  sing N N 112 
GLU CG  CD   sing N N 113 
GLU CG  HG2  sing N N 114 
GLU CG  HG3  sing N N 115 
GLU CD  OE1  doub N N 116 
GLU CD  OE2  sing N N 117 
GLU OE2 HE2  sing N N 118 
GLU OXT HXT  sing N N 119 
GLY N   CA   sing N N 120 
GLY N   H    sing N N 121 
GLY N   H2   sing N N 122 
GLY CA  C    sing N N 123 
GLY CA  HA2  sing N N 124 
GLY CA  HA3  sing N N 125 
GLY C   O    doub N N 126 
GLY C   OXT  sing N N 127 
GLY OXT HXT  sing N N 128 
HIS N   CA   sing N N 129 
HIS N   H    sing N N 130 
HIS N   H2   sing N N 131 
HIS CA  C    sing N N 132 
HIS CA  CB   sing N N 133 
HIS CA  HA   sing N N 134 
HIS C   O    doub N N 135 
HIS C   OXT  sing N N 136 
HIS CB  CG   sing N N 137 
HIS CB  HB2  sing N N 138 
HIS CB  HB3  sing N N 139 
HIS CG  ND1  sing Y N 140 
HIS CG  CD2  doub Y N 141 
HIS ND1 CE1  doub Y N 142 
HIS ND1 HD1  sing N N 143 
HIS CD2 NE2  sing Y N 144 
HIS CD2 HD2  sing N N 145 
HIS CE1 NE2  sing Y N 146 
HIS CE1 HE1  sing N N 147 
HIS NE2 HE2  sing N N 148 
HIS OXT HXT  sing N N 149 
ILE N   CA   sing N N 150 
ILE N   H    sing N N 151 
ILE N   H2   sing N N 152 
ILE CA  C    sing N N 153 
ILE CA  CB   sing N N 154 
ILE CA  HA   sing N N 155 
ILE C   O    doub N N 156 
ILE C   OXT  sing N N 157 
ILE CB  CG1  sing N N 158 
ILE CB  CG2  sing N N 159 
ILE CB  HB   sing N N 160 
ILE CG1 CD1  sing N N 161 
ILE CG1 HG12 sing N N 162 
ILE CG1 HG13 sing N N 163 
ILE CG2 HG21 sing N N 164 
ILE CG2 HG22 sing N N 165 
ILE CG2 HG23 sing N N 166 
ILE CD1 HD11 sing N N 167 
ILE CD1 HD12 sing N N 168 
ILE CD1 HD13 sing N N 169 
ILE OXT HXT  sing N N 170 
LEU N   CA   sing N N 171 
LEU N   H    sing N N 172 
LEU N   H2   sing N N 173 
LEU CA  C    sing N N 174 
LEU CA  CB   sing N N 175 
LEU CA  HA   sing N N 176 
LEU C   O    doub N N 177 
LEU C   OXT  sing N N 178 
LEU CB  CG   sing N N 179 
LEU CB  HB2  sing N N 180 
LEU CB  HB3  sing N N 181 
LEU CG  CD1  sing N N 182 
LEU CG  CD2  sing N N 183 
LEU CG  HG   sing N N 184 
LEU CD1 HD11 sing N N 185 
LEU CD1 HD12 sing N N 186 
LEU CD1 HD13 sing N N 187 
LEU CD2 HD21 sing N N 188 
LEU CD2 HD22 sing N N 189 
LEU CD2 HD23 sing N N 190 
LEU OXT HXT  sing N N 191 
LYS N   CA   sing N N 192 
LYS N   H    sing N N 193 
LYS N   H2   sing N N 194 
LYS CA  C    sing N N 195 
LYS CA  CB   sing N N 196 
LYS CA  HA   sing N N 197 
LYS C   O    doub N N 198 
LYS C   OXT  sing N N 199 
LYS CB  CG   sing N N 200 
LYS CB  HB2  sing N N 201 
LYS CB  HB3  sing N N 202 
LYS CG  CD   sing N N 203 
LYS CG  HG2  sing N N 204 
LYS CG  HG3  sing N N 205 
LYS CD  CE   sing N N 206 
LYS CD  HD2  sing N N 207 
LYS CD  HD3  sing N N 208 
LYS CE  NZ   sing N N 209 
LYS CE  HE2  sing N N 210 
LYS CE  HE3  sing N N 211 
LYS NZ  HZ1  sing N N 212 
LYS NZ  HZ2  sing N N 213 
LYS NZ  HZ3  sing N N 214 
LYS OXT HXT  sing N N 215 
MET N   CA   sing N N 216 
MET N   H    sing N N 217 
MET N   H2   sing N N 218 
MET CA  C    sing N N 219 
MET CA  CB   sing N N 220 
MET CA  HA   sing N N 221 
MET C   O    doub N N 222 
MET C   OXT  sing N N 223 
MET CB  CG   sing N N 224 
MET CB  HB2  sing N N 225 
MET CB  HB3  sing N N 226 
MET CG  SD   sing N N 227 
MET CG  HG2  sing N N 228 
MET CG  HG3  sing N N 229 
MET SD  CE   sing N N 230 
MET CE  HE1  sing N N 231 
MET CE  HE2  sing N N 232 
MET CE  HE3  sing N N 233 
MET OXT HXT  sing N N 234 
PHE N   CA   sing N N 235 
PHE N   H    sing N N 236 
PHE N   H2   sing N N 237 
PHE CA  C    sing N N 238 
PHE CA  CB   sing N N 239 
PHE CA  HA   sing N N 240 
PHE C   O    doub N N 241 
PHE C   OXT  sing N N 242 
PHE CB  CG   sing N N 243 
PHE CB  HB2  sing N N 244 
PHE CB  HB3  sing N N 245 
PHE CG  CD1  doub Y N 246 
PHE CG  CD2  sing Y N 247 
PHE CD1 CE1  sing Y N 248 
PHE CD1 HD1  sing N N 249 
PHE CD2 CE2  doub Y N 250 
PHE CD2 HD2  sing N N 251 
PHE CE1 CZ   doub Y N 252 
PHE CE1 HE1  sing N N 253 
PHE CE2 CZ   sing Y N 254 
PHE CE2 HE2  sing N N 255 
PHE CZ  HZ   sing N N 256 
PHE OXT HXT  sing N N 257 
PRO N   CA   sing N N 258 
PRO N   CD   sing N N 259 
PRO N   H    sing N N 260 
PRO CA  C    sing N N 261 
PRO CA  CB   sing N N 262 
PRO CA  HA   sing N N 263 
PRO C   O    doub N N 264 
PRO C   OXT  sing N N 265 
PRO CB  CG   sing N N 266 
PRO CB  HB2  sing N N 267 
PRO CB  HB3  sing N N 268 
PRO CG  CD   sing N N 269 
PRO CG  HG2  sing N N 270 
PRO CG  HG3  sing N N 271 
PRO CD  HD2  sing N N 272 
PRO CD  HD3  sing N N 273 
PRO OXT HXT  sing N N 274 
SEP N   CA   sing N N 275 
SEP N   H    sing N N 276 
SEP N   H2   sing N N 277 
SEP CA  CB   sing N N 278 
SEP CA  C    sing N N 279 
SEP CA  HA   sing N N 280 
SEP CB  OG   sing N N 281 
SEP CB  HB2  sing N N 282 
SEP CB  HB3  sing N N 283 
SEP OG  P    sing N N 284 
SEP C   O    doub N N 285 
SEP C   OXT  sing N N 286 
SEP OXT HXT  sing N N 287 
SEP P   O1P  doub N N 288 
SEP P   O2P  sing N N 289 
SEP P   O3P  sing N N 290 
SEP O2P HOP2 sing N N 291 
SEP O3P HOP3 sing N N 292 
SER N   CA   sing N N 293 
SER N   H    sing N N 294 
SER N   H2   sing N N 295 
SER CA  C    sing N N 296 
SER CA  CB   sing N N 297 
SER CA  HA   sing N N 298 
SER C   O    doub N N 299 
SER C   OXT  sing N N 300 
SER CB  OG   sing N N 301 
SER CB  HB2  sing N N 302 
SER CB  HB3  sing N N 303 
SER OG  HG   sing N N 304 
SER OXT HXT  sing N N 305 
THR N   CA   sing N N 306 
THR N   H    sing N N 307 
THR N   H2   sing N N 308 
THR CA  C    sing N N 309 
THR CA  CB   sing N N 310 
THR CA  HA   sing N N 311 
THR C   O    doub N N 312 
THR C   OXT  sing N N 313 
THR CB  OG1  sing N N 314 
THR CB  CG2  sing N N 315 
THR CB  HB   sing N N 316 
THR OG1 HG1  sing N N 317 
THR CG2 HG21 sing N N 318 
THR CG2 HG22 sing N N 319 
THR CG2 HG23 sing N N 320 
THR OXT HXT  sing N N 321 
TYR N   CA   sing N N 322 
TYR N   H    sing N N 323 
TYR N   H2   sing N N 324 
TYR CA  C    sing N N 325 
TYR CA  CB   sing N N 326 
TYR CA  HA   sing N N 327 
TYR C   O    doub N N 328 
TYR C   OXT  sing N N 329 
TYR CB  CG   sing N N 330 
TYR CB  HB2  sing N N 331 
TYR CB  HB3  sing N N 332 
TYR CG  CD1  doub Y N 333 
TYR CG  CD2  sing Y N 334 
TYR CD1 CE1  sing Y N 335 
TYR CD1 HD1  sing N N 336 
TYR CD2 CE2  doub Y N 337 
TYR CD2 HD2  sing N N 338 
TYR CE1 CZ   doub Y N 339 
TYR CE1 HE1  sing N N 340 
TYR CE2 CZ   sing Y N 341 
TYR CE2 HE2  sing N N 342 
TYR CZ  OH   sing N N 343 
TYR OH  HH   sing N N 344 
TYR OXT HXT  sing N N 345 
VAL N   CA   sing N N 346 
VAL N   H    sing N N 347 
VAL N   H2   sing N N 348 
VAL CA  C    sing N N 349 
VAL CA  CB   sing N N 350 
VAL CA  HA   sing N N 351 
VAL C   O    doub N N 352 
VAL C   OXT  sing N N 353 
VAL CB  CG1  sing N N 354 
VAL CB  CG2  sing N N 355 
VAL CB  HB   sing N N 356 
VAL CG1 HG11 sing N N 357 
VAL CG1 HG12 sing N N 358 
VAL CG1 HG13 sing N N 359 
VAL CG2 HG21 sing N N 360 
VAL CG2 HG22 sing N N 361 
VAL CG2 HG23 sing N N 362 
VAL OXT HXT  sing N N 363 
# 
loop_
_pdbx_nmr_spectrometer.spectrometer_id 
_pdbx_nmr_spectrometer.model 
_pdbx_nmr_spectrometer.manufacturer 
_pdbx_nmr_spectrometer.field_strength 
_pdbx_nmr_spectrometer.type 
1 DMX600 Bruker 600 ? 
2 DRX600 Bruker 600 ? 
3 DMX650 Bruker 750 ? 
# 
_atom_sites.entry_id                    1VRV 
_atom_sites.fract_transf_matrix[1][1]   1.000000 
_atom_sites.fract_transf_matrix[1][2]   0.000000 
_atom_sites.fract_transf_matrix[1][3]   0.000000 
_atom_sites.fract_transf_matrix[2][1]   0.000000 
_atom_sites.fract_transf_matrix[2][2]   1.000000 
_atom_sites.fract_transf_matrix[2][3]   0.000000 
_atom_sites.fract_transf_matrix[3][1]   0.000000 
_atom_sites.fract_transf_matrix[3][2]   0.000000 
_atom_sites.fract_transf_matrix[3][3]   1.000000 
_atom_sites.fract_transf_vector[1]      0.00000 
_atom_sites.fract_transf_vector[2]      0.00000 
_atom_sites.fract_transf_vector[3]      0.00000 
# 
loop_
_atom_type.symbol 
C 
H 
N 
O 
P 
S 
# 
loop_
_atom_site.group_PDB 
_atom_site.id 
_atom_site.type_symbol 
_atom_site.label_atom_id 
_atom_site.label_alt_id 
_atom_site.label_comp_id 
_atom_site.label_asym_id 
_atom_site.label_entity_id 
_atom_site.label_seq_id 
_atom_site.pdbx_PDB_ins_code 
_atom_site.Cartn_x 
_atom_site.Cartn_y 
_atom_site.Cartn_z 
_atom_site.occupancy 
_atom_site.B_iso_or_equiv 
_atom_site.pdbx_formal_charge 
_atom_site.auth_seq_id 
_atom_site.auth_comp_id 
_atom_site.auth_asym_id 
_atom_site.auth_atom_id 
_atom_site.pdbx_PDB_model_num 
ATOM   1    N N    . SER A 1 1  ? 3.527   1.405   -18.515 1.00 1.68 ? 375 SER A N    1 
ATOM   2    C CA   . SER A 1 1  ? 3.248   1.989   -17.207 1.00 1.26 ? 375 SER A CA   1 
ATOM   3    C C    . SER A 1 1  ? 2.024   1.325   -16.573 1.00 0.97 ? 375 SER A C    1 
ATOM   4    O O    . SER A 1 1  ? 0.902   1.816   -16.691 1.00 1.03 ? 375 SER A O    1 
ATOM   5    C CB   . SER A 1 1  ? 3.030   3.499   -17.358 1.00 1.82 ? 375 SER A CB   1 
ATOM   6    O OG   . SER A 1 1  ? 4.199   4.180   -16.922 1.00 2.49 ? 375 SER A OG   1 
ATOM   7    H H1   . SER A 1 1  ? 4.284   1.738   -19.039 1.00 2.17 ? 375 SER A H1   1 
ATOM   8    H HA   . SER A 1 1  ? 4.101   1.824   -16.567 1.00 1.60 ? 375 SER A HA   1 
ATOM   9    H HB2  . SER A 1 1  ? 2.850   3.735   -18.393 1.00 2.24 ? 375 SER A HB2  1 
ATOM   10   H HB3  . SER A 1 1  ? 2.177   3.809   -16.766 1.00 2.30 ? 375 SER A HB3  1 
ATOM   11   H HG   . SER A 1 1  ? 4.824   3.522   -16.609 1.00 2.80 ? 375 SER A HG   1 
ATOM   12   N N    . HIS A 1 2  ? 2.254   0.183   -15.931 1.00 0.77 ? 376 HIS A N    1 
ATOM   13   C CA   . HIS A 1 2  ? 1.176   -0.587  -15.308 1.00 0.59 ? 376 HIS A CA   1 
ATOM   14   C C    . HIS A 1 2  ? 1.282   -0.584  -13.780 1.00 0.48 ? 376 HIS A C    1 
ATOM   15   O O    . HIS A 1 2  ? 2.324   -0.940  -13.235 1.00 0.42 ? 376 HIS A O    1 
ATOM   16   C CB   . HIS A 1 2  ? 1.269   -2.045  -15.800 1.00 0.62 ? 376 HIS A CB   1 
ATOM   17   C CG   . HIS A 1 2  ? 0.085   -2.412  -16.648 1.00 1.37 ? 376 HIS A CG   1 
ATOM   18   N ND1  . HIS A 1 2  ? -1.117  -2.810  -16.090 1.00 2.33 ? 376 HIS A ND1  1 
ATOM   19   C CD2  . HIS A 1 2  ? -0.085  -2.488  -18.005 1.00 2.32 ? 376 HIS A CD2  1 
ATOM   20   C CE1  . HIS A 1 2  ? -1.952  -3.110  -17.099 1.00 3.24 ? 376 HIS A CE1  1 
ATOM   21   N NE2  . HIS A 1 2  ? -1.374  -2.931  -18.289 1.00 3.25 ? 376 HIS A NE2  1 
ATOM   22   H H    . HIS A 1 2  ? 3.169   -0.167  -15.897 1.00 0.85 ? 376 HIS A H    1 
ATOM   23   H HA   . HIS A 1 2  ? 0.224   -0.170  -15.599 1.00 0.68 ? 376 HIS A HA   1 
ATOM   24   H HB2  . HIS A 1 2  ? 2.170   -2.165  -16.382 1.00 1.26 ? 376 HIS A HB2  1 
ATOM   25   H HB3  . HIS A 1 2  ? 1.308   -2.713  -14.953 1.00 1.19 ? 376 HIS A HB3  1 
ATOM   26   H HD1  . HIS A 1 2  ? -1.319  -2.866  -15.132 1.00 2.70 ? 376 HIS A HD1  1 
ATOM   27   H HD2  . HIS A 1 2  ? 0.671   -2.247  -18.741 1.00 2.76 ? 376 HIS A HD2  1 
ATOM   28   H HE1  . HIS A 1 2  ? -2.962  -3.460  -16.964 1.00 4.16 ? 376 HIS A HE1  1 
ATOM   29   N N    . VAL A 1 3  ? 0.202   -0.214  -13.088 1.00 0.51 ? 377 VAL A N    1 
ATOM   30   C CA   . VAL A 1 3  ? 0.200   -0.254  -11.629 1.00 0.44 ? 377 VAL A CA   1 
ATOM   31   C C    . VAL A 1 3  ? 0.272   -1.702  -11.148 1.00 0.31 ? 377 VAL A C    1 
ATOM   32   O O    . VAL A 1 3  ? -0.680  -2.464  -11.317 1.00 0.38 ? 377 VAL A O    1 
ATOM   33   C CB   . VAL A 1 3  ? -1.086  0.379   -11.089 1.00 0.59 ? 377 VAL A CB   1 
ATOM   34   C CG1  . VAL A 1 3  ? -1.080  0.320   -9.559  1.00 0.67 ? 377 VAL A CG1  1 
ATOM   35   C CG2  . VAL A 1 3  ? -1.181  1.838   -11.549 1.00 0.77 ? 377 VAL A CG2  1 
ATOM   36   H H    . VAL A 1 3  ? -0.605  0.101   -13.544 1.00 0.60 ? 377 VAL A H    1 
ATOM   37   H HA   . VAL A 1 3  ? 1.049   0.292   -11.252 1.00 0.45 ? 377 VAL A HA   1 
ATOM   38   H HB   . VAL A 1 3  ? -1.937  -0.173  -11.462 1.00 0.59 ? 377 VAL A HB   1 
ATOM   39   H HG11 . VAL A 1 3  ? -0.115  0.636   -9.190  1.00 1.23 ? 377 VAL A HG11 1 
ATOM   40   H HG12 . VAL A 1 3  ? -1.274  -0.692  -9.236  1.00 1.23 ? 377 VAL A HG12 1 
ATOM   41   H HG13 . VAL A 1 3  ? -1.846  0.975   -9.171  1.00 1.22 ? 377 VAL A HG13 1 
ATOM   42   H HG21 . VAL A 1 3  ? -0.701  2.478   -10.823 1.00 1.38 ? 377 VAL A HG21 1 
ATOM   43   H HG22 . VAL A 1 3  ? -2.220  2.116   -11.642 1.00 1.23 ? 377 VAL A HG22 1 
ATOM   44   H HG23 . VAL A 1 3  ? -0.693  1.949   -12.506 1.00 1.29 ? 377 VAL A HG23 1 
ATOM   45   N N    . ARG A 1 4  ? 1.389   -2.073  -10.534 1.00 0.22 ? 378 ARG A N    1 
ATOM   46   C CA   . ARG A 1 4  ? 1.538   -3.438  -10.020 1.00 0.28 ? 378 ARG A CA   1 
ATOM   47   C C    . ARG A 1 4  ? 2.308   -3.449  -8.709  1.00 0.26 ? 378 ARG A C    1 
ATOM   48   O O    . ARG A 1 4  ? 2.559   -4.516  -8.151  1.00 0.30 ? 378 ARG A O    1 
ATOM   49   C CB   . ARG A 1 4  ? 2.278   -4.338  -11.039 1.00 0.41 ? 378 ARG A CB   1 
ATOM   50   C CG   . ARG A 1 4  ? 2.686   -3.514  -12.259 1.00 1.37 ? 378 ARG A CG   1 
ATOM   51   C CD   . ARG A 1 4  ? 3.261   -4.425  -13.351 1.00 1.57 ? 378 ARG A CD   1 
ATOM   52   N NE   . ARG A 1 4  ? 4.719   -4.411  -13.318 1.00 2.18 ? 378 ARG A NE   1 
ATOM   53   C CZ   . ARG A 1 4  ? 5.416   -5.242  -14.084 1.00 2.82 ? 378 ARG A CZ   1 
ATOM   54   N NH1  . ARG A 1 4  ? 4.782   -6.045  -14.898 1.00 3.04 ? 378 ARG A NH1  1 
ATOM   55   N NH2  . ARG A 1 4  ? 6.721   -5.244  -14.048 1.00 3.74 ? 378 ARG A NH2  1 
ATOM   56   H H    . ARG A 1 4  ? 2.112   -1.423  -10.416 1.00 0.22 ? 378 ARG A H    1 
ATOM   57   H HA   . ARG A 1 4  ? 0.556   -3.847  -9.845  1.00 0.39 ? 378 ARG A HA   1 
ATOM   58   H HB2  . ARG A 1 4  ? 3.163   -4.766  -10.586 1.00 1.10 ? 378 ARG A HB2  1 
ATOM   59   H HB3  . ARG A 1 4  ? 1.621   -5.135  -11.355 1.00 1.17 ? 378 ARG A HB3  1 
ATOM   60   H HG2  . ARG A 1 4  ? 1.818   -3.009  -12.645 1.00 2.05 ? 378 ARG A HG2  1 
ATOM   61   H HG3  . ARG A 1 4  ? 3.431   -2.788  -11.969 1.00 2.01 ? 378 ARG A HG3  1 
ATOM   62   H HD2  . ARG A 1 4  ? 2.927   -5.433  -13.204 1.00 1.94 ? 378 ARG A HD2  1 
ATOM   63   H HD3  . ARG A 1 4  ? 2.911   -4.086  -14.316 1.00 1.90 ? 378 ARG A HD3  1 
ATOM   64   H HE   . ARG A 1 4  ? 5.186   -3.788  -12.722 1.00 2.64 ? 378 ARG A HE   1 
ATOM   65   H HH11 . ARG A 1 4  ? 3.782   -6.028  -14.937 1.00 2.82 ? 378 ARG A HH11 1 
ATOM   66   H HH12 . ARG A 1 4  ? 5.294   -6.670  -15.486 1.00 3.78 ? 378 ARG A HH12 1 
ATOM   67   H HH21 . ARG A 1 4  ? 7.207   -4.618  -13.439 1.00 4.07 ? 378 ARG A HH21 1 
ATOM   68   H HH22 . ARG A 1 4  ? 7.235   -5.871  -14.636 1.00 4.34 ? 378 ARG A HH22 1 
ATOM   69   N N    . LYS A 1 5  ? 2.769   -2.283  -8.270  1.00 0.26 ? 379 LYS A N    1 
ATOM   70   C CA   . LYS A 1 5  ? 3.614   -2.232  -7.090  1.00 0.25 ? 379 LYS A CA   1 
ATOM   71   C C    . LYS A 1 5  ? 2.926   -1.539  -5.930  1.00 0.22 ? 379 LYS A C    1 
ATOM   72   O O    . LYS A 1 5  ? 2.532   -0.375  -6.012  1.00 0.25 ? 379 LYS A O    1 
ATOM   73   C CB   . LYS A 1 5  ? 4.919   -1.516  -7.451  1.00 0.30 ? 379 LYS A CB   1 
ATOM   74   C CG   . LYS A 1 5  ? 6.080   -2.149  -6.683  1.00 1.06 ? 379 LYS A CG   1 
ATOM   75   C CD   . LYS A 1 5  ? 7.408   -1.592  -7.191  1.00 1.16 ? 379 LYS A CD   1 
ATOM   76   C CE   . LYS A 1 5  ? 8.545   -2.168  -6.343  1.00 1.89 ? 379 LYS A CE   1 
ATOM   77   N NZ   . LYS A 1 5  ? 9.779   -2.277  -7.168  1.00 2.52 ? 379 LYS A NZ   1 
ATOM   78   H H    . LYS A 1 5  ? 2.604   -1.467  -8.781  1.00 0.30 ? 379 LYS A H    1 
ATOM   79   H HA   . LYS A 1 5  ? 3.847   -3.240  -6.783  1.00 0.26 ? 379 LYS A HA   1 
ATOM   80   H HB2  . LYS A 1 5  ? 5.095   -1.605  -8.513  1.00 0.94 ? 379 LYS A HB2  1 
ATOM   81   H HB3  . LYS A 1 5  ? 4.844   -0.471  -7.186  1.00 0.67 ? 379 LYS A HB3  1 
ATOM   82   H HG2  . LYS A 1 5  ? 5.978   -1.933  -5.631  1.00 1.67 ? 379 LYS A HG2  1 
ATOM   83   H HG3  . LYS A 1 5  ? 6.071   -3.219  -6.834  1.00 1.70 ? 379 LYS A HG3  1 
ATOM   84   H HD2  . LYS A 1 5  ? 7.546   -1.877  -8.225  1.00 1.48 ? 379 LYS A HD2  1 
ATOM   85   H HD3  . LYS A 1 5  ? 7.405   -0.516  -7.110  1.00 1.50 ? 379 LYS A HD3  1 
ATOM   86   H HE2  . LYS A 1 5  ? 8.731   -1.511  -5.506  1.00 2.34 ? 379 LYS A HE2  1 
ATOM   87   H HE3  . LYS A 1 5  ? 8.268   -3.146  -5.976  1.00 2.38 ? 379 LYS A HE3  1 
ATOM   88   H HZ1  . LYS A 1 5  ? 9.692   -1.670  -8.007  1.00 2.83 ? 379 LYS A HZ1  1 
ATOM   89   H HZ2  . LYS A 1 5  ? 9.905   -3.266  -7.466  1.00 2.95 ? 379 LYS A HZ2  1 
ATOM   90   H HZ3  . LYS A 1 5  ? 10.600  -1.976  -6.607  1.00 2.96 ? 379 LYS A HZ3  1 
ATOM   91   N N    . ILE A 1 6  ? 2.821   -2.276  -4.833  1.00 0.19 ? 380 ILE A N    1 
ATOM   92   C CA   . ILE A 1 6  ? 2.215   -1.769  -3.617  1.00 0.18 ? 380 ILE A CA   1 
ATOM   93   C C    . ILE A 1 6  ? 3.194   -1.928  -2.464  1.00 0.17 ? 380 ILE A C    1 
ATOM   94   O O    . ILE A 1 6  ? 3.728   -3.020  -2.216  1.00 0.21 ? 380 ILE A O    1 
ATOM   95   C CB   . ILE A 1 6  ? 0.922   -2.539  -3.323  1.00 0.20 ? 380 ILE A CB   1 
ATOM   96   C CG1  . ILE A 1 6  ? -0.096  -2.254  -4.423  1.00 0.27 ? 380 ILE A CG1  1 
ATOM   97   C CG2  . ILE A 1 6  ? 0.356   -2.109  -1.983  1.00 0.23 ? 380 ILE A CG2  1 
ATOM   98   C CD1  . ILE A 1 6  ? -1.158  -3.323  -4.431  1.00 0.46 ? 380 ILE A CD1  1 
ATOM   99   H H    . ILE A 1 6  ? 3.182   -3.187  -4.840  1.00 0.20 ? 380 ILE A H    1 
ATOM   100  H HA   . ILE A 1 6  ? 1.981   -0.720  -3.742  1.00 0.19 ? 380 ILE A HA   1 
ATOM   101  H HB   . ILE A 1 6  ? 1.130   -3.594  -3.294  1.00 0.23 ? 380 ILE A HB   1 
ATOM   102  H HG12 . ILE A 1 6  ? -0.565  -1.298  -4.258  1.00 0.56 ? 380 ILE A HG12 1 
ATOM   103  H HG13 . ILE A 1 6  ? 0.400   -2.255  -5.375  1.00 0.45 ? 380 ILE A HG13 1 
ATOM   104  H HG21 . ILE A 1 6  ? -0.585  -2.611  -1.817  1.00 1.03 ? 380 ILE A HG21 1 
ATOM   105  H HG22 . ILE A 1 6  ? 0.203   -1.041  -1.982  1.00 1.02 ? 380 ILE A HG22 1 
ATOM   106  H HG23 . ILE A 1 6  ? 1.050   -2.379  -1.204  1.00 1.08 ? 380 ILE A HG23 1 
ATOM   107  H HD11 . ILE A 1 6  ? -0.798  -4.156  -5.005  1.00 1.17 ? 380 ILE A HD11 1 
ATOM   108  H HD12 . ILE A 1 6  ? -2.047  -2.922  -4.889  1.00 1.11 ? 380 ILE A HD12 1 
ATOM   109  H HD13 . ILE A 1 6  ? -1.374  -3.639  -3.420  1.00 1.20 ? 380 ILE A HD13 1 
ATOM   110  N N    . ILE A 1 7  ? 3.441   -0.829  -1.770  1.00 0.15 ? 381 ILE A N    1 
ATOM   111  C CA   . ILE A 1 7  ? 4.372   -0.837  -0.658  1.00 0.15 ? 381 ILE A CA   1 
ATOM   112  C C    . ILE A 1 7  ? 3.782   -0.090  0.521   1.00 0.14 ? 381 ILE A C    1 
ATOM   113  O O    . ILE A 1 7  ? 3.195   0.982   0.364   1.00 0.18 ? 381 ILE A O    1 
ATOM   114  C CB   . ILE A 1 7  ? 5.699   -0.202  -1.086  1.00 0.21 ? 381 ILE A CB   1 
ATOM   115  C CG1  . ILE A 1 7  ? 6.788   -0.549  -0.062  1.00 0.23 ? 381 ILE A CG1  1 
ATOM   116  C CG2  . ILE A 1 7  ? 5.543   1.322   -1.179  1.00 0.26 ? 381 ILE A CG2  1 
ATOM   117  C CD1  . ILE A 1 7  ? 8.179   -0.230  -0.628  1.00 0.43 ? 381 ILE A CD1  1 
ATOM   118  H H    . ILE A 1 7  ? 2.999   0.000   -2.038  1.00 0.16 ? 381 ILE A H    1 
ATOM   119  H HA   . ILE A 1 7  ? 4.554   -1.856  -0.362  1.00 0.17 ? 381 ILE A HA   1 
ATOM   120  H HB   . ILE A 1 7  ? 5.980   -0.589  -2.054  1.00 0.28 ? 381 ILE A HB   1 
ATOM   121  H HG12 . ILE A 1 7  ? 6.627   0.026   0.838   1.00 0.38 ? 381 ILE A HG12 1 
ATOM   122  H HG13 . ILE A 1 7  ? 6.736   -1.602  0.173   1.00 0.40 ? 381 ILE A HG13 1 
ATOM   123  H HG21 . ILE A 1 7  ? 5.809   1.774   -0.233  1.00 1.03 ? 381 ILE A HG21 1 
ATOM   124  H HG22 . ILE A 1 7  ? 4.519   1.569   -1.420  1.00 1.06 ? 381 ILE A HG22 1 
ATOM   125  H HG23 . ILE A 1 7  ? 6.194   1.702   -1.953  1.00 1.05 ? 381 ILE A HG23 1 
ATOM   126  H HD11 . ILE A 1 7  ? 8.767   -1.136  -0.660  1.00 1.19 ? 381 ILE A HD11 1 
ATOM   127  H HD12 . ILE A 1 7  ? 8.668   0.490   0.010   1.00 1.11 ? 381 ILE A HD12 1 
ATOM   128  H HD13 . ILE A 1 7  ? 8.092   0.178   -1.626  1.00 1.12 ? 381 ILE A HD13 1 
ATOM   129  N N    . VAL A 1 8  ? 3.952   -0.660  1.709   1.00 0.14 ? 382 VAL A N    1 
ATOM   130  C CA   . VAL A 1 8  ? 3.443   -0.029  2.917   1.00 0.16 ? 382 VAL A CA   1 
ATOM   131  C C    . VAL A 1 8  ? 4.602   0.578   3.691   1.00 0.30 ? 382 VAL A C    1 
ATOM   132  O O    . VAL A 1 8  ? 5.629   -0.072  3.891   1.00 0.47 ? 382 VAL A O    1 
ATOM   133  C CB   . VAL A 1 8  ? 2.722   -1.067  3.785   1.00 0.26 ? 382 VAL A CB   1 
ATOM   134  C CG1  . VAL A 1 8  ? 2.319   -0.428  5.122   1.00 0.43 ? 382 VAL A CG1  1 
ATOM   135  C CG2  . VAL A 1 8  ? 1.468   -1.584  3.050   1.00 0.41 ? 382 VAL A CG2  1 
ATOM   136  H H    . VAL A 1 8  ? 4.466   -1.491  1.795   1.00 0.15 ? 382 VAL A H    1 
ATOM   137  H HA   . VAL A 1 8  ? 2.748   0.752   2.649   1.00 0.14 ? 382 VAL A HA   1 
ATOM   138  H HB   . VAL A 1 8  ? 3.393   -1.892  3.977   1.00 0.36 ? 382 VAL A HB   1 
ATOM   139  H HG11 . VAL A 1 8  ? 3.203   -0.117  5.659   1.00 1.12 ? 382 VAL A HG11 1 
ATOM   140  H HG12 . VAL A 1 8  ? 1.778   -1.149  5.715   1.00 1.13 ? 382 VAL A HG12 1 
ATOM   141  H HG13 . VAL A 1 8  ? 1.689   0.429   4.936   1.00 1.12 ? 382 VAL A HG13 1 
ATOM   142  H HG21 . VAL A 1 8  ? 1.507   -1.296  2.008   1.00 1.09 ? 382 VAL A HG21 1 
ATOM   143  H HG22 . VAL A 1 8  ? 0.579   -1.169  3.501   1.00 1.18 ? 382 VAL A HG22 1 
ATOM   144  H HG23 . VAL A 1 8  ? 1.433   -2.662  3.120   1.00 1.09 ? 382 VAL A HG23 1 
ATOM   145  N N    . ALA A 1 9  ? 4.446   1.822   4.136   1.00 0.01 ? 383 ALA A N    1 
ATOM   146  C CA   . ALA A 1 9  ? 5.512   2.478   4.885   1.00 0.03 ? 383 ALA A CA   1 
ATOM   147  C C    . ALA A 1 9  ? 5.028   2.995   6.231   1.00 0.02 ? 383 ALA A C    1 
ATOM   148  O O    . ALA A 1 9  ? 3.838   3.241   6.434   1.00 0.02 ? 383 ALA A O    1 
ATOM   149  C CB   . ALA A 1 9  ? 6.078   3.632   4.072   1.00 0.05 ? 383 ALA A CB   1 
ATOM   150  H H    . ALA A 1 9  ? 3.617   2.311   3.937   1.00 0.02 ? 383 ALA A H    1 
ATOM   151  H HA   . ALA A 1 9  ? 6.302   1.767   5.059   1.00 0.04 ? 383 ALA A HA   1 
ATOM   152  H HB1  . ALA A 1 9  ? 5.271   4.258   3.720   1.00 1.02 ? 383 ALA A HB1  1 
ATOM   153  H HB2  . ALA A 1 9  ? 6.622   3.239   3.233   1.00 1.02 ? 383 ALA A HB2  1 
ATOM   154  H HB3  . ALA A 1 9  ? 6.745   4.215   4.690   1.00 1.01 ? 383 ALA A HB3  1 
HETATM 155  N N    . SEP A 1 10 ? 5.978   3.163   7.148   1.00 0.03 ? 384 SEP A N    1 
HETATM 156  C CA   . SEP A 1 10 ? 5.670   3.659   8.483   1.00 0.04 ? 384 SEP A CA   1 
HETATM 157  C CB   . SEP A 1 10 ? 5.314   2.503   9.412   1.00 0.05 ? 384 SEP A CB   1 
HETATM 158  O OG   . SEP A 1 10 ? 6.524   1.919   9.898   1.00 0.06 ? 384 SEP A OG   1 
HETATM 159  C C    . SEP A 1 10 ? 6.877   4.396   9.055   1.00 0.04 ? 384 SEP A C    1 
HETATM 160  O O    . SEP A 1 10 ? 7.924   4.483   8.412   1.00 0.04 ? 384 SEP A O    1 
HETATM 161  P P    . SEP A 1 10 ? 5.931   1.078   11.171  1.00 0.06 ? 384 SEP A P    1 
HETATM 162  O O1P  . SEP A 1 10 ? 4.836   0.137   10.697  1.00 0.06 ? 384 SEP A O1P  1 
HETATM 163  O O2P  . SEP A 1 10 ? 7.052   0.266   11.800  1.00 0.08 ? 384 SEP A O2P  1 
HETATM 164  O O3P  . SEP A 1 10 ? 5.365   2.035   12.209  1.00 0.09 ? 384 SEP A O3P  1 
HETATM 165  H H    . SEP A 1 10 ? 6.904   2.951   6.911   1.00 0.04 ? 384 SEP A H    1 
HETATM 166  H HA   . SEP A 1 10 ? 4.834   4.338   8.422   1.00 0.05 ? 384 SEP A HA   1 
HETATM 167  H HB2  . SEP A 1 10 ? 4.743   1.768   8.862   1.00 0.05 ? 384 SEP A HB2  1 
HETATM 168  H HB3  . SEP A 1 10 ? 4.725   2.867   10.236  1.00 0.06 ? 384 SEP A HB3  1 
ATOM   169  N N    . ASP A 1 11 ? 6.746   4.886   10.288  1.00 0.05 ? 385 ASP A N    1 
ATOM   170  C CA   . ASP A 1 11 ? 7.839   5.588   10.951  1.00 0.06 ? 385 ASP A CA   1 
ATOM   171  C C    . ASP A 1 11 ? 9.104   4.748   10.940  1.00 0.06 ? 385 ASP A C    1 
ATOM   172  O O    . ASP A 1 11 ? 10.138  5.166   10.418  1.00 0.06 ? 385 ASP A O    1 
ATOM   173  C CB   . ASP A 1 11 ? 7.447   5.898   12.393  1.00 0.07 ? 385 ASP A CB   1 
ATOM   174  C CG   . ASP A 1 11 ? 8.594   6.608   13.106  1.00 1.24 ? 385 ASP A CG   1 
ATOM   175  O OD1  . ASP A 1 11 ? 9.672   6.661   12.541  1.00 2.07 ? 385 ASP A OD1  1 
ATOM   176  O OD2  . ASP A 1 11 ? 8.374   7.085   14.207  1.00 1.34 ? 385 ASP A OD2  1 
ATOM   177  H H    . ASP A 1 11 ? 5.911   4.744   10.772  1.00 0.06 ? 385 ASP A H    1 
ATOM   178  H HA   . ASP A 1 11 ? 8.028   6.515   10.433  1.00 0.06 ? 385 ASP A HA   1 
ATOM   179  H HB2  . ASP A 1 11 ? 6.574   6.534   12.397  1.00 0.88 ? 385 ASP A HB2  1 
ATOM   180  H HB3  . ASP A 1 11 ? 7.222   4.977   12.909  1.00 0.88 ? 385 ASP A HB3  1 
ATOM   181  N N    . ALA A 1 12 ? 9.020   3.560   11.524  1.00 0.06 ? 386 ALA A N    1 
ATOM   182  C CA   . ALA A 1 12 ? 10.166  2.671   11.579  1.00 0.06 ? 386 ALA A CA   1 
ATOM   183  C C    . ALA A 1 12 ? 10.050  1.581   10.521  1.00 0.06 ? 386 ALA A C    1 
ATOM   184  O O    . ALA A 1 12 ? 11.042  0.948   10.167  1.00 0.07 ? 386 ALA A O    1 
ATOM   185  C CB   . ALA A 1 12 ? 10.263  2.030   12.968  1.00 0.07 ? 386 ALA A CB   1 
ATOM   186  H H    . ALA A 1 12 ? 8.174   3.274   11.926  1.00 0.06 ? 386 ALA A H    1 
ATOM   187  H HA   . ALA A 1 12 ? 11.065  3.242   11.397  1.00 0.07 ? 386 ALA A HA   1 
ATOM   188  H HB1  . ALA A 1 12 ? 11.266  1.662   13.126  1.00 1.02 ? 386 ALA A HB1  1 
ATOM   189  H HB2  . ALA A 1 12 ? 9.564   1.210   13.035  1.00 1.01 ? 386 ALA A HB2  1 
ATOM   190  H HB3  . ALA A 1 12 ? 10.026  2.767   13.721  1.00 1.01 ? 386 ALA A HB3  1 
ATOM   191  N N    . GLY A 1 13 ? 8.839   1.370   10.002  1.00 0.06 ? 387 GLY A N    1 
ATOM   192  C CA   . GLY A 1 13 ? 8.635   0.345   8.984   1.00 0.07 ? 387 GLY A CA   1 
ATOM   193  C C    . GLY A 1 13 ? 8.958   -1.029  9.543   1.00 0.07 ? 387 GLY A C    1 
ATOM   194  O O    . GLY A 1 13 ? 9.447   -1.904  8.829   1.00 0.08 ? 387 GLY A O    1 
ATOM   195  H H    . GLY A 1 13 ? 8.073   1.907   10.295  1.00 0.06 ? 387 GLY A H    1 
ATOM   196  H HA2  . GLY A 1 13 ? 7.607   0.362   8.655   1.00 0.07 ? 387 GLY A HA2  1 
ATOM   197  H HA3  . GLY A 1 13 ? 9.281   0.544   8.142   1.00 0.07 ? 387 GLY A HA3  1 
ATOM   198  N N    . MET A 1 14 ? 8.704   -1.209  10.835  1.00 0.07 ? 388 MET A N    1 
ATOM   199  C CA   . MET A 1 14 ? 8.996   -2.488  11.472  1.00 0.08 ? 388 MET A CA   1 
ATOM   200  C C    . MET A 1 14 ? 7.861   -2.930  12.383  1.00 0.08 ? 388 MET A C    1 
ATOM   201  O O    . MET A 1 14 ? 8.025   -3.861  13.171  1.00 0.09 ? 388 MET A O    1 
ATOM   202  C CB   . MET A 1 14 ? 10.245  -2.375  12.334  1.00 0.10 ? 388 MET A CB   1 
ATOM   203  C CG   . MET A 1 14 ? 11.461  -2.024  11.480  1.00 1.34 ? 388 MET A CG   1 
ATOM   204  S SD   . MET A 1 14 ? 12.849  -1.501  12.546  1.00 2.16 ? 388 MET A SD   1 
ATOM   205  C CE   . MET A 1 14 ? 12.801  -2.780  13.849  1.00 2.82 ? 388 MET A CE   1 
ATOM   206  H H    . MET A 1 14 ? 8.335   -0.471  11.364  1.00 0.07 ? 388 MET A H    1 
ATOM   207  H HA   . MET A 1 14 ? 9.157   -3.237  10.712  1.00 0.09 ? 388 MET A HA   1 
ATOM   208  H HB2  . MET A 1 14 ? 10.093  -1.612  13.082  1.00 0.96 ? 388 MET A HB2  1 
ATOM   209  H HB3  . MET A 1 14 ? 10.413  -3.326  12.815  1.00 0.95 ? 388 MET A HB3  1 
ATOM   210  H HG2  . MET A 1 14 ? 11.751  -2.882  10.892  1.00 1.93 ? 388 MET A HG2  1 
ATOM   211  H HG3  . MET A 1 14 ? 11.199  -1.210  10.812  1.00 1.95 ? 388 MET A HG3  1 
ATOM   212  H HE1  . MET A 1 14 ? 11.805  -2.865  14.256  1.00 3.23 ? 388 MET A HE1  1 
ATOM   213  H HE2  . MET A 1 14 ? 13.476  -2.502  14.647  1.00 3.17 ? 388 MET A HE2  1 
ATOM   214  H HE3  . MET A 1 14 ? 13.115  -3.733  13.437  1.00 3.24 ? 388 MET A HE3  1 
ATOM   215  N N    . GLY A 1 15 ? 6.725   -2.251  12.303  1.00 0.07 ? 389 GLY A N    1 
ATOM   216  C CA   . GLY A 1 15 ? 5.592   -2.592  13.158  1.00 0.08 ? 389 GLY A CA   1 
ATOM   217  C C    . GLY A 1 15 ? 4.315   -2.726  12.342  1.00 0.07 ? 389 GLY A C    1 
ATOM   218  O O    . GLY A 1 15 ? 4.094   -3.741  11.683  1.00 0.08 ? 389 GLY A O    1 
ATOM   219  H H    . GLY A 1 15 ? 6.645   -1.507  11.674  1.00 0.07 ? 389 GLY A H    1 
ATOM   220  H HA2  . GLY A 1 15 ? 5.790   -3.529  13.660  1.00 0.08 ? 389 GLY A HA2  1 
ATOM   221  H HA3  . GLY A 1 15 ? 5.457   -1.816  13.898  1.00 0.08 ? 389 GLY A HA3  1 
ATOM   222  N N    . SER A 1 16 ? 3.472   -1.702  12.402  1.00 0.07 ? 390 SER A N    1 
ATOM   223  C CA   . SER A 1 16 ? 2.205   -1.714  11.681  1.00 0.07 ? 390 SER A CA   1 
ATOM   224  C C    . SER A 1 16 ? 2.401   -2.076  10.213  1.00 0.07 ? 390 SER A C    1 
ATOM   225  O O    . SER A 1 16 ? 1.541   -2.711  9.604   1.00 0.07 ? 390 SER A O    1 
ATOM   226  C CB   . SER A 1 16 ? 1.553   -0.337  11.780  1.00 0.08 ? 390 SER A CB   1 
ATOM   227  O OG   . SER A 1 16 ? 2.320   0.600   11.033  1.00 0.09 ? 390 SER A OG   1 
ATOM   228  H H    . SER A 1 16 ? 3.693   -0.921  12.949  1.00 0.07 ? 390 SER A H    1 
ATOM   229  H HA   . SER A 1 16 ? 1.550   -2.439  12.136  1.00 0.08 ? 390 SER A HA   1 
ATOM   230  H HB2  . SER A 1 16 ? 0.556   -0.378  11.380  1.00 0.09 ? 390 SER A HB2  1 
ATOM   231  H HB3  . SER A 1 16 ? 1.512   -0.035  12.819  1.00 0.10 ? 390 SER A HB3  1 
ATOM   232  H HG   . SER A 1 16 ? 3.249   0.418   11.194  1.00 0.63 ? 390 SER A HG   1 
ATOM   233  N N    . SER A 1 17 ? 3.517   -1.644  9.642   1.00 0.06 ? 391 SER A N    1 
ATOM   234  C CA   . SER A 1 17 ? 3.792   -1.914  8.236   1.00 0.06 ? 391 SER A CA   1 
ATOM   235  C C    . SER A 1 17 ? 3.795   -3.415  7.954   1.00 0.05 ? 391 SER A C    1 
ATOM   236  O O    . SER A 1 17 ? 3.442   -3.847  6.857   1.00 0.05 ? 391 SER A O    1 
ATOM   237  C CB   . SER A 1 17 ? 5.149   -1.330  7.848   1.00 0.07 ? 391 SER A CB   1 
ATOM   238  O OG   . SER A 1 17 ? 6.159   -1.900  8.670   1.00 1.17 ? 391 SER A OG   1 
ATOM   239  H H    . SER A 1 17 ? 4.165   -1.123  10.164  1.00 0.06 ? 391 SER A H    1 
ATOM   240  H HA   . SER A 1 17 ? 3.028   -1.445  7.635   1.00 0.06 ? 391 SER A HA   1 
ATOM   241  H HB2  . SER A 1 17 ? 5.359   -1.560  6.818   1.00 0.86 ? 391 SER A HB2  1 
ATOM   242  H HB3  . SER A 1 17 ? 5.129   -0.257  7.975   1.00 0.85 ? 391 SER A HB3  1 
ATOM   243  H HG   . SER A 1 17 ? 6.920   -2.089  8.117   1.00 1.65 ? 391 SER A HG   1 
ATOM   244  N N    . ALA A 1 18 ? 4.222   -4.198  8.940   1.00 0.06 ? 392 ALA A N    1 
ATOM   245  C CA   . ALA A 1 18 ? 4.313   -5.647  8.780   1.00 0.06 ? 392 ALA A CA   1 
ATOM   246  C C    . ALA A 1 18 ? 2.931   -6.286  8.620   1.00 0.04 ? 392 ALA A C    1 
ATOM   247  O O    . ALA A 1 18 ? 2.738   -7.162  7.779   1.00 0.05 ? 392 ALA A O    1 
ATOM   248  C CB   . ALA A 1 18 ? 5.032   -6.247  9.999   1.00 0.07 ? 392 ALA A CB   1 
ATOM   249  H H    . ALA A 1 18 ? 4.504   -3.798  9.786   1.00 0.06 ? 392 ALA A H    1 
ATOM   250  H HA   . ALA A 1 18 ? 4.896   -5.862  7.897   1.00 0.06 ? 392 ALA A HA   1 
ATOM   251  H HB1  . ALA A 1 18 ? 4.336   -6.830  10.586  1.00 1.02 ? 392 ALA A HB1  1 
ATOM   252  H HB2  . ALA A 1 18 ? 5.430   -5.448  10.609  1.00 1.01 ? 392 ALA A HB2  1 
ATOM   253  H HB3  . ALA A 1 18 ? 5.842   -6.881  9.669   1.00 1.02 ? 392 ALA A HB3  1 
ATOM   254  N N    . MET A 1 19 ? 1.981   -5.846  9.432   1.00 0.03 ? 393 MET A N    1 
ATOM   255  C CA   . MET A 1 19 ? 0.636   -6.407  9.375   1.00 0.03 ? 393 MET A CA   1 
ATOM   256  C C    . MET A 1 19 ? -0.099  -5.944  8.121   1.00 0.02 ? 393 MET A C    1 
ATOM   257  O O    . MET A 1 19 ? -0.656  -6.760  7.384   1.00 0.03 ? 393 MET A O    1 
ATOM   258  C CB   . MET A 1 19 ? -0.148  -6.002  10.622  1.00 0.04 ? 393 MET A CB   1 
ATOM   259  C CG   . MET A 1 19 ? 0.673   -6.363  11.862  1.00 0.16 ? 393 MET A CG   1 
ATOM   260  S SD   . MET A 1 19 ? -0.100  -5.632  13.334  1.00 1.34 ? 393 MET A SD   1 
ATOM   261  C CE   . MET A 1 19 ? -1.115  -7.041  13.871  1.00 2.00 ? 393 MET A CE   1 
ATOM   262  H H    . MET A 1 19 ? 2.176   -5.130  10.075  1.00 0.04 ? 393 MET A H    1 
ATOM   263  H HA   . MET A 1 19 ? 0.711   -7.481  9.350   1.00 0.04 ? 393 MET A HA   1 
ATOM   264  H HB2  . MET A 1 19 ? -0.327  -4.936  10.605  1.00 0.11 ? 393 MET A HB2  1 
ATOM   265  H HB3  . MET A 1 19 ? -1.087  -6.530  10.647  1.00 0.12 ? 393 MET A HB3  1 
ATOM   266  H HG2  . MET A 1 19 ? 0.726   -7.437  11.963  1.00 0.88 ? 393 MET A HG2  1 
ATOM   267  H HG3  . MET A 1 19 ? 1.673   -5.967  11.751  1.00 0.81 ? 393 MET A HG3  1 
ATOM   268  H HE1  . MET A 1 19 ? -1.034  -7.851  13.162  1.00 2.46 ? 393 MET A HE1  1 
ATOM   269  H HE2  . MET A 1 19 ? -2.147  -6.735  13.940  1.00 2.50 ? 393 MET A HE2  1 
ATOM   270  H HE3  . MET A 1 19 ? -0.778  -7.372  14.844  1.00 2.50 ? 393 MET A HE3  1 
ATOM   271  N N    . GLY A 1 20 ? -0.074  -4.639  7.873   1.00 0.19 ? 394 GLY A N    1 
ATOM   272  C CA   . GLY A 1 20 ? -0.711  -4.082  6.686   1.00 0.21 ? 394 GLY A CA   1 
ATOM   273  C C    . GLY A 1 20 ? -0.252  -4.820  5.439   1.00 0.23 ? 394 GLY A C    1 
ATOM   274  O O    . GLY A 1 20 ? -1.064  -5.204  4.596   1.00 0.22 ? 394 GLY A O    1 
ATOM   275  H H    . GLY A 1 20 ? 0.410   -4.052  8.490   1.00 0.20 ? 394 GLY A H    1 
ATOM   276  H HA2  . GLY A 1 20 ? -1.784  -4.171  6.783   1.00 0.22 ? 394 GLY A HA2  1 
ATOM   277  H HA3  . GLY A 1 20 ? -0.446  -3.038  6.597   1.00 0.25 ? 394 GLY A HA3  1 
ATOM   278  N N    . ALA A 1 21 ? 1.056   -5.007  5.331   1.00 0.26 ? 395 ALA A N    1 
ATOM   279  C CA   . ALA A 1 21 ? 1.637   -5.694  4.184   1.00 0.30 ? 395 ALA A CA   1 
ATOM   280  C C    . ALA A 1 21 ? 1.116   -7.121  4.041   1.00 0.26 ? 395 ALA A C    1 
ATOM   281  O O    . ALA A 1 21 ? 0.768   -7.551  2.943   1.00 0.27 ? 395 ALA A O    1 
ATOM   282  C CB   . ALA A 1 21 ? 3.152   -5.729  4.334   1.00 0.36 ? 395 ALA A CB   1 
ATOM   283  H H    . ALA A 1 21 ? 1.648   -4.668  6.041   1.00 0.27 ? 395 ALA A H    1 
ATOM   284  H HA   . ALA A 1 21 ? 1.394   -5.143  3.290   1.00 0.32 ? 395 ALA A HA   1 
ATOM   285  H HB1  . ALA A 1 21 ? 3.578   -6.351  3.561   1.00 1.11 ? 395 ALA A HB1  1 
ATOM   286  H HB2  . ALA A 1 21 ? 3.409   -6.127  5.304   1.00 1.03 ? 395 ALA A HB2  1 
ATOM   287  H HB3  . ALA A 1 21 ? 3.533   -4.728  4.241   1.00 1.10 ? 395 ALA A HB3  1 
ATOM   288  N N    . GLY A 1 22 ? 1.117   -7.866  5.142   1.00 0.25 ? 396 GLY A N    1 
ATOM   289  C CA   . GLY A 1 22 ? 0.706   -9.266  5.108   1.00 0.25 ? 396 GLY A CA   1 
ATOM   290  C C    . GLY A 1 22 ? -0.732  -9.436  4.630   1.00 0.20 ? 396 GLY A C    1 
ATOM   291  O O    . GLY A 1 22 ? -1.010  -10.271 3.770   1.00 0.20 ? 396 GLY A O    1 
ATOM   292  H H    . GLY A 1 22 ? 1.439   -7.478  5.982   1.00 0.26 ? 396 GLY A H    1 
ATOM   293  H HA2  . GLY A 1 22 ? 1.364   -9.812  4.449   1.00 0.29 ? 396 GLY A HA2  1 
ATOM   294  H HA3  . GLY A 1 22 ? 0.790   -9.676  6.105   1.00 0.26 ? 396 GLY A HA3  1 
ATOM   295  N N    . VAL A 1 23 ? -1.647  -8.671  5.210   1.00 0.16 ? 397 VAL A N    1 
ATOM   296  C CA   . VAL A 1 23 ? -3.055  -8.790  4.850   1.00 0.13 ? 397 VAL A CA   1 
ATOM   297  C C    . VAL A 1 23 ? -3.287  -8.422  3.384   1.00 0.14 ? 397 VAL A C    1 
ATOM   298  O O    . VAL A 1 23 ? -3.951  -9.157  2.651   1.00 0.13 ? 397 VAL A O    1 
ATOM   299  C CB   . VAL A 1 23 ? -3.888  -7.881  5.763   1.00 0.15 ? 397 VAL A CB   1 
ATOM   300  C CG1  . VAL A 1 23 ? -5.319  -7.786  5.227   1.00 0.19 ? 397 VAL A CG1  1 
ATOM   301  C CG2  . VAL A 1 23 ? -3.898  -8.453  7.202   1.00 0.19 ? 397 VAL A CG2  1 
ATOM   302  H H    . VAL A 1 23 ? -1.375  -8.034  5.906   1.00 0.16 ? 397 VAL A H    1 
ATOM   303  H HA   . VAL A 1 23 ? -3.368  -9.812  5.004   1.00 0.15 ? 397 VAL A HA   1 
ATOM   304  H HB   . VAL A 1 23 ? -3.448  -6.894  5.772   1.00 0.15 ? 397 VAL A HB   1 
ATOM   305  H HG11 . VAL A 1 23 ? -5.314  -7.256  4.288   1.00 1.02 ? 397 VAL A HG11 1 
ATOM   306  H HG12 . VAL A 1 23 ? -5.933  -7.251  5.937   1.00 1.03 ? 397 VAL A HG12 1 
ATOM   307  H HG13 . VAL A 1 23 ? -5.717  -8.779  5.082   1.00 1.05 ? 397 VAL A HG13 1 
ATOM   308  H HG21 . VAL A 1 23 ? -3.303  -9.355  7.246   1.00 1.04 ? 397 VAL A HG21 1 
ATOM   309  H HG22 . VAL A 1 23 ? -4.911  -8.682  7.501   1.00 1.00 ? 397 VAL A HG22 1 
ATOM   310  H HG23 . VAL A 1 23 ? -3.485  -7.721  7.882   1.00 1.02 ? 397 VAL A HG23 1 
ATOM   311  N N    . LEU A 1 24 ? -2.750  -7.283  2.967   1.00 0.17 ? 398 LEU A N    1 
ATOM   312  C CA   . LEU A 1 24 ? -2.926  -6.838  1.585   1.00 0.22 ? 398 LEU A CA   1 
ATOM   313  C C    . LEU A 1 24 ? -2.335  -7.860  0.633   1.00 0.23 ? 398 LEU A C    1 
ATOM   314  O O    . LEU A 1 24 ? -2.926  -8.206  -0.387  1.00 0.24 ? 398 LEU A O    1 
ATOM   315  C CB   . LEU A 1 24 ? -2.202  -5.509  1.364   1.00 0.28 ? 398 LEU A CB   1 
ATOM   316  C CG   . LEU A 1 24 ? -3.029  -4.349  1.912   1.00 0.31 ? 398 LEU A CG   1 
ATOM   317  C CD1  . LEU A 1 24 ? -2.113  -3.129  2.056   1.00 0.36 ? 398 LEU A CD1  1 
ATOM   318  C CD2  . LEU A 1 24 ? -4.184  -4.025  0.940   1.00 0.36 ? 398 LEU A CD2  1 
ATOM   319  H H    . LEU A 1 24 ? -2.262  -6.720  3.608   1.00 0.17 ? 398 LEU A H    1 
ATOM   320  H HA   . LEU A 1 24 ? -3.977  -6.717  1.376   1.00 0.22 ? 398 LEU A HA   1 
ATOM   321  H HB2  . LEU A 1 24 ? -1.247  -5.536  1.867   1.00 0.29 ? 398 LEU A HB2  1 
ATOM   322  H HB3  . LEU A 1 24 ? -2.041  -5.361  0.305   1.00 0.32 ? 398 LEU A HB3  1 
ATOM   323  H HG   . LEU A 1 24 ? -3.428  -4.615  2.881   1.00 0.30 ? 398 LEU A HG   1 
ATOM   324  H HD11 . LEU A 1 24 ? -1.708  -2.874  1.089   1.00 1.10 ? 398 LEU A HD11 1 
ATOM   325  H HD12 . LEU A 1 24 ? -1.305  -3.364  2.734   1.00 1.06 ? 398 LEU A HD12 1 
ATOM   326  H HD13 . LEU A 1 24 ? -2.678  -2.295  2.441   1.00 1.08 ? 398 LEU A HD13 1 
ATOM   327  H HD21 . LEU A 1 24 ? -4.262  -4.797  0.187   1.00 1.10 ? 398 LEU A HD21 1 
ATOM   328  H HD22 . LEU A 1 24 ? -4.006  -3.075  0.456   1.00 1.05 ? 398 LEU A HD22 1 
ATOM   329  H HD23 . LEU A 1 24 ? -5.110  -3.973  1.489   1.00 1.09 ? 398 LEU A HD23 1 
ATOM   330  N N    . ARG A 1 25 ? -1.157  -8.323  0.988   1.00 0.24 ? 399 ARG A N    1 
ATOM   331  C CA   . ARG A 1 25 ? -0.455  -9.294  0.176   1.00 0.28 ? 399 ARG A CA   1 
ATOM   332  C C    . ARG A 1 25 ? -1.301  -10.542 -0.038  1.00 0.24 ? 399 ARG A C    1 
ATOM   333  O O    . ARG A 1 25 ? -1.397  -11.058 -1.151  1.00 0.26 ? 399 ARG A O    1 
ATOM   334  C CB   . ARG A 1 25 ? 0.826   -9.685  0.892   1.00 0.34 ? 399 ARG A CB   1 
ATOM   335  C CG   . ARG A 1 25 ? 1.626   -10.656 0.039   1.00 0.41 ? 399 ARG A CG   1 
ATOM   336  C CD   . ARG A 1 25 ? 2.828   -11.115 0.844   1.00 0.69 ? 399 ARG A CD   1 
ATOM   337  N NE   . ARG A 1 25 ? 3.667   -11.952 -0.005  1.00 1.44 ? 399 ARG A NE   1 
ATOM   338  C CZ   . ARG A 1 25 ? 4.664   -12.658 0.493   1.00 2.09 ? 399 ARG A CZ   1 
ATOM   339  N NH1  . ARG A 1 25 ? 4.822   -12.722 1.791   1.00 2.43 ? 399 ARG A NH1  1 
ATOM   340  N NH2  . ARG A 1 25 ? 5.461   -13.319 -0.299  1.00 3.03 ? 399 ARG A NH2  1 
ATOM   341  H H    . ARG A 1 25 ? -0.739  -7.997  1.816   1.00 0.24 ? 399 ARG A H    1 
ATOM   342  H HA   . ARG A 1 25 ? -0.207  -8.858  -0.779  1.00 0.33 ? 399 ARG A HA   1 
ATOM   343  H HB2  . ARG A 1 25 ? 1.416   -8.801  1.078   1.00 0.37 ? 399 ARG A HB2  1 
ATOM   344  H HB3  . ARG A 1 25 ? 0.579   -10.155 1.833   1.00 0.32 ? 399 ARG A HB3  1 
ATOM   345  H HG2  . ARG A 1 25 ? 1.015   -11.510 -0.215  1.00 0.54 ? 399 ARG A HG2  1 
ATOM   346  H HG3  . ARG A 1 25 ? 1.959   -10.164 -0.862  1.00 0.67 ? 399 ARG A HG3  1 
ATOM   347  H HD2  . ARG A 1 25 ? 3.404   -10.278 1.160   1.00 1.28 ? 399 ARG A HD2  1 
ATOM   348  H HD3  . ARG A 1 25 ? 2.473   -11.642 1.731   1.00 1.24 ? 399 ARG A HD3  1 
ATOM   349  H HE   . ARG A 1 25 ? 3.507   -11.960 -0.973  1.00 2.08 ? 399 ARG A HE   1 
ATOM   350  H HH11 . ARG A 1 25 ? 4.189   -12.237 2.396   1.00 2.29 ? 399 ARG A HH11 1 
ATOM   351  H HH12 . ARG A 1 25 ? 5.568   -13.262 2.178   1.00 3.22 ? 399 ARG A HH12 1 
ATOM   352  H HH21 . ARG A 1 25 ? 5.319   -13.291 -1.289  1.00 3.40 ? 399 ARG A HH21 1 
ATOM   353  H HH22 . ARG A 1 25 ? 6.211   -13.857 0.084   1.00 3.61 ? 399 ARG A HH22 1 
ATOM   354  N N    . LYS A 1 26 ? -1.889  -11.036 1.042   1.00 0.20 ? 400 LYS A N    1 
ATOM   355  C CA   . LYS A 1 26 ? -2.695  -12.245 0.969   1.00 0.19 ? 400 LYS A CA   1 
ATOM   356  C C    . LYS A 1 26 ? -3.889  -12.058 0.046   1.00 0.15 ? 400 LYS A C    1 
ATOM   357  O O    . LYS A 1 26 ? -4.200  -12.929 -0.764  1.00 0.16 ? 400 LYS A O    1 
ATOM   358  C CB   . LYS A 1 26 ? -3.189  -12.636 2.360   1.00 0.21 ? 400 LYS A CB   1 
ATOM   359  C CG   . LYS A 1 26 ? -3.951  -13.956 2.256   1.00 0.28 ? 400 LYS A CG   1 
ATOM   360  C CD   . LYS A 1 26 ? -4.398  -14.414 3.643   1.00 0.82 ? 400 LYS A CD   1 
ATOM   361  C CE   . LYS A 1 26 ? -5.141  -15.743 3.508   1.00 1.35 ? 400 LYS A CE   1 
ATOM   362  N NZ   . LYS A 1 26 ? -5.929  -16.003 4.744   1.00 1.96 ? 400 LYS A NZ   1 
ATOM   363  H H    . LYS A 1 26 ? -1.761  -10.594 1.907   1.00 0.19 ? 400 LYS A H    1 
ATOM   364  H HA   . LYS A 1 26 ? -2.082  -13.046 0.585   1.00 0.23 ? 400 LYS A HA   1 
ATOM   365  H HB2  . LYS A 1 26 ? -2.345  -12.753 3.025   1.00 0.27 ? 400 LYS A HB2  1 
ATOM   366  H HB3  . LYS A 1 26 ? -3.848  -11.869 2.740   1.00 0.20 ? 400 LYS A HB3  1 
ATOM   367  H HG2  . LYS A 1 26 ? -4.818  -13.819 1.628   1.00 0.60 ? 400 LYS A HG2  1 
ATOM   368  H HG3  . LYS A 1 26 ? -3.308  -14.707 1.822   1.00 0.68 ? 400 LYS A HG3  1 
ATOM   369  H HD2  . LYS A 1 26 ? -3.531  -14.545 4.276   1.00 1.39 ? 400 LYS A HD2  1 
ATOM   370  H HD3  . LYS A 1 26 ? -5.054  -13.675 4.075   1.00 1.34 ? 400 LYS A HD3  1 
ATOM   371  H HE2  . LYS A 1 26 ? -5.808  -15.697 2.660   1.00 1.97 ? 400 LYS A HE2  1 
ATOM   372  H HE3  . LYS A 1 26 ? -4.428  -16.541 3.361   1.00 1.82 ? 400 LYS A HE3  1 
ATOM   373  H HZ1  . LYS A 1 26 ? -5.496  -15.501 5.544   1.00 2.37 ? 400 LYS A HZ1  1 
ATOM   374  H HZ2  . LYS A 1 26 ? -5.940  -17.026 4.940   1.00 2.40 ? 400 LYS A HZ2  1 
ATOM   375  H HZ3  . LYS A 1 26 ? -6.903  -15.663 4.612   1.00 2.41 ? 400 LYS A HZ3  1 
ATOM   376  N N    . LYS A 1 27 ? -4.566  -10.931 0.185   1.00 0.15 ? 401 LYS A N    1 
ATOM   377  C CA   . LYS A 1 27 ? -5.737  -10.672 -0.637  1.00 0.19 ? 401 LYS A CA   1 
ATOM   378  C C    . LYS A 1 27 ? -5.358  -10.617 -2.113  1.00 0.21 ? 401 LYS A C    1 
ATOM   379  O O    . LYS A 1 27 ? -6.069  -11.140 -2.971  1.00 0.22 ? 401 LYS A O    1 
ATOM   380  C CB   . LYS A 1 27 ? -6.378  -9.355  -0.233  1.00 0.26 ? 401 LYS A CB   1 
ATOM   381  C CG   . LYS A 1 27 ? -6.913  -9.453  1.194   1.00 0.28 ? 401 LYS A CG   1 
ATOM   382  C CD   . LYS A 1 27 ? -7.515  -8.106  1.612   1.00 0.36 ? 401 LYS A CD   1 
ATOM   383  C CE   . LYS A 1 27 ? -8.101  -8.213  3.026   1.00 0.59 ? 401 LYS A CE   1 
ATOM   384  N NZ   . LYS A 1 27 ? -9.386  -7.461  3.088   1.00 1.42 ? 401 LYS A NZ   1 
ATOM   385  H H    . LYS A 1 27 ? -4.274  -10.263 0.847   1.00 0.15 ? 401 LYS A H    1 
ATOM   386  H HA   . LYS A 1 27 ? -6.451  -11.467 -0.487  1.00 0.20 ? 401 LYS A HA   1 
ATOM   387  H HB2  . LYS A 1 27 ? -5.652  -8.557  -0.299  1.00 0.26 ? 401 LYS A HB2  1 
ATOM   388  H HB3  . LYS A 1 27 ? -7.195  -9.160  -0.899  1.00 0.31 ? 401 LYS A HB3  1 
ATOM   389  H HG2  . LYS A 1 27 ? -7.676  -10.217 1.238   1.00 0.31 ? 401 LYS A HG2  1 
ATOM   390  H HG3  . LYS A 1 27 ? -6.107  -9.710  1.865   1.00 0.25 ? 401 LYS A HG3  1 
ATOM   391  H HD2  . LYS A 1 27 ? -6.741  -7.348  1.598   1.00 0.59 ? 401 LYS A HD2  1 
ATOM   392  H HD3  . LYS A 1 27 ? -8.297  -7.831  0.920   1.00 0.57 ? 401 LYS A HD3  1 
ATOM   393  H HE2  . LYS A 1 27 ? -8.280  -9.249  3.273   1.00 1.21 ? 401 LYS A HE2  1 
ATOM   394  H HE3  . LYS A 1 27 ? -7.409  -7.790  3.735   1.00 1.33 ? 401 LYS A HE3  1 
ATOM   395  H HZ1  . LYS A 1 27 ? -9.429  -6.920  3.974   1.00 1.95 ? 401 LYS A HZ1  1 
ATOM   396  H HZ2  . LYS A 1 27 ? -10.180 -8.133  3.051   1.00 1.96 ? 401 LYS A HZ2  1 
ATOM   397  H HZ3  . LYS A 1 27 ? -9.446  -6.808  2.281   1.00 1.98 ? 401 LYS A HZ3  1 
ATOM   398  N N    . ILE A 1 28 ? -4.237  -9.969  -2.399  1.00 0.26 ? 402 ILE A N    1 
ATOM   399  C CA   . ILE A 1 28 ? -3.766  -9.829  -3.771  1.00 0.34 ? 402 ILE A CA   1 
ATOM   400  C C    . ILE A 1 28 ? -3.458  -11.190 -4.382  1.00 0.31 ? 402 ILE A C    1 
ATOM   401  O O    . ILE A 1 28 ? -3.828  -11.469 -5.525  1.00 0.32 ? 402 ILE A O    1 
ATOM   402  C CB   . ILE A 1 28 ? -2.504  -8.971  -3.763  1.00 0.44 ? 402 ILE A CB   1 
ATOM   403  C CG1  . ILE A 1 28 ? -2.874  -7.536  -3.385  1.00 0.50 ? 402 ILE A CG1  1 
ATOM   404  C CG2  . ILE A 1 28 ? -1.833  -8.970  -5.137  1.00 0.55 ? 402 ILE A CG2  1 
ATOM   405  C CD1  . ILE A 1 28 ? -1.600  -6.729  -3.128  1.00 0.59 ? 402 ILE A CD1  1 
ATOM   406  H H    . ILE A 1 28 ? -3.718  -9.567  -1.671  1.00 0.27 ? 402 ILE A H    1 
ATOM   407  H HA   . ILE A 1 28 ? -4.522  -9.334  -4.360  1.00 0.38 ? 402 ILE A HA   1 
ATOM   408  H HB   . ILE A 1 28 ? -1.814  -9.365  -3.031  1.00 0.43 ? 402 ILE A HB   1 
ATOM   409  H HG12 . ILE A 1 28 ? -3.428  -7.084  -4.194  1.00 0.55 ? 402 ILE A HG12 1 
ATOM   410  H HG13 . ILE A 1 28 ? -3.480  -7.541  -2.494  1.00 0.45 ? 402 ILE A HG13 1 
ATOM   411  H HG21 . ILE A 1 28 ? -2.528  -8.604  -5.875  1.00 1.19 ? 402 ILE A HG21 1 
ATOM   412  H HG22 . ILE A 1 28 ? -1.519  -9.970  -5.396  1.00 1.19 ? 402 ILE A HG22 1 
ATOM   413  H HG23 . ILE A 1 28 ? -0.970  -8.324  -5.105  1.00 1.12 ? 402 ILE A HG23 1 
ATOM   414  H HD11 . ILE A 1 28 ? -1.552  -5.904  -3.820  1.00 1.22 ? 402 ILE A HD11 1 
ATOM   415  H HD12 . ILE A 1 28 ? -0.738  -7.360  -3.269  1.00 1.20 ? 402 ILE A HD12 1 
ATOM   416  H HD13 . ILE A 1 28 ? -1.610  -6.351  -2.118  1.00 1.13 ? 402 ILE A HD13 1 
ATOM   417  N N    . GLN A 1 29 ? -2.778  -12.028 -3.614  1.00 0.30 ? 403 GLN A N    1 
ATOM   418  C CA   . GLN A 1 29 ? -2.424  -13.360 -4.082  1.00 0.34 ? 403 GLN A CA   1 
ATOM   419  C C    . GLN A 1 29 ? -3.682  -14.195 -4.295  1.00 0.27 ? 403 GLN A C    1 
ATOM   420  O O    . GLN A 1 29 ? -3.793  -14.941 -5.266  1.00 0.29 ? 403 GLN A O    1 
ATOM   421  C CB   . GLN A 1 29 ? -1.514  -14.040 -3.055  1.00 0.40 ? 403 GLN A CB   1 
ATOM   422  C CG   . GLN A 1 29 ? -0.270  -13.164 -2.786  1.00 0.69 ? 403 GLN A CG   1 
ATOM   423  C CD   . GLN A 1 29 ? 1.004   -13.891 -3.218  1.00 1.45 ? 403 GLN A CD   1 
ATOM   424  O OE1  . GLN A 1 29 ? 1.099   -15.109 -3.082  1.00 2.25 ? 403 GLN A OE1  1 
ATOM   425  N NE2  . GLN A 1 29 ? 1.989   -13.210 -3.737  1.00 2.11 ? 403 GLN A NE2  1 
ATOM   426  H H    . GLN A 1 29 ? -2.510  -11.746 -2.715  1.00 0.30 ? 403 GLN A H    1 
ATOM   427  H HA   . GLN A 1 29 ? -1.894  -13.274 -5.018  1.00 0.39 ? 403 GLN A HA   1 
ATOM   428  H HB2  . GLN A 1 29 ? -2.063  -14.178 -2.133  1.00 0.58 ? 403 GLN A HB2  1 
ATOM   429  H HB3  . GLN A 1 29 ? -1.207  -15.004 -3.434  1.00 0.59 ? 403 GLN A HB3  1 
ATOM   430  H HG2  . GLN A 1 29 ? -0.348  -12.235 -3.336  1.00 1.26 ? 403 GLN A HG2  1 
ATOM   431  H HG3  . GLN A 1 29 ? -0.208  -12.943 -1.730  1.00 1.39 ? 403 GLN A HG3  1 
ATOM   432  H HE21 . GLN A 1 29 ? 1.910   -12.239 -3.847  1.00 2.26 ? 403 GLN A HE21 1 
ATOM   433  H HE22 . GLN A 1 29 ? 2.809   -13.669 -4.015  1.00 2.83 ? 403 GLN A HE22 1 
ATOM   434  N N    . ASP A 1 30 ? -4.637  -14.042 -3.388  1.00 0.22 ? 404 ASP A N    1 
ATOM   435  C CA   . ASP A 1 30 ? -5.898  -14.770 -3.484  1.00 0.22 ? 404 ASP A CA   1 
ATOM   436  C C    . ASP A 1 30 ? -6.639  -14.387 -4.767  1.00 0.19 ? 404 ASP A C    1 
ATOM   437  O O    . ASP A 1 30 ? -7.304  -15.218 -5.385  1.00 0.21 ? 404 ASP A O    1 
ATOM   438  C CB   . ASP A 1 30 ? -6.768  -14.445 -2.248  1.00 0.23 ? 404 ASP A CB   1 
ATOM   439  C CG   . ASP A 1 30 ? -7.073  -15.697 -1.417  1.00 1.10 ? 404 ASP A CG   1 
ATOM   440  O OD1  . ASP A 1 30 ? -6.737  -16.787 -1.849  1.00 1.74 ? 404 ASP A OD1  1 
ATOM   441  O OD2  . ASP A 1 30 ? -7.645  -15.541 -0.350  1.00 1.37 ? 404 ASP A OD2  1 
ATOM   442  H H    . ASP A 1 30 ? -4.501  -13.416 -2.648  1.00 0.21 ? 404 ASP A H    1 
ATOM   443  H HA   . ASP A 1 30 ? -5.685  -15.824 -3.510  1.00 0.28 ? 404 ASP A HA   1 
ATOM   444  H HB2  . ASP A 1 30 ? -6.240  -13.737 -1.628  1.00 0.79 ? 404 ASP A HB2  1 
ATOM   445  H HB3  . ASP A 1 30 ? -7.702  -14.000 -2.568  1.00 0.79 ? 404 ASP A HB3  1 
ATOM   446  N N    . ALA A 1 31 ? -6.550  -13.113 -5.133  1.00 0.17 ? 405 ALA A N    1 
ATOM   447  C CA   . ALA A 1 31 ? -7.248  -12.615 -6.314  1.00 0.19 ? 405 ALA A CA   1 
ATOM   448  C C    . ALA A 1 31 ? -6.583  -13.096 -7.605  1.00 0.19 ? 405 ALA A C    1 
ATOM   449  O O    . ALA A 1 31 ? -7.053  -12.789 -8.700  1.00 0.21 ? 405 ALA A O    1 
ATOM   450  C CB   . ALA A 1 31 ? -7.282  -11.083 -6.285  1.00 0.22 ? 405 ALA A CB   1 
ATOM   451  H H    . ALA A 1 31 ? -6.034  -12.490 -4.580  1.00 0.17 ? 405 ALA A H    1 
ATOM   452  H HA   . ALA A 1 31 ? -8.264  -12.979 -6.293  1.00 0.21 ? 405 ALA A HA   1 
ATOM   453  H HB1  . ALA A 1 31 ? -6.413  -10.714 -5.759  1.00 1.05 ? 405 ALA A HB1  1 
ATOM   454  H HB2  . ALA A 1 31 ? -8.176  -10.754 -5.776  1.00 1.02 ? 405 ALA A HB2  1 
ATOM   455  H HB3  . ALA A 1 31 ? -7.282  -10.697 -7.295  1.00 1.05 ? 405 ALA A HB3  1 
ATOM   456  N N    . GLY A 1 32 ? -5.517  -13.879 -7.477  1.00 0.19 ? 406 GLY A N    1 
ATOM   457  C CA   . GLY A 1 32 ? -4.845  -14.416 -8.655  1.00 0.21 ? 406 GLY A CA   1 
ATOM   458  C C    . GLY A 1 32 ? -4.015  -13.350 -9.359  1.00 0.20 ? 406 GLY A C    1 
ATOM   459  O O    . GLY A 1 32 ? -3.731  -13.465 -10.551 1.00 0.21 ? 406 GLY A O    1 
ATOM   460  H H    . GLY A 1 32 ? -5.197  -14.134 -6.586  1.00 0.18 ? 406 GLY A H    1 
ATOM   461  H HA2  . GLY A 1 32 ? -4.199  -15.228 -8.355  1.00 0.22 ? 406 GLY A HA2  1 
ATOM   462  H HA3  . GLY A 1 32 ? -5.588  -14.791 -9.343  1.00 0.23 ? 406 GLY A HA3  1 
ATOM   463  N N    . LEU A 1 33 ? -3.633  -12.309 -8.626  1.00 0.19 ? 407 LEU A N    1 
ATOM   464  C CA   . LEU A 1 33 ? -2.841  -11.235 -9.217  1.00 0.20 ? 407 LEU A CA   1 
ATOM   465  C C    . LEU A 1 33 ? -1.364  -11.431 -8.899  1.00 0.20 ? 407 LEU A C    1 
ATOM   466  O O    . LEU A 1 33 ? -0.743  -10.595 -8.242  1.00 0.19 ? 407 LEU A O    1 
ATOM   467  C CB   . LEU A 1 33 ? -3.298  -9.879  -8.668  1.00 0.21 ? 407 LEU A CB   1 
ATOM   468  C CG   . LEU A 1 33 ? -4.780  -9.620  -9.003  1.00 0.23 ? 407 LEU A CG   1 
ATOM   469  C CD1  . LEU A 1 33 ? -5.314  -8.464  -8.138  1.00 0.24 ? 407 LEU A CD1  1 
ATOM   470  C CD2  . LEU A 1 33 ? -4.943  -9.239  -10.490 1.00 0.32 ? 407 LEU A CD2  1 
ATOM   471  H H    . LEU A 1 33 ? -3.889  -12.260 -7.679  1.00 0.19 ? 407 LEU A H    1 
ATOM   472  H HA   . LEU A 1 33 ? -2.966  -11.251 -10.285 1.00 0.22 ? 407 LEU A HA   1 
ATOM   473  H HB2  . LEU A 1 33 ? -3.168  -9.882  -7.600  1.00 0.23 ? 407 LEU A HB2  1 
ATOM   474  H HB3  . LEU A 1 33 ? -2.692  -9.095  -9.099  1.00 0.24 ? 407 LEU A HB3  1 
ATOM   475  H HG   . LEU A 1 33 ? -5.352  -10.513 -8.796  1.00 0.27 ? 407 LEU A HG   1 
ATOM   476  H HD11 . LEU A 1 33 ? -5.165  -7.528  -8.653  1.00 1.04 ? 407 LEU A HD11 1 
ATOM   477  H HD12 . LEU A 1 33 ? -4.792  -8.437  -7.194  1.00 1.04 ? 407 LEU A HD12 1 
ATOM   478  H HD13 . LEU A 1 33 ? -6.369  -8.610  -7.959  1.00 1.07 ? 407 LEU A HD13 1 
ATOM   479  H HD21 . LEU A 1 33 ? -4.147  -9.666  -11.073 1.00 1.09 ? 407 LEU A HD21 1 
ATOM   480  H HD22 . LEU A 1 33 ? -4.918  -8.165  -10.596 1.00 1.07 ? 407 LEU A HD22 1 
ATOM   481  H HD23 . LEU A 1 33 ? -5.891  -9.611  -10.850 1.00 1.05 ? 407 LEU A HD23 1 
ATOM   482  N N    . SER A 1 34 ? -0.813  -12.548 -9.360  1.00 0.20 ? 408 SER A N    1 
ATOM   483  C CA   . SER A 1 34 ? 0.586   -12.858 -9.107  1.00 0.22 ? 408 SER A CA   1 
ATOM   484  C C    . SER A 1 34 ? 1.484   -11.787 -9.713  1.00 0.22 ? 408 SER A C    1 
ATOM   485  O O    . SER A 1 34 ? 2.674   -11.715 -9.406  1.00 0.24 ? 408 SER A O    1 
ATOM   486  C CB   . SER A 1 34 ? 0.935   -14.216 -9.715  1.00 0.24 ? 408 SER A CB   1 
ATOM   487  O OG   . SER A 1 34 ? 1.147   -14.065 -11.112 1.00 1.33 ? 408 SER A OG   1 
ATOM   488  H H    . SER A 1 34 ? -1.368  -13.192 -9.844  1.00 0.21 ? 408 SER A H    1 
ATOM   489  H HA   . SER A 1 34 ? 0.752   -12.897 -8.041  1.00 0.22 ? 408 SER A HA   1 
ATOM   490  H HB2  . SER A 1 34 ? 1.834   -14.598 -9.258  1.00 1.04 ? 408 SER A HB2  1 
ATOM   491  H HB3  . SER A 1 34 ? 0.122   -14.908 -9.537  1.00 1.02 ? 408 SER A HB3  1 
ATOM   492  H HG   . SER A 1 34 ? 2.077   -13.876 -11.252 1.00 1.92 ? 408 SER A HG   1 
ATOM   493  N N    . GLN A 1 35 ? 0.918   -10.976 -10.604 1.00 0.22 ? 409 GLN A N    1 
ATOM   494  C CA   . GLN A 1 35 ? 1.692   -9.940  -11.278 1.00 0.24 ? 409 GLN A CA   1 
ATOM   495  C C    . GLN A 1 35 ? 1.952   -8.759  -10.349 1.00 0.24 ? 409 GLN A C    1 
ATOM   496  O O    . GLN A 1 35 ? 2.900   -7.999  -10.549 1.00 0.28 ? 409 GLN A O    1 
ATOM   497  C CB   . GLN A 1 35 ? 0.938   -9.454  -12.516 1.00 0.24 ? 409 GLN A CB   1 
ATOM   498  C CG   . GLN A 1 35 ? 0.719   -10.629 -13.468 1.00 0.28 ? 409 GLN A CG   1 
ATOM   499  C CD   . GLN A 1 35 ? 0.197   -10.126 -14.807 1.00 1.35 ? 409 GLN A CD   1 
ATOM   500  O OE1  . GLN A 1 35 ? -0.365  -9.033  -14.888 1.00 2.21 ? 409 GLN A OE1  1 
ATOM   501  N NE2  . GLN A 1 35 ? 0.353   -10.862 -15.873 1.00 2.02 ? 409 GLN A NE2  1 
ATOM   502  H H    . GLN A 1 35 ? -0.020  -11.112 -10.852 1.00 0.21 ? 409 GLN A H    1 
ATOM   503  H HA   . GLN A 1 35 ? 2.638   -10.356 -11.589 1.00 0.25 ? 409 GLN A HA   1 
ATOM   504  H HB2  . GLN A 1 35 ? -0.017  -9.046  -12.218 1.00 0.24 ? 409 GLN A HB2  1 
ATOM   505  H HB3  . GLN A 1 35 ? 1.516   -8.690  -13.015 1.00 0.26 ? 409 GLN A HB3  1 
ATOM   506  H HG2  . GLN A 1 35 ? 1.652   -11.150 -13.617 1.00 0.98 ? 409 GLN A HG2  1 
ATOM   507  H HG3  . GLN A 1 35 ? -0.005  -11.306 -13.037 1.00 0.90 ? 409 GLN A HG3  1 
ATOM   508  H HE21 . GLN A 1 35 ? 0.803   -11.731 -15.806 1.00 2.16 ? 409 GLN A HE21 1 
ATOM   509  H HE22 . GLN A 1 35 ? 0.026   -10.546 -16.740 1.00 2.75 ? 409 GLN A HE22 1 
ATOM   510  N N    . ILE A 1 36 ? 1.119   -8.618  -9.327  1.00 0.21 ? 410 ILE A N    1 
ATOM   511  C CA   . ILE A 1 36 ? 1.296   -7.531  -8.374  1.00 0.22 ? 410 ILE A CA   1 
ATOM   512  C C    . ILE A 1 36 ? 2.242   -7.965  -7.259  1.00 0.23 ? 410 ILE A C    1 
ATOM   513  O O    . ILE A 1 36 ? 2.124   -9.068  -6.727  1.00 0.23 ? 410 ILE A O    1 
ATOM   514  C CB   . ILE A 1 36 ? -0.051  -7.105  -7.775  1.00 0.21 ? 410 ILE A CB   1 
ATOM   515  C CG1  . ILE A 1 36 ? -0.971  -6.614  -8.902  1.00 0.25 ? 410 ILE A CG1  1 
ATOM   516  C CG2  . ILE A 1 36 ? 0.166   -5.975  -6.744  1.00 0.23 ? 410 ILE A CG2  1 
ATOM   517  C CD1  . ILE A 1 36 ? -2.374  -6.334  -8.351  1.00 0.27 ? 410 ILE A CD1  1 
ATOM   518  H H    . ILE A 1 36 ? 0.387   -9.258  -9.211  1.00 0.20 ? 410 ILE A H    1 
ATOM   519  H HA   . ILE A 1 36 ? 1.729   -6.686  -8.888  1.00 0.25 ? 410 ILE A HA   1 
ATOM   520  H HB   . ILE A 1 36 ? -0.505  -7.955  -7.288  1.00 0.20 ? 410 ILE A HB   1 
ATOM   521  H HG12 . ILE A 1 36 ? -0.566  -5.709  -9.323  1.00 0.27 ? 410 ILE A HG12 1 
ATOM   522  H HG13 . ILE A 1 36 ? -1.033  -7.368  -9.672  1.00 0.25 ? 410 ILE A HG13 1 
ATOM   523  H HG21 . ILE A 1 36 ? 1.213   -5.704  -6.706  1.00 1.03 ? 410 ILE A HG21 1 
ATOM   524  H HG22 . ILE A 1 36 ? -0.149  -6.310  -5.769  1.00 1.04 ? 410 ILE A HG22 1 
ATOM   525  H HG23 . ILE A 1 36 ? -0.414  -5.106  -7.025  1.00 1.04 ? 410 ILE A HG23 1 
ATOM   526  H HD11 . ILE A 1 36 ? -3.111  -6.639  -9.079  1.00 1.06 ? 410 ILE A HD11 1 
ATOM   527  H HD12 . ILE A 1 36 ? -2.479  -5.276  -8.158  1.00 1.04 ? 410 ILE A HD12 1 
ATOM   528  H HD13 . ILE A 1 36 ? -2.526  -6.884  -7.434  1.00 1.03 ? 410 ILE A HD13 1 
ATOM   529  N N    . SER A 1 37 ? 3.195   -7.098  -6.926  1.00 0.26 ? 411 SER A N    1 
ATOM   530  C CA   . SER A 1 37 ? 4.181   -7.406  -5.891  1.00 0.29 ? 411 SER A CA   1 
ATOM   531  C C    . SER A 1 37 ? 3.920   -6.577  -4.640  1.00 0.23 ? 411 SER A C    1 
ATOM   532  O O    . SER A 1 37 ? 3.457   -5.438  -4.732  1.00 0.34 ? 411 SER A O    1 
ATOM   533  C CB   . SER A 1 37 ? 5.587   -7.117  -6.416  1.00 0.45 ? 411 SER A CB   1 
ATOM   534  O OG   . SER A 1 37 ? 6.451   -6.850  -5.320  1.00 1.43 ? 411 SER A OG   1 
ATOM   535  H H    . SER A 1 37 ? 3.250   -6.243  -7.402  1.00 0.28 ? 411 SER A H    1 
ATOM   536  H HA   . SER A 1 37 ? 4.113   -8.454  -5.638  1.00 0.33 ? 411 SER A HA   1 
ATOM   537  H HB2  . SER A 1 37 ? 5.954   -7.973  -6.957  1.00 1.12 ? 411 SER A HB2  1 
ATOM   538  H HB3  . SER A 1 37 ? 5.554   -6.263  -7.079  1.00 1.10 ? 411 SER A HB3  1 
ATOM   539  H HG   . SER A 1 37 ? 7.186   -6.323  -5.643  1.00 1.98 ? 411 SER A HG   1 
ATOM   540  N N    . VAL A 1 38 ? 4.195   -7.163  -3.474  1.00 0.22 ? 412 VAL A N    1 
ATOM   541  C CA   . VAL A 1 38 ? 3.963   -6.477  -2.201  1.00 0.22 ? 412 VAL A CA   1 
ATOM   542  C C    . VAL A 1 38 ? 5.167   -6.557  -1.273  1.00 0.22 ? 412 VAL A C    1 
ATOM   543  O O    . VAL A 1 38 ? 5.670   -7.638  -0.968  1.00 0.27 ? 412 VAL A O    1 
ATOM   544  C CB   . VAL A 1 38 ? 2.737   -7.084  -1.504  1.00 0.34 ? 412 VAL A CB   1 
ATOM   545  C CG1  . VAL A 1 38 ? 2.739   -6.736  -0.007  1.00 1.33 ? 412 VAL A CG1  1 
ATOM   546  C CG2  . VAL A 1 38 ? 1.477   -6.508  -2.136  1.00 1.21 ? 412 VAL A CG2  1 
ATOM   547  H H    . VAL A 1 38 ? 4.545   -8.079  -3.469  1.00 0.32 ? 412 VAL A H    1 
ATOM   548  H HA   . VAL A 1 38 ? 3.759   -5.435  -2.402  1.00 0.24 ? 412 VAL A HA   1 
ATOM   549  H HB   . VAL A 1 38 ? 2.746   -8.156  -1.629  1.00 1.02 ? 412 VAL A HB   1 
ATOM   550  H HG11 . VAL A 1 38 ? 3.264   -7.508  0.538   1.00 1.88 ? 412 VAL A HG11 1 
ATOM   551  H HG12 . VAL A 1 38 ? 1.723   -6.672  0.354   1.00 1.92 ? 412 VAL A HG12 1 
ATOM   552  H HG13 . VAL A 1 38 ? 3.233   -5.789  0.147   1.00 1.91 ? 412 VAL A HG13 1 
ATOM   553  H HG21 . VAL A 1 38 ? 1.423   -6.803  -3.171  1.00 1.86 ? 412 VAL A HG21 1 
ATOM   554  H HG22 . VAL A 1 38 ? 1.505   -5.432  -2.067  1.00 1.78 ? 412 VAL A HG22 1 
ATOM   555  H HG23 . VAL A 1 38 ? 0.615   -6.876  -1.603  1.00 1.78 ? 412 VAL A HG23 1 
ATOM   556  N N    . THR A 1 39 ? 5.567   -5.395  -0.777  1.00 0.21 ? 413 THR A N    1 
ATOM   557  C CA   . THR A 1 39 ? 6.660   -5.320  0.186   1.00 0.24 ? 413 THR A CA   1 
ATOM   558  C C    . THR A 1 39 ? 6.435   -4.164  1.153   1.00 0.20 ? 413 THR A C    1 
ATOM   559  O O    . THR A 1 39 ? 5.519   -3.364  0.978   1.00 0.22 ? 413 THR A O    1 
ATOM   560  C CB   . THR A 1 39 ? 7.999   -5.149  -0.531  1.00 0.28 ? 413 THR A CB   1 
ATOM   561  O OG1  . THR A 1 39 ? 8.155   -3.795  -0.929  1.00 0.28 ? 413 THR A OG1  1 
ATOM   562  C CG2  . THR A 1 39 ? 8.043   -6.059  -1.758  1.00 0.32 ? 413 THR A CG2  1 
ATOM   563  H H    . THR A 1 39 ? 5.086   -4.573  -1.045  1.00 0.20 ? 413 THR A H    1 
ATOM   564  H HA   . THR A 1 39 ? 6.685   -6.242  0.750   1.00 0.29 ? 413 THR A HA   1 
ATOM   565  H HB   . THR A 1 39 ? 8.801   -5.420  0.139   1.00 0.33 ? 413 THR A HB   1 
ATOM   566  H HG1  . THR A 1 39 ? 7.627   -3.655  -1.717  1.00 0.94 ? 413 THR A HG1  1 
ATOM   567  H HG21 . THR A 1 39 ? 7.289   -5.746  -2.465  1.00 1.02 ? 413 THR A HG21 1 
ATOM   568  H HG22 . THR A 1 39 ? 7.852   -7.079  -1.456  1.00 1.09 ? 413 THR A HG22 1 
ATOM   569  H HG23 . THR A 1 39 ? 9.017   -5.997  -2.218  1.00 1.06 ? 413 THR A HG23 1 
ATOM   570  N N    . ASN A 1 40 ? 7.277   -4.069  2.174   1.00 0.22 ? 414 ASN A N    1 
ATOM   571  C CA   . ASN A 1 40 ? 7.163   -2.983  3.141   1.00 0.21 ? 414 ASN A CA   1 
ATOM   572  C C    . ASN A 1 40 ? 8.539   -2.420  3.449   1.00 0.20 ? 414 ASN A C    1 
ATOM   573  O O    . ASN A 1 40 ? 9.543   -3.123  3.350   1.00 0.23 ? 414 ASN A O    1 
ATOM   574  C CB   . ASN A 1 40 ? 6.510   -3.475  4.431   1.00 0.26 ? 414 ASN A CB   1 
ATOM   575  C CG   . ASN A 1 40 ? 7.371   -4.545  5.091   1.00 0.75 ? 414 ASN A CG   1 
ATOM   576  O OD1  . ASN A 1 40 ? 8.458   -4.857  4.607   1.00 1.33 ? 414 ASN A OD1  1 
ATOM   577  N ND2  . ASN A 1 40 ? 6.944   -5.130  6.177   1.00 0.99 ? 414 ASN A ND2  1 
ATOM   578  H H    . ASN A 1 40 ? 7.997   -4.726  2.276   1.00 0.27 ? 414 ASN A H    1 
ATOM   579  H HA   . ASN A 1 40 ? 6.552   -2.197  2.720   1.00 0.20 ? 414 ASN A HA   1 
ATOM   580  H HB2  . ASN A 1 40 ? 6.388   -2.645  5.110   1.00 0.72 ? 414 ASN A HB2  1 
ATOM   581  H HB3  . ASN A 1 40 ? 5.547   -3.889  4.199   1.00 0.74 ? 414 ASN A HB3  1 
ATOM   582  H HD21 . ASN A 1 40 ? 6.077   -4.879  6.560   1.00 0.92 ? 414 ASN A HD21 1 
ATOM   583  H HD22 . ASN A 1 40 ? 7.490   -5.820  6.610   1.00 1.48 ? 414 ASN A HD22 1 
ATOM   584  N N    . SER A 1 41 ? 8.581   -1.147  3.817   1.00 0.19 ? 415 SER A N    1 
ATOM   585  C CA   . SER A 1 41 ? 9.842   -0.498  4.130   1.00 0.20 ? 415 SER A CA   1 
ATOM   586  C C    . SER A 1 41 ? 9.587   0.824   4.841   1.00 0.19 ? 415 SER A C    1 
ATOM   587  O O    . SER A 1 41 ? 8.467   1.334   4.841   1.00 0.19 ? 415 SER A O    1 
ATOM   588  C CB   . SER A 1 41 ? 10.637  -0.263  2.840   1.00 0.23 ? 415 SER A CB   1 
ATOM   589  O OG   . SER A 1 41 ? 11.053  1.094   2.780   1.00 1.38 ? 415 SER A OG   1 
ATOM   590  H H    . SER A 1 41 ? 7.748   -0.636  3.883   1.00 0.18 ? 415 SER A H    1 
ATOM   591  H HA   . SER A 1 41 ? 10.413  -1.142  4.782   1.00 0.23 ? 415 SER A HA   1 
ATOM   592  H HB2  . SER A 1 41 ? 11.507  -0.901  2.825   1.00 1.02 ? 415 SER A HB2  1 
ATOM   593  H HB3  . SER A 1 41 ? 10.012  -0.496  1.988   1.00 1.01 ? 415 SER A HB3  1 
ATOM   594  H HG   . SER A 1 41 ? 11.168  1.409   3.679   1.00 1.89 ? 415 SER A HG   1 
ATOM   595  N N    . ALA A 1 42 ? 10.628  1.375   5.449   1.00 0.20 ? 416 ALA A N    1 
ATOM   596  C CA   . ALA A 1 42 ? 10.503  2.639   6.164   1.00 0.20 ? 416 ALA A CA   1 
ATOM   597  C C    . ALA A 1 42 ? 10.157  3.771   5.193   1.00 0.22 ? 416 ALA A C    1 
ATOM   598  O O    . ALA A 1 42 ? 10.484  3.705   4.009   1.00 0.22 ? 416 ALA A O    1 
ATOM   599  C CB   . ALA A 1 42 ? 11.822  2.946   6.896   1.00 0.23 ? 416 ALA A CB   1 
ATOM   600  H H    . ALA A 1 42 ? 11.498  0.923   5.416   1.00 0.22 ? 416 ALA A H    1 
ATOM   601  H HA   . ALA A 1 42 ? 9.711   2.549   6.892   1.00 0.20 ? 416 ALA A HA   1 
ATOM   602  H HB1  . ALA A 1 42 ? 11.630  3.073   7.952   1.00 1.06 ? 416 ALA A HB1  1 
ATOM   603  H HB2  . ALA A 1 42 ? 12.264  3.851   6.502   1.00 1.03 ? 416 ALA A HB2  1 
ATOM   604  H HB3  . ALA A 1 42 ? 12.508  2.124   6.755   1.00 1.03 ? 416 ALA A HB3  1 
ATOM   605  N N    . ILE A 1 43 ? 9.506   4.813   5.701   1.00 0.24 ? 417 ILE A N    1 
ATOM   606  C CA   . ILE A 1 43 ? 9.135   5.949   4.859   1.00 0.28 ? 417 ILE A CA   1 
ATOM   607  C C    . ILE A 1 43 ? 10.383  6.560   4.243   1.00 0.30 ? 417 ILE A C    1 
ATOM   608  O O    . ILE A 1 43 ? 10.391  6.920   3.066   1.00 0.32 ? 417 ILE A O    1 
ATOM   609  C CB   . ILE A 1 43 ? 8.393   7.006   5.683   1.00 0.31 ? 417 ILE A CB   1 
ATOM   610  C CG1  . ILE A 1 43 ? 7.038   6.450   6.112   1.00 0.33 ? 417 ILE A CG1  1 
ATOM   611  C CG2  . ILE A 1 43 ? 8.150   8.274   4.851   1.00 0.36 ? 417 ILE A CG2  1 
ATOM   612  C CD1  . ILE A 1 43 ? 6.373   7.412   7.093   1.00 0.37 ? 417 ILE A CD1  1 
ATOM   613  H H    . ILE A 1 43 ? 9.270   4.819   6.655   1.00 0.24 ? 417 ILE A H    1 
ATOM   614  H HA   . ILE A 1 43 ? 8.487   5.602   4.068   1.00 0.29 ? 417 ILE A HA   1 
ATOM   615  H HB   . ILE A 1 43 ? 8.976   7.253   6.558   1.00 0.31 ? 417 ILE A HB   1 
ATOM   616  H HG12 . ILE A 1 43 ? 6.407   6.344   5.242   1.00 0.34 ? 417 ILE A HG12 1 
ATOM   617  H HG13 . ILE A 1 43 ? 7.170   5.489   6.581   1.00 0.30 ? 417 ILE A HG13 1 
ATOM   618  H HG21 . ILE A 1 43 ? 7.722   9.035   5.486   1.00 1.07 ? 417 ILE A HG21 1 
ATOM   619  H HG22 . ILE A 1 43 ? 7.465   8.052   4.049   1.00 1.07 ? 417 ILE A HG22 1 
ATOM   620  H HG23 . ILE A 1 43 ? 9.081   8.635   4.442   1.00 1.10 ? 417 ILE A HG23 1 
ATOM   621  H HD11 . ILE A 1 43 ? 5.742   8.084   6.538   1.00 1.08 ? 417 ILE A HD11 1 
ATOM   622  H HD12 . ILE A 1 43 ? 7.124   7.979   7.624   1.00 1.09 ? 417 ILE A HD12 1 
ATOM   623  H HD13 . ILE A 1 43 ? 5.777   6.856   7.798   1.00 1.08 ? 417 ILE A HD13 1 
ATOM   624  N N    . ASN A 1 44 ? 11.437  6.686   5.039   1.00 0.30 ? 418 ASN A N    1 
ATOM   625  C CA   . ASN A 1 44 ? 12.675  7.269   4.545   1.00 0.33 ? 418 ASN A CA   1 
ATOM   626  C C    . ASN A 1 44 ? 13.139  6.521   3.303   1.00 0.35 ? 418 ASN A C    1 
ATOM   627  O O    . ASN A 1 44 ? 13.952  7.030   2.532   1.00 0.38 ? 418 ASN A O    1 
ATOM   628  C CB   . ASN A 1 44 ? 13.771  7.187   5.621   1.00 0.34 ? 418 ASN A CB   1 
ATOM   629  C CG   . ASN A 1 44 ? 13.764  8.427   6.516   1.00 1.27 ? 418 ASN A CG   1 
ATOM   630  O OD1  . ASN A 1 44 ? 14.099  8.337   7.696   1.00 1.87 ? 418 ASN A OD1  1 
ATOM   631  N ND2  . ASN A 1 44 ? 13.419  9.588   6.024   1.00 2.02 ? 418 ASN A ND2  1 
ATOM   632  H H    . ASN A 1 44 ? 11.380  6.410   5.978   1.00 0.28 ? 418 ASN A H    1 
ATOM   633  H HA   . ASN A 1 44 ? 12.502  8.302   4.292   1.00 0.36 ? 418 ASN A HA   1 
ATOM   634  H HB2  . ASN A 1 44 ? 13.599  6.312   6.231   1.00 0.98 ? 418 ASN A HB2  1 
ATOM   635  H HB3  . ASN A 1 44 ? 14.738  7.100   5.145   1.00 0.97 ? 418 ASN A HB3  1 
ATOM   636  H HD21 . ASN A 1 44 ? 13.164  9.667   5.083   1.00 2.05 ? 418 ASN A HD21 1 
ATOM   637  H HD22 . ASN A 1 44 ? 13.422  10.382  6.599   1.00 2.77 ? 418 ASN A HD22 1 
ATOM   638  N N    . ASN A 1 45 ? 12.631  5.301   3.117   1.00 0.33 ? 419 ASN A N    1 
ATOM   639  C CA   . ASN A 1 45 ? 13.016  4.482   1.975   1.00 0.37 ? 419 ASN A CA   1 
ATOM   640  C C    . ASN A 1 45 ? 11.798  4.108   1.118   1.00 0.38 ? 419 ASN A C    1 
ATOM   641  O O    . ASN A 1 45 ? 11.124  3.115   1.392   1.00 0.42 ? 419 ASN A O    1 
ATOM   642  C CB   . ASN A 1 45 ? 13.701  3.200   2.494   1.00 0.39 ? 419 ASN A CB   1 
ATOM   643  C CG   . ASN A 1 45 ? 15.169  3.129   2.067   1.00 1.22 ? 419 ASN A CG   1 
ATOM   644  O OD1  . ASN A 1 45 ? 15.598  3.844   1.162   1.00 2.00 ? 419 ASN A OD1  1 
ATOM   645  N ND2  . ASN A 1 45 ? 15.965  2.289   2.668   1.00 1.88 ? 419 ASN A ND2  1 
ATOM   646  H H    . ASN A 1 45 ? 11.984  4.938   3.751   1.00 0.30 ? 419 ASN A H    1 
ATOM   647  H HA   . ASN A 1 45 ? 13.711  5.034   1.363   1.00 0.39 ? 419 ASN A HA   1 
ATOM   648  H HB2  . ASN A 1 45 ? 13.654  3.196   3.573   1.00 0.92 ? 419 ASN A HB2  1 
ATOM   649  H HB3  . ASN A 1 45 ? 13.182  2.329   2.118   1.00 0.93 ? 419 ASN A HB3  1 
ATOM   650  H HD21 . ASN A 1 45 ? 15.620  1.714   3.384   1.00 2.09 ? 419 ASN A HD21 1 
ATOM   651  H HD22 . ASN A 1 45 ? 16.906  2.230   2.403   1.00 2.53 ? 419 ASN A HD22 1 
ATOM   652  N N    . LEU A 1 46 ? 11.576  4.851   0.037   1.00 0.37 ? 420 LEU A N    1 
ATOM   653  C CA   . LEU A 1 46 ? 10.501  4.522   -0.901  1.00 0.39 ? 420 LEU A CA   1 
ATOM   654  C C    . LEU A 1 46 ? 11.000  4.746   -2.331  1.00 0.41 ? 420 LEU A C    1 
ATOM   655  O O    . LEU A 1 46 ? 11.270  5.885   -2.713  1.00 0.63 ? 420 LEU A O    1 
ATOM   656  C CB   . LEU A 1 46 ? 9.260   5.391   -0.670  1.00 0.40 ? 420 LEU A CB   1 
ATOM   657  C CG   . LEU A 1 46 ? 8.660   5.105   0.714   1.00 0.41 ? 420 LEU A CG   1 
ATOM   658  C CD1  . LEU A 1 46 ? 7.516   6.093   0.998   1.00 0.44 ? 420 LEU A CD1  1 
ATOM   659  C CD2  . LEU A 1 46 ? 8.117   3.662   0.758   1.00 0.51 ? 420 LEU A CD2  1 
ATOM   660  H H    . LEU A 1 46 ? 12.181  5.594   -0.167  1.00 0.38 ? 420 LEU A H    1 
ATOM   661  H HA   . LEU A 1 46 ? 10.230  3.490   -0.764  1.00 0.43 ? 420 LEU A HA   1 
ATOM   662  H HB2  . LEU A 1 46 ? 9.536   6.425   -0.742  1.00 0.40 ? 420 LEU A HB2  1 
ATOM   663  H HB3  . LEU A 1 46 ? 8.525   5.167   -1.427  1.00 0.44 ? 420 LEU A HB3  1 
ATOM   664  H HG   . LEU A 1 46 ? 9.427   5.223   1.466   1.00 0.42 ? 420 LEU A HG   1 
ATOM   665  H HD11 . LEU A 1 46 ? 6.584   5.679   0.645   1.00 1.15 ? 420 LEU A HD11 1 
ATOM   666  H HD12 . LEU A 1 46 ? 7.706   7.027   0.494   1.00 1.12 ? 420 LEU A HD12 1 
ATOM   667  H HD13 . LEU A 1 46 ? 7.448   6.266   2.062   1.00 1.07 ? 420 LEU A HD13 1 
ATOM   668  H HD21 . LEU A 1 46 ? 7.143   3.652   1.227   1.00 1.16 ? 420 LEU A HD21 1 
ATOM   669  H HD22 . LEU A 1 46 ? 8.793   3.044   1.329   1.00 1.09 ? 420 LEU A HD22 1 
ATOM   670  H HD23 . LEU A 1 46 ? 8.032   3.268   -0.245  1.00 1.19 ? 420 LEU A HD23 1 
ATOM   671  N N    . PRO A 1 47 ? 11.152  3.711   -3.124  1.00 0.30 ? 421 PRO A N    1 
ATOM   672  C CA   . PRO A 1 47 ? 11.655  3.877   -4.512  1.00 0.32 ? 421 PRO A CA   1 
ATOM   673  C C    . PRO A 1 47 ? 10.728  4.786   -5.337  1.00 0.31 ? 421 PRO A C    1 
ATOM   674  O O    . PRO A 1 47 ? 9.507   4.656   -5.257  1.00 0.36 ? 421 PRO A O    1 
ATOM   675  C CB   . PRO A 1 47 ? 11.714  2.455   -5.099  1.00 0.37 ? 421 PRO A CB   1 
ATOM   676  C CG   . PRO A 1 47 ? 11.201  1.508   -4.049  1.00 0.77 ? 421 PRO A CG   1 
ATOM   677  C CD   . PRO A 1 47 ? 10.861  2.309   -2.789  1.00 0.45 ? 421 PRO A CD   1 
ATOM   678  H HA   . PRO A 1 47 ? 12.649  4.285   -4.476  1.00 0.34 ? 421 PRO A HA   1 
ATOM   679  H HB2  . PRO A 1 47 ? 11.099  2.394   -5.988  1.00 0.57 ? 421 PRO A HB2  1 
ATOM   680  H HB3  . PRO A 1 47 ? 12.737  2.205   -5.348  1.00 0.67 ? 421 PRO A HB3  1 
ATOM   681  H HG2  . PRO A 1 47 ? 10.313  1.006   -4.412  1.00 1.20 ? 421 PRO A HG2  1 
ATOM   682  H HG3  . PRO A 1 47 ? 11.959  0.774   -3.812  1.00 1.27 ? 421 PRO A HG3  1 
ATOM   683  H HD2  . PRO A 1 47 ? 9.813   2.191   -2.547  1.00 0.49 ? 421 PRO A HD2  1 
ATOM   684  H HD3  . PRO A 1 47 ? 11.477  1.991   -1.961  1.00 0.55 ? 421 PRO A HD3  1 
ATOM   685  N N    . PRO A 1 48 ? 11.270  5.696   -6.117  1.00 0.31 ? 422 PRO A N    1 
ATOM   686  C CA   . PRO A 1 48 ? 10.436  6.617   -6.941  1.00 0.33 ? 422 PRO A CA   1 
ATOM   687  C C    . PRO A 1 48 ? 9.578   5.870   -7.967  1.00 0.35 ? 422 PRO A C    1 
ATOM   688  O O    . PRO A 1 48 ? 8.637   6.438   -8.521  1.00 0.45 ? 422 PRO A O    1 
ATOM   689  C CB   . PRO A 1 48 ? 11.438  7.547   -7.654  1.00 0.36 ? 422 PRO A CB   1 
ATOM   690  C CG   . PRO A 1 48 ? 12.821  7.055   -7.332  1.00 0.67 ? 422 PRO A CG   1 
ATOM   691  C CD   . PRO A 1 48 ? 12.711  5.950   -6.277  1.00 0.40 ? 422 PRO A CD   1 
ATOM   692  H HA   . PRO A 1 48 ? 9.801   7.206   -6.300  1.00 0.33 ? 422 PRO A HA   1 
ATOM   693  H HB2  . PRO A 1 48 ? 11.276  7.520   -8.725  1.00 0.61 ? 422 PRO A HB2  1 
ATOM   694  H HB3  . PRO A 1 48 ? 11.317  8.559   -7.295  1.00 0.56 ? 422 PRO A HB3  1 
ATOM   695  H HG2  . PRO A 1 48 ? 13.289  6.663   -8.225  1.00 1.03 ? 422 PRO A HG2  1 
ATOM   696  H HG3  . PRO A 1 48 ? 13.418  7.867   -6.939  1.00 1.11 ? 422 PRO A HG3  1 
ATOM   697  H HD2  . PRO A 1 48 ? 13.215  5.055   -6.617  1.00 0.37 ? 422 PRO A HD2  1 
ATOM   698  H HD3  . PRO A 1 48 ? 13.134  6.287   -5.342  1.00 0.49 ? 422 PRO A HD3  1 
ATOM   699  N N    . ASP A 1 49 ? 9.928   4.620   -8.253  1.00 0.31 ? 423 ASP A N    1 
ATOM   700  C CA   . ASP A 1 49 ? 9.189   3.860   -9.257  1.00 0.34 ? 423 ASP A CA   1 
ATOM   701  C C    . ASP A 1 49 ? 7.912   3.255   -8.680  1.00 0.30 ? 423 ASP A C    1 
ATOM   702  O O    . ASP A 1 49 ? 7.131   2.648   -9.413  1.00 0.30 ? 423 ASP A O    1 
ATOM   703  C CB   . ASP A 1 49 ? 10.055  2.725   -9.805  1.00 0.39 ? 423 ASP A CB   1 
ATOM   704  C CG   . ASP A 1 49 ? 11.461  3.229   -10.110 1.00 1.43 ? 423 ASP A CG   1 
ATOM   705  O OD1  . ASP A 1 49 ? 11.680  4.423   -9.994  1.00 2.33 ? 423 ASP A OD1  1 
ATOM   706  O OD2  . ASP A 1 49 ? 12.298  2.411   -10.454 1.00 1.72 ? 423 ASP A OD2  1 
ATOM   707  H H    . ASP A 1 49 ? 10.705  4.218   -7.813  1.00 0.33 ? 423 ASP A H    1 
ATOM   708  H HA   . ASP A 1 49 ? 8.927   4.518   -10.071 1.00 0.37 ? 423 ASP A HA   1 
ATOM   709  H HB2  . ASP A 1 49 ? 10.107  1.931   -9.076  1.00 1.10 ? 423 ASP A HB2  1 
ATOM   710  H HB3  . ASP A 1 49 ? 9.609   2.346   -10.714 1.00 1.10 ? 423 ASP A HB3  1 
ATOM   711  N N    . VAL A 1 50 ? 7.694   3.397   -7.372  1.00 0.28 ? 424 VAL A N    1 
ATOM   712  C CA   . VAL A 1 50 ? 6.505   2.826   -6.750  1.00 0.25 ? 424 VAL A CA   1 
ATOM   713  C C    . VAL A 1 50 ? 5.244   3.476   -7.311  1.00 0.22 ? 424 VAL A C    1 
ATOM   714  O O    . VAL A 1 50 ? 5.196   4.689   -7.515  1.00 0.21 ? 424 VAL A O    1 
ATOM   715  C CB   . VAL A 1 50 ? 6.563   3.008   -5.225  1.00 0.26 ? 424 VAL A CB   1 
ATOM   716  C CG1  . VAL A 1 50 ? 6.413   4.491   -4.859  1.00 0.24 ? 424 VAL A CG1  1 
ATOM   717  C CG2  . VAL A 1 50 ? 5.440   2.191   -4.563  1.00 0.25 ? 424 VAL A CG2  1 
ATOM   718  H H    . VAL A 1 50 ? 8.342   3.874   -6.815  1.00 0.29 ? 424 VAL A H    1 
ATOM   719  H HA   . VAL A 1 50 ? 6.475   1.769   -6.970  1.00 0.26 ? 424 VAL A HA   1 
ATOM   720  H HB   . VAL A 1 50 ? 7.519   2.653   -4.866  1.00 0.30 ? 424 VAL A HB   1 
ATOM   721  H HG11 . VAL A 1 50 ? 7.234   5.051   -5.282  1.00 1.05 ? 424 VAL A HG11 1 
ATOM   722  H HG12 . VAL A 1 50 ? 6.425   4.597   -3.784  1.00 1.01 ? 424 VAL A HG12 1 
ATOM   723  H HG13 . VAL A 1 50 ? 5.479   4.871   -5.243  1.00 1.02 ? 424 VAL A HG13 1 
ATOM   724  H HG21 . VAL A 1 50 ? 4.643   2.021   -5.272  1.00 1.04 ? 424 VAL A HG21 1 
ATOM   725  H HG22 . VAL A 1 50 ? 5.050   2.728   -3.710  1.00 1.07 ? 424 VAL A HG22 1 
ATOM   726  H HG23 . VAL A 1 50 ? 5.835   1.241   -4.233  1.00 1.04 ? 424 VAL A HG23 1 
ATOM   727  N N    . ASP A 1 51 ? 4.233   2.654   -7.569  1.00 0.20 ? 425 ASP A N    1 
ATOM   728  C CA   . ASP A 1 51 ? 2.978   3.153   -8.119  1.00 0.18 ? 425 ASP A CA   1 
ATOM   729  C C    . ASP A 1 51 ? 1.971   3.440   -7.011  1.00 0.13 ? 425 ASP A C    1 
ATOM   730  O O    . ASP A 1 51 ? 1.256   4.444   -7.057  1.00 0.13 ? 425 ASP A O    1 
ATOM   731  C CB   . ASP A 1 51 ? 2.399   2.124   -9.090  1.00 0.21 ? 425 ASP A CB   1 
ATOM   732  C CG   . ASP A 1 51 ? 3.249   2.078   -10.356 1.00 0.93 ? 425 ASP A CG   1 
ATOM   733  O OD1  . ASP A 1 51 ? 3.975   3.029   -10.590 1.00 1.62 ? 425 ASP A OD1  1 
ATOM   734  O OD2  . ASP A 1 51 ? 3.169   1.091   -11.065 1.00 1.32 ? 425 ASP A OD2  1 
ATOM   735  H H    . ASP A 1 51 ? 4.333   1.700   -7.374  1.00 0.22 ? 425 ASP A H    1 
ATOM   736  H HA   . ASP A 1 51 ? 3.171   4.066   -8.658  1.00 0.20 ? 425 ASP A HA   1 
ATOM   737  H HB2  . ASP A 1 51 ? 2.397   1.150   -8.621  1.00 0.64 ? 425 ASP A HB2  1 
ATOM   738  H HB3  . ASP A 1 51 ? 1.388   2.401   -9.347  1.00 0.65 ? 425 ASP A HB3  1 
ATOM   739  N N    . LEU A 1 52 ? 1.920   2.559   -6.014  1.00 0.14 ? 426 LEU A N    1 
ATOM   740  C CA   . LEU A 1 52 ? 0.991   2.731   -4.898  1.00 0.15 ? 426 LEU A CA   1 
ATOM   741  C C    . LEU A 1 52 ? 1.726   2.739   -3.569  1.00 0.14 ? 426 LEU A C    1 
ATOM   742  O O    . LEU A 1 52 ? 2.534   1.854   -3.285  1.00 0.15 ? 426 LEU A O    1 
ATOM   743  C CB   . LEU A 1 52 ? -0.032  1.589   -4.869  1.00 0.19 ? 426 LEU A CB   1 
ATOM   744  C CG   . LEU A 1 52 ? -0.951  1.641   -6.090  1.00 0.35 ? 426 LEU A CG   1 
ATOM   745  C CD1  . LEU A 1 52 ? -1.613  0.273   -6.258  1.00 0.30 ? 426 LEU A CD1  1 
ATOM   746  C CD2  . LEU A 1 52 ? -2.052  2.693   -5.883  1.00 0.60 ? 426 LEU A CD2  1 
ATOM   747  H H    . LEU A 1 52 ? 2.512   1.780   -6.031  1.00 0.16 ? 426 LEU A H    1 
ATOM   748  H HA   . LEU A 1 52 ? 0.474   3.668   -5.009  1.00 0.16 ? 426 LEU A HA   1 
ATOM   749  H HB2  . LEU A 1 52 ? 0.492   0.644   -4.862  1.00 0.28 ? 426 LEU A HB2  1 
ATOM   750  H HB3  . LEU A 1 52 ? -0.629  1.668   -3.972  1.00 0.26 ? 426 LEU A HB3  1 
ATOM   751  H HG   . LEU A 1 52 ? -0.375  1.879   -6.971  1.00 0.56 ? 426 LEU A HG   1 
ATOM   752  H HD11 . LEU A 1 52 ? -2.087  -0.011  -5.329  1.00 1.07 ? 426 LEU A HD11 1 
ATOM   753  H HD12 . LEU A 1 52 ? -0.865  -0.461  -6.516  1.00 1.07 ? 426 LEU A HD12 1 
ATOM   754  H HD13 . LEU A 1 52 ? -2.355  0.323   -7.040  1.00 1.05 ? 426 LEU A HD13 1 
ATOM   755  H HD21 . LEU A 1 52 ? -2.871  2.256   -5.331  1.00 1.23 ? 426 LEU A HD21 1 
ATOM   756  H HD22 . LEU A 1 52 ? -2.406  3.025   -6.842  1.00 1.34 ? 426 LEU A HD22 1 
ATOM   757  H HD23 . LEU A 1 52 ? -1.664  3.534   -5.335  1.00 1.09 ? 426 LEU A HD23 1 
ATOM   758  N N    . VAL A 1 53 ? 1.387   3.712   -2.734  1.00 0.15 ? 427 VAL A N    1 
ATOM   759  C CA   . VAL A 1 53 ? 1.963   3.805   -1.402  1.00 0.16 ? 427 VAL A CA   1 
ATOM   760  C C    . VAL A 1 53 ? 0.845   3.803   -0.367  1.00 0.15 ? 427 VAL A C    1 
ATOM   761  O O    . VAL A 1 53 ? -0.114  4.569   -0.478  1.00 0.15 ? 427 VAL A O    1 
ATOM   762  C CB   . VAL A 1 53 ? 2.783   5.084   -1.282  1.00 0.19 ? 427 VAL A CB   1 
ATOM   763  C CG1  . VAL A 1 53 ? 3.176   5.291   0.175   1.00 0.23 ? 427 VAL A CG1  1 
ATOM   764  C CG2  . VAL A 1 53 ? 4.046   4.965   -2.139  1.00 0.26 ? 427 VAL A CG2  1 
ATOM   765  H H    . VAL A 1 53 ? 0.705   4.361   -3.006  1.00 0.16 ? 427 VAL A H    1 
ATOM   766  H HA   . VAL A 1 53 ? 2.609   2.955   -1.227  1.00 0.17 ? 427 VAL A HA   1 
ATOM   767  H HB   . VAL A 1 53 ? 2.192   5.924   -1.620  1.00 0.21 ? 427 VAL A HB   1 
ATOM   768  H HG11 . VAL A 1 53 ? 4.016   5.958   0.222   1.00 1.01 ? 427 VAL A HG11 1 
ATOM   769  H HG12 . VAL A 1 53 ? 3.446   4.342   0.613   1.00 1.07 ? 427 VAL A HG12 1 
ATOM   770  H HG13 . VAL A 1 53 ? 2.344   5.716   0.716   1.00 1.04 ? 427 VAL A HG13 1 
ATOM   771  H HG21 . VAL A 1 53 ? 3.777   4.640   -3.133  1.00 1.07 ? 427 VAL A HG21 1 
ATOM   772  H HG22 . VAL A 1 53 ? 4.715   4.245   -1.693  1.00 1.05 ? 427 VAL A HG22 1 
ATOM   773  H HG23 . VAL A 1 53 ? 4.535   5.926   -2.195  1.00 1.05 ? 427 VAL A HG23 1 
ATOM   774  N N    . ILE A 1 54 ? 0.953   2.921   0.621   1.00 0.16 ? 428 ILE A N    1 
ATOM   775  C CA   . ILE A 1 54 ? -0.076  2.808   1.652   1.00 0.16 ? 428 ILE A CA   1 
ATOM   776  C C    . ILE A 1 54 ? 0.518   3.078   3.031   1.00 0.18 ? 428 ILE A C    1 
ATOM   777  O O    . ILE A 1 54 ? 1.386   2.338   3.490   1.00 0.20 ? 428 ILE A O    1 
ATOM   778  C CB   . ILE A 1 54 ? -0.661  1.395   1.614   1.00 0.18 ? 428 ILE A CB   1 
ATOM   779  C CG1  . ILE A 1 54 ? -1.278  1.138   0.236   1.00 0.19 ? 428 ILE A CG1  1 
ATOM   780  C CG2  . ILE A 1 54 ? -1.737  1.253   2.691   1.00 0.20 ? 428 ILE A CG2  1 
ATOM   781  C CD1  . ILE A 1 54 ? -1.602  -0.346  0.086   1.00 0.21 ? 428 ILE A CD1  1 
ATOM   782  H H    . ILE A 1 54 ? 1.730   2.326   0.651   1.00 0.17 ? 428 ILE A H    1 
ATOM   783  H HA   . ILE A 1 54 ? -0.865  3.521   1.459   1.00 0.16 ? 428 ILE A HA   1 
ATOM   784  H HB   . ILE A 1 54 ? 0.126   0.677   1.797   1.00 0.20 ? 428 ILE A HB   1 
ATOM   785  H HG12 . ILE A 1 54 ? -2.182  1.711   0.136   1.00 0.20 ? 428 ILE A HG12 1 
ATOM   786  H HG13 . ILE A 1 54 ? -0.579  1.430   -0.533  1.00 0.20 ? 428 ILE A HG13 1 
ATOM   787  H HG21 . ILE A 1 54 ? -1.268  1.122   3.654   1.00 1.07 ? 428 ILE A HG21 1 
ATOM   788  H HG22 . ILE A 1 54 ? -2.354  0.394   2.471   1.00 1.01 ? 428 ILE A HG22 1 
ATOM   789  H HG23 . ILE A 1 54 ? -2.351  2.142   2.707   1.00 1.01 ? 428 ILE A HG23 1 
ATOM   790  H HD11 . ILE A 1 54 ? -0.766  -0.932  0.434   1.00 1.01 ? 428 ILE A HD11 1 
ATOM   791  H HD12 . ILE A 1 54 ? -1.791  -0.570  -0.954  1.00 0.99 ? 428 ILE A HD12 1 
ATOM   792  H HD13 . ILE A 1 54 ? -2.479  -0.585  0.670   1.00 1.03 ? 428 ILE A HD13 1 
ATOM   793  N N    . THR A 1 55 ? 0.055   4.137   3.698   1.00 0.17 ? 429 THR A N    1 
ATOM   794  C CA   . THR A 1 55 ? 0.572   4.465   5.033   1.00 0.18 ? 429 THR A CA   1 
ATOM   795  C C    . THR A 1 55 ? -0.542  4.988   5.927   1.00 0.17 ? 429 THR A C    1 
ATOM   796  O O    . THR A 1 55 ? -1.644  5.282   5.462   1.00 0.18 ? 429 THR A O    1 
ATOM   797  C CB   . THR A 1 55 ? 1.664   5.550   4.980   1.00 0.19 ? 429 THR A CB   1 
ATOM   798  O OG1  . THR A 1 55 ? 1.042   6.826   4.991   1.00 0.71 ? 429 THR A OG1  1 
ATOM   799  C CG2  . THR A 1 55 ? 2.532   5.427   3.722   1.00 0.61 ? 429 THR A CG2  1 
ATOM   800  H H    . THR A 1 55 ? -0.645  4.701   3.293   1.00 0.16 ? 429 THR A H    1 
ATOM   801  H HA   . THR A 1 55 ? 0.989   3.573   5.477   1.00 0.21 ? 429 THR A HA   1 
ATOM   802  H HB   . THR A 1 55 ? 2.293   5.457   5.853   1.00 0.52 ? 429 THR A HB   1 
ATOM   803  H HG1  . THR A 1 55 ? 1.410   7.341   4.271   1.00 1.25 ? 429 THR A HG1  1 
ATOM   804  H HG21 . THR A 1 55 ? 2.526   4.414   3.366   1.00 1.18 ? 429 THR A HG21 1 
ATOM   805  H HG22 . THR A 1 55 ? 3.546   5.712   3.960   1.00 1.30 ? 429 THR A HG22 1 
ATOM   806  H HG23 . THR A 1 55 ? 2.147   6.084   2.956   1.00 1.31 ? 429 THR A HG23 1 
ATOM   807  N N    . HIS A 1 56 ? -0.227  5.158   7.209   1.00 0.19 ? 430 HIS A N    1 
ATOM   808  C CA   . HIS A 1 56 ? -1.191  5.710   8.149   1.00 0.20 ? 430 HIS A CA   1 
ATOM   809  C C    . HIS A 1 56 ? -1.352  7.207   7.892   1.00 0.19 ? 430 HIS A C    1 
ATOM   810  O O    . HIS A 1 56 ? -0.378  7.911   7.621   1.00 0.17 ? 430 HIS A O    1 
ATOM   811  C CB   . HIS A 1 56 ? -0.730  5.473   9.589   1.00 0.23 ? 430 HIS A CB   1 
ATOM   812  C CG   . HIS A 1 56 ? -1.846  5.828   10.536  1.00 0.25 ? 430 HIS A CG   1 
ATOM   813  N ND1  . HIS A 1 56 ? -2.092  7.132   10.930  1.00 0.32 ? 430 HIS A ND1  1 
ATOM   814  C CD2  . HIS A 1 56 ? -2.790  5.060   11.174  1.00 0.35 ? 430 HIS A CD2  1 
ATOM   815  C CE1  . HIS A 1 56 ? -3.145  7.113   11.767  1.00 0.33 ? 430 HIS A CE1  1 
ATOM   816  N NE2  . HIS A 1 56 ? -3.609  5.874   11.951  1.00 0.35 ? 430 HIS A NE2  1 
ATOM   817  H H    . HIS A 1 56 ? 0.679   4.947   7.516   1.00 0.19 ? 430 HIS A H    1 
ATOM   818  H HA   . HIS A 1 56 ? -2.144  5.223   8.000   1.00 0.22 ? 430 HIS A HA   1 
ATOM   819  H HB2  . HIS A 1 56 ? -0.467  4.434   9.717   1.00 0.26 ? 430 HIS A HB2  1 
ATOM   820  H HB3  . HIS A 1 56 ? 0.130   6.091   9.799   1.00 0.23 ? 430 HIS A HB3  1 
ATOM   821  H HD1  . HIS A 1 56 ? -1.589  7.923   10.651  1.00 0.42 ? 430 HIS A HD1  1 
ATOM   822  H HD2  . HIS A 1 56 ? -2.882  3.988   11.086  1.00 0.48 ? 430 HIS A HD2  1 
ATOM   823  H HE1  . HIS A 1 56 ? -3.565  7.993   12.233  1.00 0.41 ? 430 HIS A HE1  1 
ATOM   824  N N    . ARG A 1 57 ? -2.593  7.667   7.917   1.00 0.21 ? 431 ARG A N    1 
ATOM   825  C CA   . ARG A 1 57 ? -2.903  9.062   7.629   1.00 0.22 ? 431 ARG A CA   1 
ATOM   826  C C    . ARG A 1 57 ? -1.935  10.016  8.320   1.00 0.21 ? 431 ARG A C    1 
ATOM   827  O O    . ARG A 1 57 ? -1.635  11.090  7.800   1.00 0.21 ? 431 ARG A O    1 
ATOM   828  C CB   . ARG A 1 57 ? -4.320  9.366   8.084   1.00 0.27 ? 431 ARG A CB   1 
ATOM   829  C CG   . ARG A 1 57 ? -4.695  10.771  7.639   1.00 0.30 ? 431 ARG A CG   1 
ATOM   830  C CD   . ARG A 1 57 ? -6.101  11.085  8.129   1.00 0.40 ? 431 ARG A CD   1 
ATOM   831  N NE   . ARG A 1 57 ? -6.613  12.256  7.444   1.00 1.33 ? 431 ARG A NE   1 
ATOM   832  C CZ   . ARG A 1 57 ? -7.907  12.541  7.473   1.00 1.98 ? 431 ARG A CZ   1 
ATOM   833  N NH1  . ARG A 1 57 ? -8.711  11.821  8.208   1.00 2.26 ? 431 ARG A NH1  1 
ATOM   834  N NH2  . ARG A 1 57 ? -8.371  13.544  6.780   1.00 2.96 ? 431 ARG A NH2  1 
ATOM   835  H H    . ARG A 1 57 ? -3.329  7.041   8.085   1.00 0.23 ? 431 ARG A H    1 
ATOM   836  H HA   . ARG A 1 57 ? -2.840  9.222   6.567   1.00 0.21 ? 431 ARG A HA   1 
ATOM   837  H HB2  . ARG A 1 57 ? -5.001  8.652   7.646   1.00 0.29 ? 431 ARG A HB2  1 
ATOM   838  H HB3  . ARG A 1 57 ? -4.373  9.303   9.161   1.00 0.29 ? 431 ARG A HB3  1 
ATOM   839  H HG2  . ARG A 1 57 ? -3.997  11.482  8.059   1.00 0.35 ? 431 ARG A HG2  1 
ATOM   840  H HG3  . ARG A 1 57 ? -4.668  10.830  6.562   1.00 0.35 ? 431 ARG A HG3  1 
ATOM   841  H HD2  . ARG A 1 57 ? -6.746  10.243  7.933   1.00 1.01 ? 431 ARG A HD2  1 
ATOM   842  H HD3  . ARG A 1 57 ? -6.073  11.277  9.192   1.00 1.02 ? 431 ARG A HD3  1 
ATOM   843  H HE   . ARG A 1 57 ? -6.001  12.821  6.927   1.00 2.01 ? 431 ARG A HE   1 
ATOM   844  H HH11 . ARG A 1 57 ? -8.349  11.057  8.746   1.00 2.10 ? 431 ARG A HH11 1 
ATOM   845  H HH12 . ARG A 1 57 ? -9.688  12.032  8.236   1.00 3.05 ? 431 ARG A HH12 1 
ATOM   846  H HH21 . ARG A 1 57 ? -7.751  14.099  6.224   1.00 3.35 ? 431 ARG A HH21 1 
ATOM   847  H HH22 . ARG A 1 57 ? -9.348  13.756  6.802   1.00 3.52 ? 431 ARG A HH22 1 
ATOM   848  N N    . ASP A 1 58 ? -1.474  9.639   9.500   1.00 0.21 ? 432 ASP A N    1 
ATOM   849  C CA   . ASP A 1 58 ? -0.577  10.514  10.243  1.00 0.21 ? 432 ASP A CA   1 
ATOM   850  C C    . ASP A 1 58 ? 0.747   10.689  9.511   1.00 0.19 ? 432 ASP A C    1 
ATOM   851  O O    . ASP A 1 58 ? 1.470   11.653  9.763   1.00 0.19 ? 432 ASP A O    1 
ATOM   852  C CB   . ASP A 1 58 ? -0.316  9.942   11.655  1.00 0.22 ? 432 ASP A CB   1 
ATOM   853  C CG   . ASP A 1 58 ? -1.211  10.609  12.706  1.00 1.27 ? 432 ASP A CG   1 
ATOM   854  O OD1  . ASP A 1 58 ? -1.832  11.612  12.394  1.00 2.05 ? 432 ASP A OD1  1 
ATOM   855  O OD2  . ASP A 1 58 ? -1.250  10.109  13.818  1.00 1.53 ? 432 ASP A OD2  1 
ATOM   856  H H    . ASP A 1 58 ? -1.767  8.800   9.911   1.00 0.22 ? 432 ASP A H    1 
ATOM   857  H HA   . ASP A 1 58 ? -1.041  11.481  10.336  1.00 0.21 ? 432 ASP A HA   1 
ATOM   858  H HB2  . ASP A 1 58 ? -0.518  8.883   11.649  1.00 0.93 ? 432 ASP A HB2  1 
ATOM   859  H HB3  . ASP A 1 58 ? 0.720   10.099  11.925  1.00 0.95 ? 432 ASP A HB3  1 
ATOM   860  N N    . LEU A 1 59 ? 1.090   9.747   8.637   1.00 0.19 ? 433 LEU A N    1 
ATOM   861  C CA   . LEU A 1 59 ? 2.364   9.818   7.927   1.00 0.18 ? 433 LEU A CA   1 
ATOM   862  C C    . LEU A 1 59 ? 2.168   9.885   6.405   1.00 0.17 ? 433 LEU A C    1 
ATOM   863  O O    . LEU A 1 59 ? 3.145   9.909   5.647   1.00 0.18 ? 433 LEU A O    1 
ATOM   864  C CB   . LEU A 1 59 ? 3.201   8.594   8.289   1.00 0.20 ? 433 LEU A CB   1 
ATOM   865  C CG   . LEU A 1 59 ? 3.274   8.437   9.816   1.00 0.25 ? 433 LEU A CG   1 
ATOM   866  C CD1  . LEU A 1 59 ? 3.855   7.059   10.147  1.00 0.26 ? 433 LEU A CD1  1 
ATOM   867  C CD2  . LEU A 1 59 ? 4.170   9.538   10.430  1.00 0.35 ? 433 LEU A CD2  1 
ATOM   868  H H    . LEU A 1 59 ? 0.494   8.989   8.466   1.00 0.19 ? 433 LEU A H    1 
ATOM   869  H HA   . LEU A 1 59 ? 2.894   10.704  8.239   1.00 0.19 ? 433 LEU A HA   1 
ATOM   870  H HB2  . LEU A 1 59 ? 2.757   7.709   7.855   1.00 0.21 ? 433 LEU A HB2  1 
ATOM   871  H HB3  . LEU A 1 59 ? 4.192   8.724   7.903   1.00 0.23 ? 433 LEU A HB3  1 
ATOM   872  H HG   . LEU A 1 59 ? 2.279   8.510   10.229  1.00 0.30 ? 433 LEU A HG   1 
ATOM   873  H HD11 . LEU A 1 59 ? 3.354   6.305   9.558   1.00 1.05 ? 433 LEU A HD11 1 
ATOM   874  H HD12 . LEU A 1 59 ? 3.710   6.850   11.197  1.00 1.03 ? 433 LEU A HD12 1 
ATOM   875  H HD13 . LEU A 1 59 ? 4.911   7.049   9.921   1.00 1.08 ? 433 LEU A HD13 1 
ATOM   876  H HD21 . LEU A 1 59 ? 4.532   10.200  9.657   1.00 1.07 ? 433 LEU A HD21 1 
ATOM   877  H HD22 . LEU A 1 59 ? 5.015   9.091   10.935  1.00 1.10 ? 433 LEU A HD22 1 
ATOM   878  H HD23 . LEU A 1 59 ? 3.592   10.109  11.143  1.00 1.06 ? 433 LEU A HD23 1 
ATOM   879  N N    . THR A 1 60 ? 0.917   9.917   5.954   1.00 0.17 ? 434 THR A N    1 
ATOM   880  C CA   . THR A 1 60 ? 0.654   9.988   4.517   1.00 0.17 ? 434 THR A CA   1 
ATOM   881  C C    . THR A 1 60 ? 1.205   11.284  3.929   1.00 0.17 ? 434 THR A C    1 
ATOM   882  O O    . THR A 1 60 ? 1.676   11.300  2.792   1.00 0.17 ? 434 THR A O    1 
ATOM   883  C CB   . THR A 1 60 ? -0.848  9.890   4.228   1.00 0.19 ? 434 THR A CB   1 
ATOM   884  O OG1  . THR A 1 60 ? -1.568  10.635  5.199   1.00 0.21 ? 434 THR A OG1  1 
ATOM   885  C CG2  . THR A 1 60 ? -1.302  8.425   4.248   1.00 0.20 ? 434 THR A CG2  1 
ATOM   886  H H    . THR A 1 60 ? 0.169   9.888   6.588   1.00 0.17 ? 434 THR A H    1 
ATOM   887  H HA   . THR A 1 60 ? 1.155   9.162   4.037   1.00 0.17 ? 434 THR A HA   1 
ATOM   888  H HB   . THR A 1 60 ? -1.046  10.302  3.250   1.00 0.21 ? 434 THR A HB   1 
ATOM   889  H HG1  . THR A 1 60 ? -1.740  11.507  4.837   1.00 0.93 ? 434 THR A HG1  1 
ATOM   890  H HG21 . THR A 1 60 ? -0.593  7.815   3.709   1.00 1.04 ? 434 THR A HG21 1 
ATOM   891  H HG22 . THR A 1 60 ? -2.268  8.348   3.774   1.00 1.04 ? 434 THR A HG22 1 
ATOM   892  H HG23 . THR A 1 60 ? -1.373  8.082   5.268   1.00 1.03 ? 434 THR A HG23 1 
ATOM   893  N N    . GLU A 1 61 ? 1.183   12.357  4.714   1.00 0.18 ? 435 GLU A N    1 
ATOM   894  C CA   . GLU A 1 61 ? 1.730   13.628  4.246   1.00 0.19 ? 435 GLU A CA   1 
ATOM   895  C C    . GLU A 1 61 ? 3.191   13.452  3.855   1.00 0.19 ? 435 GLU A C    1 
ATOM   896  O O    . GLU A 1 61 ? 3.635   13.945  2.819   1.00 0.21 ? 435 GLU A O    1 
ATOM   897  C CB   . GLU A 1 61 ? 1.631   14.691  5.344   1.00 0.21 ? 435 GLU A CB   1 
ATOM   898  C CG   . GLU A 1 61 ? 0.188   15.178  5.474   1.00 1.31 ? 435 GLU A CG   1 
ATOM   899  C CD   . GLU A 1 61 ? 0.080   16.168  6.629   1.00 1.92 ? 435 GLU A CD   1 
ATOM   900  O OE1  . GLU A 1 61 ? 1.085   16.394  7.283   1.00 2.18 ? 435 GLU A OE1  1 
ATOM   901  O OE2  . GLU A 1 61 ? -1.002  16.690  6.839   1.00 2.77 ? 435 GLU A OE2  1 
ATOM   902  H H    . GLU A 1 61 ? 0.824   12.289  5.622   1.00 0.18 ? 435 GLU A H    1 
ATOM   903  H HA   . GLU A 1 61 ? 1.169   13.959  3.385   1.00 0.20 ? 435 GLU A HA   1 
ATOM   904  H HB2  . GLU A 1 61 ? 1.953   14.265  6.284   1.00 0.91 ? 435 GLU A HB2  1 
ATOM   905  H HB3  . GLU A 1 61 ? 2.269   15.525  5.093   1.00 0.94 ? 435 GLU A HB3  1 
ATOM   906  H HG2  . GLU A 1 61 ? -0.110  15.665  4.557   1.00 1.96 ? 435 GLU A HG2  1 
ATOM   907  H HG3  . GLU A 1 61 ? -0.462  14.337  5.662   1.00 1.97 ? 435 GLU A HG3  1 
ATOM   908  N N    . ARG A 1 62 ? 3.934   12.742  4.698   1.00 0.19 ? 436 ARG A N    1 
ATOM   909  C CA   . ARG A 1 62 ? 5.349   12.507  4.443   1.00 0.21 ? 436 ARG A CA   1 
ATOM   910  C C    . ARG A 1 62 ? 5.567   11.745  3.145   1.00 0.21 ? 436 ARG A C    1 
ATOM   911  O O    . ARG A 1 62 ? 6.428   12.108  2.342   1.00 0.22 ? 436 ARG A O    1 
ATOM   912  C CB   . ARG A 1 62 ? 5.960   11.691  5.583   1.00 0.23 ? 436 ARG A CB   1 
ATOM   913  C CG   . ARG A 1 62 ? 6.503   12.613  6.667   1.00 1.03 ? 436 ARG A CG   1 
ATOM   914  C CD   . ARG A 1 62 ? 7.156   11.751  7.742   1.00 1.06 ? 436 ARG A CD   1 
ATOM   915  N NE   . ARG A 1 62 ? 7.797   12.601  8.733   1.00 1.60 ? 436 ARG A NE   1 
ATOM   916  C CZ   . ARG A 1 62 ? 8.308   12.089  9.845   1.00 2.07 ? 436 ARG A CZ   1 
ATOM   917  N NH1  . ARG A 1 62 ? 8.254   10.801  10.052  1.00 2.33 ? 436 ARG A NH1  1 
ATOM   918  N NH2  . ARG A 1 62 ? 8.877   12.871  10.718  1.00 2.92 ? 436 ARG A NH2  1 
ATOM   919  H H    . ARG A 1 62 ? 3.524   12.376  5.508   1.00 0.19 ? 436 ARG A H    1 
ATOM   920  H HA   . ARG A 1 62 ? 5.858   13.457  4.380   1.00 0.23 ? 436 ARG A HA   1 
ATOM   921  H HB2  . ARG A 1 62 ? 5.200   11.053  6.009   1.00 0.81 ? 436 ARG A HB2  1 
ATOM   922  H HB3  . ARG A 1 62 ? 6.766   11.080  5.206   1.00 0.81 ? 436 ARG A HB3  1 
ATOM   923  H HG2  . ARG A 1 62 ? 7.237   13.282  6.240   1.00 1.57 ? 436 ARG A HG2  1 
ATOM   924  H HG3  . ARG A 1 62 ? 5.696   13.184  7.101   1.00 1.58 ? 436 ARG A HG3  1 
ATOM   925  H HD2  . ARG A 1 62 ? 6.409   11.152  8.227   1.00 1.38 ? 436 ARG A HD2  1 
ATOM   926  H HD3  . ARG A 1 62 ? 7.883   11.096  7.276   1.00 1.47 ? 436 ARG A HD3  1 
ATOM   927  H HE   . ARG A 1 62 ? 7.853   13.566  8.575   1.00 2.18 ? 436 ARG A HE   1 
ATOM   928  H HH11 . ARG A 1 62 ? 7.828   10.202  9.374   1.00 2.26 ? 436 ARG A HH11 1 
ATOM   929  H HH12 . ARG A 1 62 ? 8.645   10.413  10.887  1.00 3.00 ? 436 ARG A HH12 1 
ATOM   930  H HH21 . ARG A 1 62 ? 8.928   13.856  10.550  1.00 3.33 ? 436 ARG A HH21 1 
ATOM   931  H HH22 . ARG A 1 62 ? 9.268   12.487  11.553  1.00 3.39 ? 436 ARG A HH22 1 
ATOM   932  N N    . ALA A 1 63 ? 4.821   10.663  2.954   1.00 0.20 ? 437 ALA A N    1 
ATOM   933  C CA   . ALA A 1 63 ? 4.998   9.849   1.763   1.00 0.20 ? 437 ALA A CA   1 
ATOM   934  C C    . ALA A 1 63 ? 4.636   10.637  0.517   1.00 0.19 ? 437 ALA A C    1 
ATOM   935  O O    . ALA A 1 63 ? 5.327   10.560  -0.500  1.00 0.20 ? 437 ALA A O    1 
ATOM   936  C CB   . ALA A 1 63 ? 4.132   8.601   1.859   1.00 0.22 ? 437 ALA A CB   1 
ATOM   937  H H    . ALA A 1 63 ? 4.157   10.387  3.624   1.00 0.20 ? 437 ALA A H    1 
ATOM   938  H HA   . ALA A 1 63 ? 6.032   9.550   1.697   1.00 0.22 ? 437 ALA A HA   1 
ATOM   939  H HB1  . ALA A 1 63 ? 4.170   8.213   2.867   1.00 1.06 ? 437 ALA A HB1  1 
ATOM   940  H HB2  . ALA A 1 63 ? 4.507   7.864   1.176   1.00 1.01 ? 437 ALA A HB2  1 
ATOM   941  H HB3  . ALA A 1 63 ? 3.112   8.848   1.604   1.00 1.04 ? 437 ALA A HB3  1 
ATOM   942  N N    . MET A 1 64 ? 3.558   11.403  0.605   1.00 0.20 ? 438 MET A N    1 
ATOM   943  C CA   . MET A 1 64 ? 3.123   12.212  -0.521  1.00 0.22 ? 438 MET A CA   1 
ATOM   944  C C    . MET A 1 64 ? 4.260   13.116  -0.944  1.00 0.23 ? 438 MET A C    1 
ATOM   945  O O    . MET A 1 64 ? 4.461   13.392  -2.126  1.00 0.25 ? 438 MET A O    1 
ATOM   946  C CB   . MET A 1 64 ? 1.955   13.103  -0.094  1.00 0.25 ? 438 MET A CB   1 
ATOM   947  C CG   . MET A 1 64 ? 0.659   12.299  -0.012  1.00 0.28 ? 438 MET A CG   1 
ATOM   948  S SD   . MET A 1 64 ? -0.641  13.372  0.655   1.00 0.56 ? 438 MET A SD   1 
ATOM   949  C CE   . MET A 1 64 ? -2.061  12.321  0.268   1.00 1.08 ? 438 MET A CE   1 
ATOM   950  H H    . MET A 1 64 ? 3.033   11.408  1.430   1.00 0.20 ? 438 MET A H    1 
ATOM   951  H HA   . MET A 1 64 ? 2.821   11.583  -1.340  1.00 0.22 ? 438 MET A HA   1 
ATOM   952  H HB2  . MET A 1 64 ? 2.170   13.528  0.876   1.00 0.24 ? 438 MET A HB2  1 
ATOM   953  H HB3  . MET A 1 64 ? 1.834   13.900  -0.812  1.00 0.29 ? 438 MET A HB3  1 
ATOM   954  H HG2  . MET A 1 64 ? 0.383   11.961  -1.000  1.00 0.38 ? 438 MET A HG2  1 
ATOM   955  H HG3  . MET A 1 64 ? 0.798   11.451  0.639   1.00 0.37 ? 438 MET A HG3  1 
ATOM   956  H HE1  . MET A 1 64 ? -2.454  11.899  1.182   1.00 1.49 ? 438 MET A HE1  1 
ATOM   957  H HE2  . MET A 1 64 ? -1.757  11.525  -0.391  1.00 1.74 ? 438 MET A HE2  1 
ATOM   958  H HE3  . MET A 1 64 ? -2.823  12.916  -0.216  1.00 1.73 ? 438 MET A HE3  1 
ATOM   959  N N    . ARG A 1 65 ? 4.949   13.636  0.051   1.00 0.23 ? 439 ARG A N    1 
ATOM   960  C CA   . ARG A 1 65 ? 6.014   14.590  -0.170  1.00 0.26 ? 439 ARG A CA   1 
ATOM   961  C C    . ARG A 1 65 ? 7.173   13.977  -0.937  1.00 0.28 ? 439 ARG A C    1 
ATOM   962  O O    . ARG A 1 65 ? 7.695   14.570  -1.881  1.00 0.32 ? 439 ARG A O    1 
ATOM   963  C CB   . ARG A 1 65 ? 6.506   15.056  1.196   1.00 0.26 ? 439 ARG A CB   1 
ATOM   964  C CG   . ARG A 1 65 ? 6.819   16.540  1.141   1.00 1.13 ? 439 ARG A CG   1 
ATOM   965  C CD   . ARG A 1 65 ? 7.223   17.036  2.522   1.00 1.54 ? 439 ARG A CD   1 
ATOM   966  N NE   . ARG A 1 65 ? 6.430   18.234  2.781   1.00 2.19 ? 439 ARG A NE   1 
ATOM   967  C CZ   . ARG A 1 65 ? 6.798   19.163  3.630   1.00 2.98 ? 439 ARG A CZ   1 
ATOM   968  N NH1  . ARG A 1 65 ? 7.965   19.083  4.207   1.00 3.36 ? 439 ARG A NH1  1 
ATOM   969  N NH2  . ARG A 1 65 ? 6.005   20.169  3.875   1.00 3.83 ? 439 ARG A NH2  1 
ATOM   970  H H    . ARG A 1 65 ? 4.697   13.430  0.976   1.00 0.21 ? 439 ARG A H    1 
ATOM   971  H HA   . ARG A 1 65 ? 5.625   15.432  -0.721  1.00 0.29 ? 439 ARG A HA   1 
ATOM   972  H HB2  . ARG A 1 65 ? 5.736   14.877  1.933   1.00 0.83 ? 439 ARG A HB2  1 
ATOM   973  H HB3  . ARG A 1 65 ? 7.398   14.512  1.473   1.00 0.87 ? 439 ARG A HB3  1 
ATOM   974  H HG2  . ARG A 1 65 ? 7.627   16.710  0.443   1.00 1.83 ? 439 ARG A HG2  1 
ATOM   975  H HG3  . ARG A 1 65 ? 5.942   17.077  0.812   1.00 1.78 ? 439 ARG A HG3  1 
ATOM   976  H HD2  . ARG A 1 65 ? 6.989   16.320  3.275   1.00 2.03 ? 439 ARG A HD2  1 
ATOM   977  H HD3  . ARG A 1 65 ? 8.303   17.214  2.539   1.00 1.97 ? 439 ARG A HD3  1 
ATOM   978  H HE   . ARG A 1 65 ? 5.564   18.327  2.328   1.00 2.53 ? 439 ARG A HE   1 
ATOM   979  H HH11 . ARG A 1 65 ? 8.574   18.315  4.002   1.00 3.15 ? 439 ARG A HH11 1 
ATOM   980  H HH12 . ARG A 1 65 ? 8.256   19.794  4.847   1.00 4.14 ? 439 ARG A HH12 1 
ATOM   981  H HH21 . ARG A 1 65 ? 5.117   20.228  3.415   1.00 4.04 ? 439 ARG A HH21 1 
ATOM   982  H HH22 . ARG A 1 65 ? 6.286   20.882  4.514   1.00 4.48 ? 439 ARG A HH22 1 
ATOM   983  N N    . GLN A 1 66 ? 7.577   12.793  -0.517  1.00 0.27 ? 440 GLN A N    1 
ATOM   984  C CA   . GLN A 1 66 ? 8.685   12.120  -1.158  1.00 0.31 ? 440 GLN A CA   1 
ATOM   985  C C    . GLN A 1 66 ? 8.318   11.877  -2.604  1.00 0.31 ? 440 GLN A C    1 
ATOM   986  O O    . GLN A 1 66 ? 9.103   12.147  -3.514  1.00 0.36 ? 440 GLN A O    1 
ATOM   987  C CB   . GLN A 1 66 ? 8.940   10.807  -0.434  1.00 0.31 ? 440 GLN A CB   1 
ATOM   988  C CG   . GLN A 1 66 ? 10.255  10.182  -0.882  1.00 0.42 ? 440 GLN A CG   1 
ATOM   989  C CD   . GLN A 1 66 ? 10.507  8.963   -0.011  1.00 0.46 ? 440 GLN A CD   1 
ATOM   990  O OE1  . GLN A 1 66 ? 9.559   8.287   0.368   1.00 1.31 ? 440 GLN A OE1  1 
ATOM   991  N NE2  . GLN A 1 66 ? 11.713  8.659   0.366   1.00 0.99 ? 440 GLN A NE2  1 
ATOM   992  H H    . GLN A 1 66 ? 7.131   12.371  0.247   1.00 0.24 ? 440 GLN A H    1 
ATOM   993  H HA   . GLN A 1 66 ? 9.567   12.740  -1.107  1.00 0.34 ? 440 GLN A HA   1 
ATOM   994  H HB2  . GLN A 1 66 ? 8.981   10.991  0.628   1.00 0.32 ? 440 GLN A HB2  1 
ATOM   995  H HB3  . GLN A 1 66 ? 8.133   10.122  -0.646  1.00 0.28 ? 440 GLN A HB3  1 
ATOM   996  H HG2  . GLN A 1 66 ? 10.185  9.887   -1.921  1.00 0.48 ? 440 GLN A HG2  1 
ATOM   997  H HG3  . GLN A 1 66 ? 11.061  10.889  -0.755  1.00 0.46 ? 440 GLN A HG3  1 
ATOM   998  H HE21 . GLN A 1 66 ? 12.468  9.217   0.093   1.00 1.77 ? 440 GLN A HE21 1 
ATOM   999  H HE22 . GLN A 1 66 ? 11.863  7.868   0.926   1.00 0.97 ? 440 GLN A HE22 1 
ATOM   1000 N N    . VAL A 1 67 ? 7.084   11.440  -2.813  1.00 0.27 ? 441 VAL A N    1 
ATOM   1001 C CA   . VAL A 1 67 ? 6.559   11.242  -4.146  1.00 0.28 ? 441 VAL A CA   1 
ATOM   1002 C C    . VAL A 1 67 ? 5.102   11.692  -4.180  1.00 0.25 ? 441 VAL A C    1 
ATOM   1003 O O    . VAL A 1 67 ? 4.191   10.883  -4.007  1.00 0.22 ? 441 VAL A O    1 
ATOM   1004 C CB   . VAL A 1 67 ? 6.636   9.761   -4.531  1.00 0.28 ? 441 VAL A CB   1 
ATOM   1005 C CG1  . VAL A 1 67 ? 8.058   9.426   -4.998  1.00 0.33 ? 441 VAL A CG1  1 
ATOM   1006 C CG2  . VAL A 1 67 ? 6.254   8.877   -3.320  1.00 0.25 ? 441 VAL A CG2  1 
ATOM   1007 H H    . VAL A 1 67 ? 6.492   11.276  -2.053  1.00 0.24 ? 441 VAL A H    1 
ATOM   1008 H HA   . VAL A 1 67 ? 7.134   11.822  -4.851  1.00 0.31 ? 441 VAL A HA   1 
ATOM   1009 H HB   . VAL A 1 67 ? 5.947   9.576   -5.342  1.00 0.27 ? 441 VAL A HB   1 
ATOM   1010 H HG11 . VAL A 1 67 ? 8.767   10.076  -4.505  1.00 1.06 ? 441 VAL A HG11 1 
ATOM   1011 H HG12 . VAL A 1 67 ? 8.127   9.566   -6.067  1.00 1.02 ? 441 VAL A HG12 1 
ATOM   1012 H HG13 . VAL A 1 67 ? 8.285   8.397   -4.757  1.00 1.13 ? 441 VAL A HG13 1 
ATOM   1013 H HG21 . VAL A 1 67 ? 5.505   8.159   -3.622  1.00 1.02 ? 441 VAL A HG21 1 
ATOM   1014 H HG22 . VAL A 1 67 ? 5.853   9.489   -2.524  1.00 1.02 ? 441 VAL A HG22 1 
ATOM   1015 H HG23 . VAL A 1 67 ? 7.125   8.350   -2.959  1.00 1.07 ? 441 VAL A HG23 1 
ATOM   1016 N N    . PRO A 1 68 ? 4.861   12.954  -4.417  1.00 0.27 ? 442 PRO A N    1 
ATOM   1017 C CA   . PRO A 1 68 ? 3.485   13.491  -4.494  1.00 0.26 ? 442 PRO A CA   1 
ATOM   1018 C C    . PRO A 1 68 ? 2.881   13.146  -5.836  1.00 0.29 ? 442 PRO A C    1 
ATOM   1019 O O    . PRO A 1 68 ? 1.696   13.369  -6.084  1.00 0.31 ? 442 PRO A O    1 
ATOM   1020 C CB   . PRO A 1 68 ? 3.656   14.999  -4.308  1.00 0.30 ? 442 PRO A CB   1 
ATOM   1021 C CG   . PRO A 1 68 ? 5.064   15.308  -4.721  1.00 0.33 ? 442 PRO A CG   1 
ATOM   1022 C CD   . PRO A 1 68 ? 5.870   14.004  -4.640  1.00 0.31 ? 442 PRO A CD   1 
ATOM   1023 H HA   . PRO A 1 68 ? 2.875   13.091  -3.699  1.00 0.24 ? 442 PRO A HA   1 
ATOM   1024 H HB2  . PRO A 1 68 ? 2.953   15.533  -4.933  1.00 0.32 ? 442 PRO A HB2  1 
ATOM   1025 H HB3  . PRO A 1 68 ? 3.509   15.265  -3.272  1.00 0.28 ? 442 PRO A HB3  1 
ATOM   1026 H HG2  . PRO A 1 68 ? 5.073   15.687  -5.735  1.00 0.37 ? 442 PRO A HG2  1 
ATOM   1027 H HG3  . PRO A 1 68 ? 5.493   16.039  -4.053  1.00 0.35 ? 442 PRO A HG3  1 
ATOM   1028 H HD2  . PRO A 1 68 ? 6.394   13.833  -5.569  1.00 0.33 ? 442 PRO A HD2  1 
ATOM   1029 H HD3  . PRO A 1 68 ? 6.563   14.037  -3.814  1.00 0.31 ? 442 PRO A HD3  1 
ATOM   1030 N N    . GLN A 1 69 ? 3.718   12.569  -6.695  1.00 0.29 ? 443 GLN A N    1 
ATOM   1031 C CA   . GLN A 1 69 ? 3.305   12.138  -8.014  1.00 0.32 ? 443 GLN A CA   1 
ATOM   1032 C C    . GLN A 1 69 ? 2.811   10.696  -7.958  1.00 0.27 ? 443 GLN A C    1 
ATOM   1033 O O    . GLN A 1 69 ? 2.250   10.179  -8.923  1.00 0.28 ? 443 GLN A O    1 
ATOM   1034 C CB   . GLN A 1 69 ? 4.501   12.231  -8.960  1.00 0.36 ? 443 GLN A CB   1 
ATOM   1035 C CG   . GLN A 1 69 ? 5.058   13.655  -8.927  1.00 0.42 ? 443 GLN A CG   1 
ATOM   1036 C CD   . GLN A 1 69 ? 6.070   13.849  -10.050 1.00 1.15 ? 443 GLN A CD   1 
ATOM   1037 O OE1  . GLN A 1 69 ? 6.331   12.924  -10.818 1.00 1.85 ? 443 GLN A OE1  1 
ATOM   1038 N NE2  . GLN A 1 69 ? 6.651   15.008  -10.197 1.00 1.83 ? 443 GLN A NE2  1 
ATOM   1039 H H    . GLN A 1 69 ? 4.640   12.383  -6.424  1.00 0.29 ? 443 GLN A H    1 
ATOM   1040 H HA   . GLN A 1 69 ? 2.516   12.779  -8.374  1.00 0.34 ? 443 GLN A HA   1 
ATOM   1041 H HB2  . GLN A 1 69 ? 5.266   11.536  -8.639  1.00 0.35 ? 443 GLN A HB2  1 
ATOM   1042 H HB3  . GLN A 1 69 ? 4.191   11.989  -9.964  1.00 0.37 ? 443 GLN A HB3  1 
ATOM   1043 H HG2  . GLN A 1 69 ? 4.251   14.361  -9.040  1.00 1.00 ? 443 GLN A HG2  1 
ATOM   1044 H HG3  . GLN A 1 69 ? 5.548   13.822  -7.977  1.00 0.91 ? 443 GLN A HG3  1 
ATOM   1045 H HE21 . GLN A 1 69 ? 6.436   15.745  -9.586  1.00 2.04 ? 443 GLN A HE21 1 
ATOM   1046 H HE22 . GLN A 1 69 ? 7.298   15.144  -10.920 1.00 2.47 ? 443 GLN A HE22 1 
ATOM   1047 N N    . ALA A 1 70 ? 3.029   10.056  -6.812  1.00 0.24 ? 444 ALA A N    1 
ATOM   1048 C CA   . ALA A 1 70 ? 2.607   8.674   -6.625  1.00 0.20 ? 444 ALA A CA   1 
ATOM   1049 C C    . ALA A 1 70 ? 1.184   8.619   -6.102  1.00 0.19 ? 444 ALA A C    1 
ATOM   1050 O O    . ALA A 1 70 ? 0.635   9.626   -5.656  1.00 0.20 ? 444 ALA A O    1 
ATOM   1051 C CB   . ALA A 1 70 ? 3.534   7.965   -5.637  1.00 0.19 ? 444 ALA A CB   1 
ATOM   1052 H H    . ALA A 1 70 ? 3.458   10.532  -6.070  1.00 0.24 ? 444 ALA A H    1 
ATOM   1053 H HA   . ALA A 1 70 ? 2.652   8.161   -7.574  1.00 0.20 ? 444 ALA A HA   1 
ATOM   1054 H HB1  . ALA A 1 70 ? 3.528   8.494   -4.696  1.00 1.03 ? 444 ALA A HB1  1 
ATOM   1055 H HB2  . ALA A 1 70 ? 4.536   7.943   -6.034  1.00 1.00 ? 444 ALA A HB2  1 
ATOM   1056 H HB3  . ALA A 1 70 ? 3.187   6.954   -5.482  1.00 1.03 ? 444 ALA A HB3  1 
ATOM   1057 N N    . GLN A 1 71 ? 0.611   7.423   -6.093  1.00 0.17 ? 445 GLN A N    1 
ATOM   1058 C CA   . GLN A 1 71 ? -0.723  7.246   -5.546  1.00 0.17 ? 445 GLN A CA   1 
ATOM   1059 C C    . GLN A 1 71 ? -0.630  6.837   -4.089  1.00 0.16 ? 445 GLN A C    1 
ATOM   1060 O O    . GLN A 1 71 ? 0.080   5.892   -3.740  1.00 0.15 ? 445 GLN A O    1 
ATOM   1061 C CB   . GLN A 1 71 ? -1.509  6.215   -6.353  1.00 0.18 ? 445 GLN A CB   1 
ATOM   1062 C CG   . GLN A 1 71 ? -1.925  6.854   -7.678  1.00 0.96 ? 445 GLN A CG   1 
ATOM   1063 C CD   . GLN A 1 71 ? -2.819  5.913   -8.475  1.00 1.48 ? 445 GLN A CD   1 
ATOM   1064 O OE1  . GLN A 1 71 ? -3.107  4.804   -8.033  1.00 2.03 ? 445 GLN A OE1  1 
ATOM   1065 N NE2  . GLN A 1 71 ? -3.299  6.306   -9.620  1.00 2.26 ? 445 GLN A NE2  1 
ATOM   1066 H H    . GLN A 1 71 ? 1.122   6.640   -6.392  1.00 0.17 ? 445 GLN A H    1 
ATOM   1067 H HA   . GLN A 1 71 ? -1.246  8.191   -5.599  1.00 0.20 ? 445 GLN A HA   1 
ATOM   1068 H HB2  . GLN A 1 71 ? -0.883  5.352   -6.543  1.00 0.71 ? 445 GLN A HB2  1 
ATOM   1069 H HB3  . GLN A 1 71 ? -2.387  5.913   -5.804  1.00 0.71 ? 445 GLN A HB3  1 
ATOM   1070 H HG2  . GLN A 1 71 ? -2.463  7.769   -7.479  1.00 1.50 ? 445 GLN A HG2  1 
ATOM   1071 H HG3  . GLN A 1 71 ? -1.042  7.080   -8.257  1.00 1.71 ? 445 GLN A HG3  1 
ATOM   1072 H HE21 . GLN A 1 71 ? -3.084  7.200   -9.960  1.00 2.61 ? 445 GLN A HE21 1 
ATOM   1073 H HE22 . GLN A 1 71 ? -3.878  5.711   -10.141 1.00 2.82 ? 445 GLN A HE22 1 
ATOM   1074 N N    . HIS A 1 72 ? -1.309  7.594   -3.234  1.00 0.15 ? 446 HIS A N    1 
ATOM   1075 C CA   . HIS A 1 72 ? -1.252  7.352   -1.802  1.00 0.15 ? 446 HIS A CA   1 
ATOM   1076 C C    . HIS A 1 72 ? -2.623  7.013   -1.256  1.00 0.16 ? 446 HIS A C    1 
ATOM   1077 O O    . HIS A 1 72 ? -3.618  7.664   -1.576  1.00 0.18 ? 446 HIS A O    1 
ATOM   1078 C CB   . HIS A 1 72 ? -0.727  8.599   -1.092  1.00 0.15 ? 446 HIS A CB   1 
ATOM   1079 C CG   . HIS A 1 72 ? 0.664   8.892   -1.572  1.00 0.16 ? 446 HIS A CG   1 
ATOM   1080 N ND1  . HIS A 1 72 ? 1.769   8.201   -1.104  1.00 0.20 ? 446 HIS A ND1  1 
ATOM   1081 C CD2  . HIS A 1 72 ? 1.145   9.787   -2.495  1.00 0.20 ? 446 HIS A CD2  1 
ATOM   1082 C CE1  . HIS A 1 72 ? 2.850   8.685   -1.743  1.00 0.21 ? 446 HIS A CE1  1 
ATOM   1083 N NE2  . HIS A 1 72 ? 2.526   9.653   -2.602  1.00 0.20 ? 446 HIS A NE2  1 
ATOM   1084 H H    . HIS A 1 72 ? -1.812  8.361   -3.568  1.00 0.16 ? 446 HIS A H    1 
ATOM   1085 H HA   . HIS A 1 72 ? -0.580  6.530   -1.601  1.00 0.16 ? 446 HIS A HA   1 
ATOM   1086 H HB2  . HIS A 1 72 ? -1.370  9.439   -1.313  1.00 0.16 ? 446 HIS A HB2  1 
ATOM   1087 H HB3  . HIS A 1 72 ? -0.711  8.428   -0.025  1.00 0.16 ? 446 HIS A HB3  1 
ATOM   1088 H HD1  . HIS A 1 72 ? 1.764   7.490   -0.430  1.00 0.24 ? 446 HIS A HD1  1 
ATOM   1089 H HD2  . HIS A 1 72 ? 0.543   10.492  -3.050  1.00 0.25 ? 446 HIS A HD2  1 
ATOM   1090 H HE1  . HIS A 1 72 ? 3.858   8.333   -1.579  1.00 0.25 ? 446 HIS A HE1  1 
ATOM   1091 N N    . ILE A 1 73 ? -2.649  6.021   -0.384  1.00 0.15 ? 447 ILE A N    1 
ATOM   1092 C CA   . ILE A 1 73 ? -3.876  5.615   0.271   1.00 0.17 ? 447 ILE A CA   1 
ATOM   1093 C C    . ILE A 1 73 ? -3.665  5.707   1.773   1.00 0.16 ? 447 ILE A C    1 
ATOM   1094 O O    . ILE A 1 73 ? -2.659  5.219   2.301   1.00 0.17 ? 447 ILE A O    1 
ATOM   1095 C CB   . ILE A 1 73 ? -4.231  4.184   -0.126  1.00 0.19 ? 447 ILE A CB   1 
ATOM   1096 C CG1  . ILE A 1 73 ? -4.426  4.092   -1.648  1.00 0.20 ? 447 ILE A CG1  1 
ATOM   1097 C CG2  . ILE A 1 73 ? -5.510  3.750   0.579   1.00 0.22 ? 447 ILE A CG2  1 
ATOM   1098 C CD1  . ILE A 1 73 ? -5.515  5.071   -2.110  1.00 0.25 ? 447 ILE A CD1  1 
ATOM   1099 H H    . ILE A 1 73 ? -1.810  5.576   -0.145  1.00 0.16 ? 447 ILE A H    1 
ATOM   1100 H HA   . ILE A 1 73 ? -4.680  6.278   -0.016  1.00 0.17 ? 447 ILE A HA   1 
ATOM   1101 H HB   . ILE A 1 73 ? -3.431  3.534   0.171   1.00 0.20 ? 447 ILE A HB   1 
ATOM   1102 H HG12 . ILE A 1 73 ? -3.496  4.332   -2.142  1.00 0.23 ? 447 ILE A HG12 1 
ATOM   1103 H HG13 . ILE A 1 73 ? -4.720  3.083   -1.911  1.00 0.21 ? 447 ILE A HG13 1 
ATOM   1104 H HG21 . ILE A 1 73 ? -5.854  2.830   0.139   1.00 1.04 ? 447 ILE A HG21 1 
ATOM   1105 H HG22 . ILE A 1 73 ? -6.266  4.514   0.462   1.00 1.02 ? 447 ILE A HG22 1 
ATOM   1106 H HG23 . ILE A 1 73 ? -5.310  3.596   1.629   1.00 1.04 ? 447 ILE A HG23 1 
ATOM   1107 H HD11 . ILE A 1 73 ? -6.227  5.231   -1.315  1.00 1.05 ? 447 ILE A HD11 1 
ATOM   1108 H HD12 . ILE A 1 73 ? -6.025  4.661   -2.968  1.00 1.02 ? 447 ILE A HD12 1 
ATOM   1109 H HD13 . ILE A 1 73 ? -5.059  6.012   -2.379  1.00 1.06 ? 447 ILE A HD13 1 
ATOM   1110 N N    . SER A 1 74 ? -4.576  6.390   2.450   1.00 0.17 ? 448 SER A N    1 
ATOM   1111 C CA   . SER A 1 74 ? -4.435  6.605   3.882   1.00 0.17 ? 448 SER A CA   1 
ATOM   1112 C C    . SER A 1 74 ? -5.322  5.667   4.682   1.00 0.18 ? 448 SER A C    1 
ATOM   1113 O O    . SER A 1 74 ? -6.481  5.434   4.339   1.00 0.19 ? 448 SER A O    1 
ATOM   1114 C CB   . SER A 1 74 ? -4.796  8.050   4.216   1.00 0.17 ? 448 SER A CB   1 
ATOM   1115 O OG   . SER A 1 74 ? -6.197  8.146   4.431   1.00 1.26 ? 448 SER A OG   1 
ATOM   1116 H H    . SER A 1 74 ? -5.329  6.794   1.971   1.00 0.17 ? 448 SER A H    1 
ATOM   1117 H HA   . SER A 1 74 ? -3.408  6.434   4.166   1.00 0.17 ? 448 SER A HA   1 
ATOM   1118 H HB2  . SER A 1 74 ? -4.281  8.353   5.106   1.00 0.99 ? 448 SER A HB2  1 
ATOM   1119 H HB3  . SER A 1 74 ? -4.502  8.692   3.395   1.00 0.98 ? 448 SER A HB3  1 
ATOM   1120 H HG   . SER A 1 74 ? -6.633  8.102   3.577   1.00 1.73 ? 448 SER A HG   1 
ATOM   1121 N N    . LEU A 1 75 ? -4.768  5.166   5.778   1.00 0.19 ? 449 LEU A N    1 
ATOM   1122 C CA   . LEU A 1 75 ? -5.502  4.289   6.677   1.00 0.22 ? 449 LEU A CA   1 
ATOM   1123 C C    . LEU A 1 75 ? -5.890  5.065   7.928   1.00 0.26 ? 449 LEU A C    1 
ATOM   1124 O O    . LEU A 1 75 ? -5.351  6.141   8.185   1.00 0.44 ? 449 LEU A O    1 
ATOM   1125 C CB   . LEU A 1 75 ? -4.637  3.092   7.063   1.00 0.21 ? 449 LEU A CB   1 
ATOM   1126 C CG   . LEU A 1 75 ? -4.218  2.327   5.804   1.00 0.28 ? 449 LEU A CG   1 
ATOM   1127 C CD1  . LEU A 1 75 ? -3.259  1.207   6.205   1.00 0.35 ? 449 LEU A CD1  1 
ATOM   1128 C CD2  . LEU A 1 75 ? -5.458  1.728   5.109   1.00 0.34 ? 449 LEU A CD2  1 
ATOM   1129 H H    . LEU A 1 75 ? -3.849  5.420   6.007   1.00 0.19 ? 449 LEU A H    1 
ATOM   1130 H HA   . LEU A 1 75 ? -6.397  3.939   6.184   1.00 0.27 ? 449 LEU A HA   1 
ATOM   1131 H HB2  . LEU A 1 75 ? -3.756  3.439   7.583   1.00 0.22 ? 449 LEU A HB2  1 
ATOM   1132 H HB3  . LEU A 1 75 ? -5.201  2.435   7.708   1.00 0.23 ? 449 LEU A HB3  1 
ATOM   1133 H HG   . LEU A 1 75 ? -3.714  3.003   5.126   1.00 0.28 ? 449 LEU A HG   1 
ATOM   1134 H HD11 . LEU A 1 75 ? -2.489  1.606   6.849   1.00 1.08 ? 449 LEU A HD11 1 
ATOM   1135 H HD12 . LEU A 1 75 ? -2.808  0.783   5.321   1.00 1.03 ? 449 LEU A HD12 1 
ATOM   1136 H HD13 . LEU A 1 75 ? -3.809  0.445   6.731   1.00 1.10 ? 449 LEU A HD13 1 
ATOM   1137 H HD21 . LEU A 1 75 ? -6.291  1.707   5.796   1.00 1.10 ? 449 LEU A HD21 1 
ATOM   1138 H HD22 . LEU A 1 75 ? -5.243  0.722   4.779   1.00 1.08 ? 449 LEU A HD22 1 
ATOM   1139 H HD23 . LEU A 1 75 ? -5.715  2.335   4.253   1.00 1.06 ? 449 LEU A HD23 1 
ATOM   1140 N N    . THR A 1 76 ? -6.786  4.507   8.734   1.00 0.28 ? 450 THR A N    1 
ATOM   1141 C CA   . THR A 1 76 ? -7.197  5.161   9.971   1.00 0.32 ? 450 THR A CA   1 
ATOM   1142 C C    . THR A 1 76 ? -6.817  4.301   11.172  1.00 0.25 ? 450 THR A C    1 
ATOM   1143 O O    . THR A 1 76 ? -6.365  4.813   12.197  1.00 0.35 ? 450 THR A O    1 
ATOM   1144 C CB   . THR A 1 76 ? -8.714  5.380   9.957   1.00 0.46 ? 450 THR A CB   1 
ATOM   1145 O OG1  . THR A 1 76 ? -9.352  4.173   9.561   1.00 0.86 ? 450 THR A OG1  1 
ATOM   1146 C CG2  . THR A 1 76 ? -9.088  6.499   8.969   1.00 0.94 ? 450 THR A CG2  1 
ATOM   1147 H H    . THR A 1 76 ? -7.151  3.620   8.530   1.00 0.38 ? 450 THR A H    1 
ATOM   1148 H HA   . THR A 1 76 ? -6.704  6.118   10.055  1.00 0.37 ? 450 THR A HA   1 
ATOM   1149 H HB   . THR A 1 76 ? -9.045  5.652   10.948  1.00 0.68 ? 450 THR A HB   1 
ATOM   1150 H HG1  . THR A 1 76 ? -9.868  3.853   10.302  1.00 1.41 ? 450 THR A HG1  1 
ATOM   1151 H HG21 . THR A 1 76 ? -8.194  6.943   8.552   1.00 1.43 ? 450 THR A HG21 1 
ATOM   1152 H HG22 . THR A 1 76 ? -9.657  7.260   9.482   1.00 1.55 ? 450 THR A HG22 1 
ATOM   1153 H HG23 . THR A 1 76 ? -9.686  6.085   8.170   1.00 1.49 ? 450 THR A HG23 1 
ATOM   1154 N N    . ASN A 1 77 ? -6.990  2.989   11.032  1.00 0.25 ? 451 ASN A N    1 
ATOM   1155 C CA   . ASN A 1 77 ? -6.651  2.058   12.107  1.00 0.24 ? 451 ASN A CA   1 
ATOM   1156 C C    . ASN A 1 77 ? -5.884  0.856   11.558  1.00 0.26 ? 451 ASN A C    1 
ATOM   1157 O O    . ASN A 1 77 ? -5.999  0.507   10.383  1.00 0.25 ? 451 ASN A O    1 
ATOM   1158 C CB   . ASN A 1 77 ? -7.926  1.595   12.838  1.00 0.27 ? 451 ASN A CB   1 
ATOM   1159 C CG   . ASN A 1 77 ? -8.097  2.332   14.171  1.00 1.02 ? 451 ASN A CG   1 
ATOM   1160 O OD1  . ASN A 1 77 ? -7.163  2.960   14.669  1.00 1.76 ? 451 ASN A OD1  1 
ATOM   1161 N ND2  . ASN A 1 77 ? -9.247  2.282   14.785  1.00 1.67 ? 451 ASN A ND2  1 
ATOM   1162 H H    . ASN A 1 77 ? -7.344  2.638   10.188  1.00 0.37 ? 451 ASN A H    1 
ATOM   1163 H HA   . ASN A 1 77 ? -6.008  2.567   12.809  1.00 0.25 ? 451 ASN A HA   1 
ATOM   1164 H HB2  . ASN A 1 77 ? -8.784  1.801   12.215  1.00 0.81 ? 451 ASN A HB2  1 
ATOM   1165 H HB3  . ASN A 1 77 ? -7.873  0.532   13.026  1.00 0.79 ? 451 ASN A HB3  1 
ATOM   1166 H HD21 . ASN A 1 77 ? -9.990  1.778   14.394  1.00 1.96 ? 451 ASN A HD21 1 
ATOM   1167 H HD22 . ASN A 1 77 ? -9.365  2.747   15.639  1.00 2.24 ? 451 ASN A HD22 1 
ATOM   1168 N N    . PHE A 1 78 ? -5.073  0.262   12.422  1.00 0.31 ? 452 PHE A N    1 
ATOM   1169 C CA   . PHE A 1 78 ? -4.231  -0.866  12.045  1.00 0.35 ? 452 PHE A CA   1 
ATOM   1170 C C    . PHE A 1 78 ? -5.047  -2.078  11.614  1.00 0.32 ? 452 PHE A C    1 
ATOM   1171 O O    . PHE A 1 78 ? -4.656  -2.789  10.688  1.00 0.32 ? 452 PHE A O    1 
ATOM   1172 C CB   . PHE A 1 78 ? -3.338  -1.245  13.227  1.00 0.44 ? 452 PHE A CB   1 
ATOM   1173 C CG   . PHE A 1 78 ? -2.522  -0.044  13.649  1.00 0.48 ? 452 PHE A CG   1 
ATOM   1174 C CD1  . PHE A 1 78 ? -1.669  0.585   12.736  1.00 0.53 ? 452 PHE A CD1  1 
ATOM   1175 C CD2  . PHE A 1 78 ? -2.626  0.449   14.957  1.00 0.52 ? 452 PHE A CD2  1 
ATOM   1176 C CE1  . PHE A 1 78 ? -0.918  1.699   13.125  1.00 0.60 ? 452 PHE A CE1  1 
ATOM   1177 C CE2  . PHE A 1 78 ? -1.873  1.563   15.349  1.00 0.58 ? 452 PHE A CE2  1 
ATOM   1178 C CZ   . PHE A 1 78 ? -1.018  2.188   14.432  1.00 0.61 ? 452 PHE A CZ   1 
ATOM   1179 H H    . PHE A 1 78 ? -5.014  0.613   13.335  1.00 0.33 ? 452 PHE A H    1 
ATOM   1180 H HA   . PHE A 1 78 ? -3.602  -0.575  11.221  1.00 0.38 ? 452 PHE A HA   1 
ATOM   1181 H HB2  . PHE A 1 78 ? -3.954  -1.571  14.052  1.00 0.45 ? 452 PHE A HB2  1 
ATOM   1182 H HB3  . PHE A 1 78 ? -2.674  -2.045  12.936  1.00 0.48 ? 452 PHE A HB3  1 
ATOM   1183 H HD1  . PHE A 1 78 ? -1.596  0.215   11.728  1.00 0.54 ? 452 PHE A HD1  1 
ATOM   1184 H HD2  . PHE A 1 78 ? -3.283  -0.035  15.665  1.00 0.53 ? 452 PHE A HD2  1 
ATOM   1185 H HE1  . PHE A 1 78 ? -0.258  2.179   12.418  1.00 0.66 ? 452 PHE A HE1  1 
ATOM   1186 H HE2  . PHE A 1 78 ? -1.953  1.942   16.356  1.00 0.62 ? 452 PHE A HE2  1 
ATOM   1187 H HZ   . PHE A 1 78 ? -0.437  3.046   14.733  1.00 0.68 ? 452 PHE A HZ   1 
ATOM   1188 N N    . LEU A 1 79 ? -6.166  -2.334  12.287  1.00 0.32 ? 453 LEU A N    1 
ATOM   1189 C CA   . LEU A 1 79 ? -6.987  -3.494  11.939  1.00 0.32 ? 453 LEU A CA   1 
ATOM   1190 C C    . LEU A 1 79 ? -8.283  -3.068  11.250  1.00 0.29 ? 453 LEU A C    1 
ATOM   1191 O O    . LEU A 1 79 ? -9.247  -3.832  11.207  1.00 0.30 ? 453 LEU A O    1 
ATOM   1192 C CB   . LEU A 1 79 ? -7.305  -4.317  13.198  1.00 0.39 ? 453 LEU A CB   1 
ATOM   1193 C CG   . LEU A 1 79 ? -6.008  -4.790  13.888  1.00 0.45 ? 453 LEU A CG   1 
ATOM   1194 C CD1  . LEU A 1 79 ? -6.352  -5.322  15.284  1.00 0.53 ? 453 LEU A CD1  1 
ATOM   1195 C CD2  . LEU A 1 79 ? -5.329  -5.922  13.091  1.00 0.50 ? 453 LEU A CD2  1 
ATOM   1196 H H    . LEU A 1 79 ? -6.455  -1.739  13.012  1.00 0.34 ? 453 LEU A H    1 
ATOM   1197 H HA   . LEU A 1 79 ? -6.441  -4.110  11.248  1.00 0.33 ? 453 LEU A HA   1 
ATOM   1198 H HB2  . LEU A 1 79 ? -7.871  -3.706  13.887  1.00 0.41 ? 453 LEU A HB2  1 
ATOM   1199 H HB3  . LEU A 1 79 ? -7.895  -5.178  12.921  1.00 0.42 ? 453 LEU A HB3  1 
ATOM   1200 H HG   . LEU A 1 79 ? -5.329  -3.954  13.982  1.00 0.47 ? 453 LEU A HG   1 
ATOM   1201 H HD11 . LEU A 1 79 ? -7.299  -5.839  15.248  1.00 1.14 ? 453 LEU A HD11 1 
ATOM   1202 H HD12 . LEU A 1 79 ? -6.416  -4.498  15.978  1.00 1.09 ? 453 LEU A HD12 1 
ATOM   1203 H HD13 . LEU A 1 79 ? -5.581  -6.006  15.609  1.00 1.20 ? 453 LEU A HD13 1 
ATOM   1204 H HD21 . LEU A 1 79 ? -5.486  -5.788  12.038  1.00 1.14 ? 453 LEU A HD21 1 
ATOM   1205 H HD22 . LEU A 1 79 ? -5.739  -6.874  13.391  1.00 1.08 ? 453 LEU A HD22 1 
ATOM   1206 H HD23 . LEU A 1 79 ? -4.268  -5.912  13.297  1.00 1.15 ? 453 LEU A HD23 1 
ATOM   1207 N N    . ASP A 1 80 ? -8.296  -1.860  10.690  1.00 0.25 ? 454 ASP A N    1 
ATOM   1208 C CA   . ASP A 1 80 ? -9.484  -1.380  9.984   1.00 0.23 ? 454 ASP A CA   1 
ATOM   1209 C C    . ASP A 1 80 ? -9.788  -2.277  8.788   1.00 0.23 ? 454 ASP A C    1 
ATOM   1210 O O    . ASP A 1 80 ? -9.467  -1.940  7.650   1.00 0.21 ? 454 ASP A O    1 
ATOM   1211 C CB   . ASP A 1 80 ? -9.259  0.050   9.494   1.00 0.22 ? 454 ASP A CB   1 
ATOM   1212 C CG   . ASP A 1 80 ? -10.592 0.679   9.103   1.00 1.26 ? 454 ASP A CG   1 
ATOM   1213 O OD1  . ASP A 1 80 ? -11.341 0.032   8.389   1.00 1.98 ? 454 ASP A OD1  1 
ATOM   1214 O OD2  . ASP A 1 80 ? -10.844 1.795   9.523   1.00 1.61 ? 454 ASP A OD2  1 
ATOM   1215 H H    . ASP A 1 80 ? -7.498  -1.291  10.743  1.00 0.25 ? 454 ASP A H    1 
ATOM   1216 H HA   . ASP A 1 80 ? -10.326 -1.391  10.660  1.00 0.25 ? 454 ASP A HA   1 
ATOM   1217 H HB2  . ASP A 1 80 ? -8.803  0.631   10.279  1.00 0.85 ? 454 ASP A HB2  1 
ATOM   1218 H HB3  . ASP A 1 80 ? -8.605  0.035   8.635   1.00 0.86 ? 454 ASP A HB3  1 
ATOM   1219 N N    . SER A 1 81 ? -10.404 -3.423  9.061   1.00 0.26 ? 455 SER A N    1 
ATOM   1220 C CA   . SER A 1 81 ? -10.724 -4.387  8.012   1.00 0.27 ? 455 SER A CA   1 
ATOM   1221 C C    . SER A 1 81 ? -11.632 -3.788  6.946   1.00 0.25 ? 455 SER A C    1 
ATOM   1222 O O    . SER A 1 81 ? -11.513 -4.126  5.768   1.00 0.24 ? 455 SER A O    1 
ATOM   1223 C CB   . SER A 1 81 ? -11.400 -5.613  8.628   1.00 0.33 ? 455 SER A CB   1 
ATOM   1224 O OG   . SER A 1 81 ? -12.561 -5.202  9.337   1.00 1.34 ? 455 SER A OG   1 
ATOM   1225 H H    . SER A 1 81 ? -10.629 -3.635  9.991   1.00 0.28 ? 455 SER A H    1 
ATOM   1226 H HA   . SER A 1 81 ? -9.805  -4.704  7.545   1.00 0.26 ? 455 SER A HA   1 
ATOM   1227 H HB2  . SER A 1 81 ? -11.688 -6.296  7.846   1.00 1.11 ? 455 SER A HB2  1 
ATOM   1228 H HB3  . SER A 1 81 ? -10.708 -6.106  9.298   1.00 1.07 ? 455 SER A HB3  1 
ATOM   1229 H HG   . SER A 1 81 ? -12.430 -5.414  10.265  1.00 1.88 ? 455 SER A HG   1 
ATOM   1230 N N    . GLY A 1 82 ? -12.546 -2.914  7.349   1.00 0.27 ? 456 GLY A N    1 
ATOM   1231 C CA   . GLY A 1 82 ? -13.464 -2.301  6.398   1.00 0.29 ? 456 GLY A CA   1 
ATOM   1232 C C    . GLY A 1 82 ? -12.706 -1.514  5.333   1.00 0.27 ? 456 GLY A C    1 
ATOM   1233 O O    . GLY A 1 82 ? -12.952 -1.682  4.138   1.00 0.27 ? 456 GLY A O    1 
ATOM   1234 H H    . GLY A 1 82 ? -12.604 -2.677  8.299   1.00 0.28 ? 456 GLY A H    1 
ATOM   1235 H HA2  . GLY A 1 82 ? -14.046 -3.076  5.919   1.00 0.31 ? 456 GLY A HA2  1 
ATOM   1236 H HA3  . GLY A 1 82 ? -14.128 -1.634  6.924   1.00 0.32 ? 456 GLY A HA3  1 
ATOM   1237 N N    . LEU A 1 83 ? -11.766 -0.674  5.766   1.00 0.25 ? 457 LEU A N    1 
ATOM   1238 C CA   . LEU A 1 83 ? -10.974 0.098   4.813   1.00 0.26 ? 457 LEU A CA   1 
ATOM   1239 C C    . LEU A 1 83 ? -10.149 -0.828  3.926   1.00 0.24 ? 457 LEU A C    1 
ATOM   1240 O O    . LEU A 1 83 ? -10.099 -0.652  2.713   1.00 0.26 ? 457 LEU A O    1 
ATOM   1241 C CB   . LEU A 1 83 ? -10.025 1.065   5.529   1.00 0.26 ? 457 LEU A CB   1 
ATOM   1242 C CG   . LEU A 1 83 ? -10.802 2.230   6.155   1.00 0.30 ? 457 LEU A CG   1 
ATOM   1243 C CD1  . LEU A 1 83 ? -9.827  3.098   6.959   1.00 0.30 ? 457 LEU A CD1  1 
ATOM   1244 C CD2  . LEU A 1 83 ? -11.466 3.083   5.054   1.00 0.39 ? 457 LEU A CD2  1 
ATOM   1245 H H    . LEU A 1 83 ? -11.588 -0.607  6.727   1.00 0.25 ? 457 LEU A H    1 
ATOM   1246 H HA   . LEU A 1 83 ? -11.646 0.666   4.188   1.00 0.29 ? 457 LEU A HA   1 
ATOM   1247 H HB2  . LEU A 1 83 ? -9.496  0.533   6.307   1.00 0.25 ? 457 LEU A HB2  1 
ATOM   1248 H HB3  . LEU A 1 83 ? -9.312  1.456   4.818   1.00 0.29 ? 457 LEU A HB3  1 
ATOM   1249 H HG   . LEU A 1 83 ? -11.562 1.839   6.818   1.00 0.33 ? 457 LEU A HG   1 
ATOM   1250 H HD11 . LEU A 1 83 ? -8.978  3.350   6.341   1.00 1.05 ? 457 LEU A HD11 1 
ATOM   1251 H HD12 . LEU A 1 83 ? -9.487  2.553   7.827   1.00 1.03 ? 457 LEU A HD12 1 
ATOM   1252 H HD13 . LEU A 1 83 ? -10.324 4.004   7.273   1.00 1.07 ? 457 LEU A HD13 1 
ATOM   1253 H HD21 . LEU A 1 83 ? -12.528 2.889   5.043   1.00 1.11 ? 457 LEU A HD21 1 
ATOM   1254 H HD22 . LEU A 1 83 ? -11.047 2.835   4.089   1.00 1.11 ? 457 LEU A HD22 1 
ATOM   1255 H HD23 . LEU A 1 83 ? -11.300 4.133   5.251   1.00 1.07 ? 457 LEU A HD23 1 
ATOM   1256 N N    . TYR A 1 84 ? -9.505  -1.816  4.538   1.00 0.21 ? 458 TYR A N    1 
ATOM   1257 C CA   . TYR A 1 84 ? -8.680  -2.748  3.775   1.00 0.21 ? 458 TYR A CA   1 
ATOM   1258 C C    . TYR A 1 84 ? -9.509  -3.464  2.720   1.00 0.20 ? 458 TYR A C    1 
ATOM   1259 O O    . TYR A 1 84 ? -9.082  -3.599  1.573   1.00 0.22 ? 458 TYR A O    1 
ATOM   1260 C CB   . TYR A 1 84 ? -8.031  -3.786  4.701   1.00 0.22 ? 458 TYR A CB   1 
ATOM   1261 C CG   . TYR A 1 84 ? -6.781  -3.218  5.339   1.00 0.25 ? 458 TYR A CG   1 
ATOM   1262 C CD1  . TYR A 1 84 ? -5.648  -2.993  4.554   1.00 0.57 ? 458 TYR A CD1  1 
ATOM   1263 C CD2  . TYR A 1 84 ? -6.747  -2.931  6.708   1.00 0.67 ? 458 TYR A CD2  1 
ATOM   1264 C CE1  . TYR A 1 84 ? -4.480  -2.486  5.131   1.00 0.58 ? 458 TYR A CE1  1 
ATOM   1265 C CE2  . TYR A 1 84 ? -5.578  -2.427  7.289   1.00 0.70 ? 458 TYR A CE2  1 
ATOM   1266 C CZ   . TYR A 1 84 ? -4.443  -2.203  6.500   1.00 0.33 ? 458 TYR A CZ   1 
ATOM   1267 O OH   . TYR A 1 84 ? -3.287  -1.713  7.073   1.00 0.38 ? 458 TYR A OH   1 
ATOM   1268 H H    . TYR A 1 84 ? -9.581  -1.916  5.511   1.00 0.20 ? 458 TYR A H    1 
ATOM   1269 H HA   . TYR A 1 84 ? -7.901  -2.190  3.277   1.00 0.24 ? 458 TYR A HA   1 
ATOM   1270 H HB2  . TYR A 1 84 ? -8.731  -4.061  5.475   1.00 0.22 ? 458 TYR A HB2  1 
ATOM   1271 H HB3  . TYR A 1 84 ? -7.770  -4.663  4.127   1.00 0.23 ? 458 TYR A HB3  1 
ATOM   1272 H HD1  . TYR A 1 84 ? -5.675  -3.209  3.500   1.00 0.97 ? 458 TYR A HD1  1 
ATOM   1273 H HD2  . TYR A 1 84 ? -7.616  -3.109  7.317   1.00 1.08 ? 458 TYR A HD2  1 
ATOM   1274 H HE1  . TYR A 1 84 ? -3.608  -2.317  4.520   1.00 0.97 ? 458 TYR A HE1  1 
ATOM   1275 H HE2  . TYR A 1 84 ? -5.552  -2.204  8.346   1.00 1.11 ? 458 TYR A HE2  1 
ATOM   1276 H HH   . TYR A 1 84 ? -2.827  -2.446  7.487   1.00 0.94 ? 458 TYR A HH   1 
ATOM   1277 N N    . THR A 1 85 ? -10.687 -3.926  3.110   1.00 0.20 ? 459 THR A N    1 
ATOM   1278 C CA   . THR A 1 85 ? -11.548 -4.637  2.180   1.00 0.20 ? 459 THR A CA   1 
ATOM   1279 C C    . THR A 1 85 ? -11.941 -3.737  1.015   1.00 0.22 ? 459 THR A C    1 
ATOM   1280 O O    . THR A 1 85 ? -11.872 -4.149  -0.141  1.00 0.21 ? 459 THR A O    1 
ATOM   1281 C CB   . THR A 1 85 ? -12.807 -5.124  2.899   1.00 0.24 ? 459 THR A CB   1 
ATOM   1282 O OG1  . THR A 1 85 ? -12.439 -6.014  3.944   1.00 0.29 ? 459 THR A OG1  1 
ATOM   1283 C CG2  . THR A 1 85 ? -13.716 -5.848  1.904   1.00 0.30 ? 459 THR A CG2  1 
ATOM   1284 H H    . THR A 1 85 ? -10.978 -3.800  4.038   1.00 0.20 ? 459 THR A H    1 
ATOM   1285 H HA   . THR A 1 85 ? -11.016 -5.492  1.795   1.00 0.20 ? 459 THR A HA   1 
ATOM   1286 H HB   . THR A 1 85 ? -13.335 -4.280  3.314   1.00 0.27 ? 459 THR A HB   1 
ATOM   1287 H HG1  . THR A 1 85 ? -11.530 -5.826  4.186   1.00 0.93 ? 459 THR A HG1  1 
ATOM   1288 H HG21 . THR A 1 85 ? -14.541 -6.301  2.435   1.00 1.04 ? 459 THR A HG21 1 
ATOM   1289 H HG22 . THR A 1 85 ? -13.152 -6.614  1.394   1.00 1.08 ? 459 THR A HG22 1 
ATOM   1290 H HG23 . THR A 1 85 ? -14.098 -5.140  1.182   1.00 1.09 ? 459 THR A HG23 1 
ATOM   1291 N N    . SER A 1 86 ? -12.349 -2.507  1.319   1.00 0.26 ? 460 SER A N    1 
ATOM   1292 C CA   . SER A 1 86 ? -12.756 -1.563  0.283   1.00 0.31 ? 460 SER A CA   1 
ATOM   1293 C C    . SER A 1 86 ? -11.617 -1.280  -0.687  1.00 0.32 ? 460 SER A C    1 
ATOM   1294 O O    . SER A 1 86 ? -11.818 -1.235  -1.902  1.00 0.33 ? 460 SER A O    1 
ATOM   1295 C CB   . SER A 1 86 ? -13.188 -0.245  0.927   1.00 0.38 ? 460 SER A CB   1 
ATOM   1296 O OG   . SER A 1 86 ? -14.236 -0.492  1.854   1.00 1.33 ? 460 SER A OG   1 
ATOM   1297 H H    . SER A 1 86 ? -12.360 -2.216  2.254   1.00 0.26 ? 460 SER A H    1 
ATOM   1298 H HA   . SER A 1 86 ? -13.591 -1.974  -0.262  1.00 0.31 ? 460 SER A HA   1 
ATOM   1299 H HB2  . SER A 1 86 ? -12.352 0.194   1.445   1.00 1.09 ? 460 SER A HB2  1 
ATOM   1300 H HB3  . SER A 1 86 ? -13.528 0.435   0.157   1.00 1.12 ? 460 SER A HB3  1 
ATOM   1301 H HG   . SER A 1 86 ? -14.219 0.208   2.512   1.00 1.87 ? 460 SER A HG   1 
ATOM   1302 N N    . LEU A 1 87 ? -10.428 -1.052  -0.144  1.00 0.33 ? 461 LEU A N    1 
ATOM   1303 C CA   . LEU A 1 87 ? -9.275  -0.729  -0.968  1.00 0.38 ? 461 LEU A CA   1 
ATOM   1304 C C    . LEU A 1 87 ? -8.952  -1.879  -1.909  1.00 0.33 ? 461 LEU A C    1 
ATOM   1305 O O    . LEU A 1 87 ? -8.642  -1.670  -3.082  1.00 0.33 ? 461 LEU A O    1 
ATOM   1306 C CB   . LEU A 1 87 ? -8.084  -0.430  -0.063  1.00 0.45 ? 461 LEU A CB   1 
ATOM   1307 C CG   . LEU A 1 87 ? -8.372  0.853   0.729   1.00 0.56 ? 461 LEU A CG   1 
ATOM   1308 C CD1  . LEU A 1 87 ? -7.343  1.018   1.863   1.00 0.58 ? 461 LEU A CD1  1 
ATOM   1309 C CD2  . LEU A 1 87 ? -8.331  2.068   -0.210  1.00 0.77 ? 461 LEU A CD2  1 
ATOM   1310 H H    . LEU A 1 87 ? -10.326 -1.073  0.832   1.00 0.31 ? 461 LEU A H    1 
ATOM   1311 H HA   . LEU A 1 87 ? -9.496  0.146   -1.556  1.00 0.43 ? 461 LEU A HA   1 
ATOM   1312 H HB2  . LEU A 1 87 ? -7.934  -1.255  0.621   1.00 0.36 ? 461 LEU A HB2  1 
ATOM   1313 H HB3  . LEU A 1 87 ? -7.196  -0.294  -0.662  1.00 0.55 ? 461 LEU A HB3  1 
ATOM   1314 H HG   . LEU A 1 87 ? -9.358  0.780   1.161   1.00 0.53 ? 461 LEU A HG   1 
ATOM   1315 H HD11 . LEU A 1 87 ? -6.497  0.366   1.692   1.00 1.20 ? 461 LEU A HD11 1 
ATOM   1316 H HD12 . LEU A 1 87 ? -7.807  0.760   2.803   1.00 1.17 ? 461 LEU A HD12 1 
ATOM   1317 H HD13 . LEU A 1 87 ? -7.004  2.042   1.907   1.00 1.14 ? 461 LEU A HD13 1 
ATOM   1318 H HD21 . LEU A 1 87 ? -9.301  2.202   -0.664  1.00 1.28 ? 461 LEU A HD21 1 
ATOM   1319 H HD22 . LEU A 1 87 ? -7.593  1.910   -0.981  1.00 1.33 ? 461 LEU A HD22 1 
ATOM   1320 H HD23 . LEU A 1 87 ? -8.080  2.950   0.358   1.00 1.29 ? 461 LEU A HD23 1 
ATOM   1321 N N    . THR A 1 88 ? -9.024  -3.093  -1.385  1.00 0.29 ? 462 THR A N    1 
ATOM   1322 C CA   . THR A 1 88 ? -8.735  -4.267  -2.188  1.00 0.28 ? 462 THR A CA   1 
ATOM   1323 C C    . THR A 1 88 ? -9.697  -4.390  -3.357  1.00 0.21 ? 462 THR A C    1 
ATOM   1324 O O    . THR A 1 88 ? -9.282  -4.629  -4.490  1.00 0.22 ? 462 THR A O    1 
ATOM   1325 C CB   . THR A 1 88 ? -8.848  -5.527  -1.341  1.00 0.29 ? 462 THR A CB   1 
ATOM   1326 O OG1  . THR A 1 88 ? -8.032  -5.395  -0.185  1.00 0.40 ? 462 THR A OG1  1 
ATOM   1327 C CG2  . THR A 1 88 ? -8.395  -6.737  -2.165  1.00 0.39 ? 462 THR A CG2  1 
ATOM   1328 H H    . THR A 1 88 ? -9.268  -3.197  -0.441  1.00 0.29 ? 462 THR A H    1 
ATOM   1329 H HA   . THR A 1 88 ? -7.728  -4.195  -2.568  1.00 0.33 ? 462 THR A HA   1 
ATOM   1330 H HB   . THR A 1 88 ? -9.875  -5.664  -1.039  1.00 0.25 ? 462 THR A HB   1 
ATOM   1331 H HG1  . THR A 1 88 ? -7.775  -4.474  -0.105  1.00 1.02 ? 462 THR A HG1  1 
ATOM   1332 H HG21 . THR A 1 88 ? -7.617  -7.242  -1.636  1.00 1.10 ? 462 THR A HG21 1 
ATOM   1333 H HG22 . THR A 1 88 ? -8.018  -6.414  -3.127  1.00 1.11 ? 462 THR A HG22 1 
ATOM   1334 H HG23 . THR A 1 88 ? -9.228  -7.409  -2.315  1.00 1.09 ? 462 THR A HG23 1 
ATOM   1335 N N    . GLU A 1 89 ? -10.986 -4.242  -3.078  1.00 0.17 ? 463 GLU A N    1 
ATOM   1336 C CA   . GLU A 1 89 ? -11.985 -4.363  -4.128  1.00 0.15 ? 463 GLU A CA   1 
ATOM   1337 C C    . GLU A 1 89 ? -11.700 -3.351  -5.221  1.00 0.14 ? 463 GLU A C    1 
ATOM   1338 O O    . GLU A 1 89 ? -11.866 -3.630  -6.408  1.00 0.15 ? 463 GLU A O    1 
ATOM   1339 C CB   . GLU A 1 89 ? -13.391 -4.111  -3.569  1.00 0.19 ? 463 GLU A CB   1 
ATOM   1340 C CG   . GLU A 1 89 ? -13.754 -5.196  -2.549  1.00 0.21 ? 463 GLU A CG   1 
ATOM   1341 C CD   . GLU A 1 89 ? -15.263 -5.431  -2.535  1.00 1.28 ? 463 GLU A CD   1 
ATOM   1342 O OE1  . GLU A 1 89 ? -15.964 -4.732  -3.248  1.00 2.00 ? 463 GLU A OE1  1 
ATOM   1343 O OE2  . GLU A 1 89 ? -15.695 -6.315  -1.813  1.00 1.57 ? 463 GLU A OE2  1 
ATOM   1344 H H    . GLU A 1 89 ? -11.268 -4.063  -2.155  1.00 0.18 ? 463 GLU A H    1 
ATOM   1345 H HA   . GLU A 1 89 ? -11.944 -5.358  -4.544  1.00 0.17 ? 463 GLU A HA   1 
ATOM   1346 H HB2  . GLU A 1 89 ? -13.414 -3.143  -3.089  1.00 0.20 ? 463 GLU A HB2  1 
ATOM   1347 H HB3  . GLU A 1 89 ? -14.101 -4.125  -4.381  1.00 0.21 ? 463 GLU A HB3  1 
ATOM   1348 H HG2  . GLU A 1 89 ? -13.248 -6.116  -2.802  1.00 0.89 ? 463 GLU A HG2  1 
ATOM   1349 H HG3  . GLU A 1 89 ? -13.442 -4.876  -1.570  1.00 0.86 ? 463 GLU A HG3  1 
ATOM   1350 N N    . ARG A 1 90 ? -11.298 -2.164  -4.801  1.00 0.15 ? 464 ARG A N    1 
ATOM   1351 C CA   . ARG A 1 90 ? -11.012 -1.068  -5.710  1.00 0.17 ? 464 ARG A CA   1 
ATOM   1352 C C    . ARG A 1 90 ? -9.834  -1.371  -6.629  1.00 0.17 ? 464 ARG A C    1 
ATOM   1353 O O    . ARG A 1 90 ? -9.882  -1.108  -7.831  1.00 0.19 ? 464 ARG A O    1 
ATOM   1354 C CB   . ARG A 1 90 ? -10.671 0.159   -4.857  1.00 0.18 ? 464 ARG A CB   1 
ATOM   1355 C CG   . ARG A 1 90 ? -11.671 1.277   -5.098  1.00 1.16 ? 464 ARG A CG   1 
ATOM   1356 C CD   . ARG A 1 90 ? -11.195 2.503   -4.350  1.00 1.54 ? 464 ARG A CD   1 
ATOM   1357 N NE   . ARG A 1 90 ? -12.138 3.582   -4.625  1.00 2.11 ? 464 ARG A NE   1 
ATOM   1358 C CZ   . ARG A 1 90 ? -11.773 4.842   -4.695  1.00 2.69 ? 464 ARG A CZ   1 
ATOM   1359 N NH1  . ARG A 1 90 ? -10.504 5.154   -4.625  1.00 2.96 ? 464 ARG A NH1  1 
ATOM   1360 N NH2  . ARG A 1 90 ? -12.669 5.773   -4.865  1.00 3.55 ? 464 ARG A NH2  1 
ATOM   1361 H H    . ARG A 1 90 ? -11.203 -1.987  -3.844  1.00 0.15 ? 464 ARG A H    1 
ATOM   1362 H HA   . ARG A 1 90 ? -11.885 -0.861  -6.307  1.00 0.18 ? 464 ARG A HA   1 
ATOM   1363 H HB2  . ARG A 1 90 ? -10.701 -0.121  -3.814  1.00 0.83 ? 464 ARG A HB2  1 
ATOM   1364 H HB3  . ARG A 1 90 ? -9.679  0.515   -5.096  1.00 0.83 ? 464 ARG A HB3  1 
ATOM   1365 H HG2  . ARG A 1 90 ? -11.726 1.492   -6.156  1.00 1.85 ? 464 ARG A HG2  1 
ATOM   1366 H HG3  . ARG A 1 90 ? -12.643 0.983   -4.733  1.00 1.73 ? 464 ARG A HG3  1 
ATOM   1367 H HD2  . ARG A 1 90 ? -11.206 2.328   -3.304  1.00 2.01 ? 464 ARG A HD2  1 
ATOM   1368 H HD3  . ARG A 1 90 ? -10.160 2.717   -4.648  1.00 2.00 ? 464 ARG A HD3  1 
ATOM   1369 H HE   . ARG A 1 90 ? -13.087 3.358   -4.728  1.00 2.59 ? 464 ARG A HE   1 
ATOM   1370 H HH11 . ARG A 1 90 ? -9.816  4.433   -4.517  1.00 2.80 ? 464 ARG A HH11 1 
ATOM   1371 H HH12 . ARG A 1 90 ? -10.219 6.110   -4.685  1.00 3.68 ? 464 ARG A HH12 1 
ATOM   1372 H HH21 . ARG A 1 90 ? -13.636 5.528   -4.941  1.00 3.89 ? 464 ARG A HH21 1 
ATOM   1373 H HH22 . ARG A 1 90 ? -12.389 6.730   -4.923  1.00 4.10 ? 464 ARG A HH22 1 
ATOM   1374 N N    . LEU A 1 91 ? -8.765  -1.891  -6.049  1.00 0.16 ? 465 LEU A N    1 
ATOM   1375 C CA   . LEU A 1 91 ? -7.569  -2.184  -6.813  1.00 0.18 ? 465 LEU A CA   1 
ATOM   1376 C C    . LEU A 1 91 ? -7.876  -3.252  -7.850  1.00 0.18 ? 465 LEU A C    1 
ATOM   1377 O O    . LEU A 1 91 ? -7.461  -3.150  -9.002  1.00 0.20 ? 465 LEU A O    1 
ATOM   1378 C CB   . LEU A 1 91 ? -6.451  -2.615  -5.863  1.00 0.19 ? 465 LEU A CB   1 
ATOM   1379 C CG   . LEU A 1 91 ? -6.037  -1.397  -5.019  1.00 0.20 ? 465 LEU A CG   1 
ATOM   1380 C CD1  . LEU A 1 91 ? -5.147  -1.841  -3.855  1.00 0.21 ? 465 LEU A CD1  1 
ATOM   1381 C CD2  . LEU A 1 91 ? -5.283  -0.371  -5.895  1.00 0.29 ? 465 LEU A CD2  1 
ATOM   1382 H H    . LEU A 1 91 ? -8.784  -2.082  -5.089  1.00 0.15 ? 465 LEU A H    1 
ATOM   1383 H HA   . LEU A 1 91 ? -7.259  -1.284  -7.326  1.00 0.20 ? 465 LEU A HA   1 
ATOM   1384 H HB2  . LEU A 1 91 ? -6.808  -3.404  -5.216  1.00 0.18 ? 465 LEU A HB2  1 
ATOM   1385 H HB3  . LEU A 1 91 ? -5.602  -2.966  -6.431  1.00 0.23 ? 465 LEU A HB3  1 
ATOM   1386 H HG   . LEU A 1 91 ? -6.927  -0.932  -4.619  1.00 0.22 ? 465 LEU A HG   1 
ATOM   1387 H HD11 . LEU A 1 91 ? -5.704  -2.501  -3.206  1.00 1.05 ? 465 LEU A HD11 1 
ATOM   1388 H HD12 . LEU A 1 91 ? -4.828  -0.971  -3.295  1.00 1.04 ? 465 LEU A HD12 1 
ATOM   1389 H HD13 . LEU A 1 91 ? -4.281  -2.358  -4.239  1.00 1.04 ? 465 LEU A HD13 1 
ATOM   1390 H HD21 . LEU A 1 91 ? -5.901  0.505   -6.027  1.00 1.07 ? 465 LEU A HD21 1 
ATOM   1391 H HD22 . LEU A 1 91 ? -5.064  -0.799  -6.862  1.00 1.03 ? 465 LEU A HD22 1 
ATOM   1392 H HD23 . LEU A 1 91 ? -4.357  -0.084  -5.416  1.00 1.06 ? 465 LEU A HD23 1 
ATOM   1393 N N    . VAL A 1 92 ? -8.666  -4.236  -7.451  1.00 0.17 ? 466 VAL A N    1 
ATOM   1394 C CA   . VAL A 1 92 ? -9.086  -5.285  -8.368  1.00 0.17 ? 466 VAL A CA   1 
ATOM   1395 C C    . VAL A 1 92 ? -9.855  -4.659  -9.526  1.00 0.18 ? 466 VAL A C    1 
ATOM   1396 O O    . VAL A 1 92 ? -9.618  -4.986  -10.692 1.00 0.19 ? 466 VAL A O    1 
ATOM   1397 C CB   . VAL A 1 92 ? -9.973  -6.292  -7.621  1.00 0.18 ? 466 VAL A CB   1 
ATOM   1398 C CG1  . VAL A 1 92 ? -10.559 -7.334  -8.585  1.00 0.20 ? 466 VAL A CG1  1 
ATOM   1399 C CG2  . VAL A 1 92 ? -9.131  -7.010  -6.567  1.00 0.20 ? 466 VAL A CG2  1 
ATOM   1400 H H    . VAL A 1 92 ? -9.004  -4.227  -6.528  1.00 0.16 ? 466 VAL A H    1 
ATOM   1401 H HA   . VAL A 1 92 ? -8.214  -5.795  -8.752  1.00 0.19 ? 466 VAL A HA   1 
ATOM   1402 H HB   . VAL A 1 92 ? -10.779 -5.763  -7.134  1.00 0.18 ? 466 VAL A HB   1 
ATOM   1403 H HG11 . VAL A 1 92 ? -10.953 -6.851  -9.464  1.00 1.03 ? 466 VAL A HG11 1 
ATOM   1404 H HG12 . VAL A 1 92 ? -11.356 -7.869  -8.089  1.00 1.03 ? 466 VAL A HG12 1 
ATOM   1405 H HG13 . VAL A 1 92 ? -9.787  -8.032  -8.873  1.00 1.01 ? 466 VAL A HG13 1 
ATOM   1406 H HG21 . VAL A 1 92 ? -8.643  -6.282  -5.937  1.00 1.02 ? 466 VAL A HG21 1 
ATOM   1407 H HG22 . VAL A 1 92 ? -8.384  -7.618  -7.057  1.00 1.02 ? 466 VAL A HG22 1 
ATOM   1408 H HG23 . VAL A 1 92 ? -9.768  -7.640  -5.964  1.00 1.05 ? 466 VAL A HG23 1 
ATOM   1409 N N    . ALA A 1 93 ? -10.772 -3.750  -9.198  1.00 0.18 ? 467 ALA A N    1 
ATOM   1410 C CA   . ALA A 1 93 ? -11.562 -3.074  -10.216 1.00 0.21 ? 467 ALA A CA   1 
ATOM   1411 C C    . ALA A 1 93 ? -10.654 -2.288  -11.158 1.00 0.23 ? 467 ALA A C    1 
ATOM   1412 O O    . ALA A 1 93 ? -10.868 -2.286  -12.368 1.00 0.25 ? 467 ALA A O    1 
ATOM   1413 C CB   . ALA A 1 93 ? -12.583 -2.135  -9.549  1.00 0.23 ? 467 ALA A CB   1 
ATOM   1414 H H    . ALA A 1 93 ? -10.903 -3.513  -8.260  1.00 0.18 ? 467 ALA A H    1 
ATOM   1415 H HA   . ALA A 1 93 ? -12.094 -3.817  -10.790 1.00 0.21 ? 467 ALA A HA   1 
ATOM   1416 H HB1  . ALA A 1 93 ? -13.577 -2.366  -9.907  1.00 1.05 ? 467 ALA A HB1  1 
ATOM   1417 H HB2  . ALA A 1 93 ? -12.350 -1.106  -9.785  1.00 1.02 ? 467 ALA A HB2  1 
ATOM   1418 H HB3  . ALA A 1 93 ? -12.548 -2.272  -8.479  1.00 1.02 ? 467 ALA A HB3  1 
ATOM   1419 N N    . ALA A 1 94 ? -9.644  -1.621  -10.596 1.00 0.24 ? 468 ALA A N    1 
ATOM   1420 C CA   . ALA A 1 94 ? -8.711  -0.826  -11.389 1.00 0.28 ? 468 ALA A CA   1 
ATOM   1421 C C    . ALA A 1 94 ? -7.785  -1.719  -12.213 1.00 0.29 ? 468 ALA A C    1 
ATOM   1422 O O    . ALA A 1 94 ? -7.249  -1.290  -13.231 1.00 0.33 ? 468 ALA A O    1 
ATOM   1423 C CB   . ALA A 1 94 ? -7.887  0.083   -10.463 1.00 0.31 ? 468 ALA A CB   1 
ATOM   1424 H H    . ALA A 1 94 ? -9.527  -1.651  -9.627  1.00 0.23 ? 468 ALA A H    1 
ATOM   1425 H HA   . ALA A 1 94 ? -9.279  -0.203  -12.067 1.00 0.31 ? 468 ALA A HA   1 
ATOM   1426 H HB1  . ALA A 1 94 ? -6.857  0.112   -10.792 1.00 1.09 ? 468 ALA A HB1  1 
ATOM   1427 H HB2  . ALA A 1 94 ? -7.929  -0.300  -9.454  1.00 1.06 ? 468 ALA A HB2  1 
ATOM   1428 H HB3  . ALA A 1 94 ? -8.297  1.084   -10.481 1.00 1.04 ? 468 ALA A HB3  1 
ATOM   1429 N N    . GLN A 1 95 ? -7.570  -2.946  -11.749 1.00 0.27 ? 469 GLN A N    1 
ATOM   1430 C CA   . GLN A 1 95 ? -6.691  -3.878  -12.454 1.00 0.29 ? 469 GLN A CA   1 
ATOM   1431 C C    . GLN A 1 95 ? -7.298  -4.283  -13.789 1.00 0.29 ? 469 GLN A C    1 
ATOM   1432 O O    . GLN A 1 95 ? -6.646  -4.208  -14.830 1.00 0.33 ? 469 GLN A O    1 
ATOM   1433 C CB   . GLN A 1 95 ? -6.476  -5.130  -11.610 1.00 0.29 ? 469 GLN A CB   1 
ATOM   1434 C CG   . GLN A 1 95 ? -5.451  -4.841  -10.516 1.00 0.32 ? 469 GLN A CG   1 
ATOM   1435 C CD   . GLN A 1 95 ? -4.044  -4.876  -11.095 1.00 0.88 ? 469 GLN A CD   1 
ATOM   1436 O OE1  . GLN A 1 95 ? -3.738  -5.724  -11.933 1.00 1.63 ? 469 GLN A OE1  1 
ATOM   1437 N NE2  . GLN A 1 95 ? -3.166  -4.001  -10.693 1.00 1.54 ? 469 GLN A NE2  1 
ATOM   1438 H H    . GLN A 1 95 ? -7.992  -3.218  -10.908 1.00 0.24 ? 469 GLN A H    1 
ATOM   1439 H HA   . GLN A 1 95 ? -5.738  -3.402  -12.627 1.00 0.33 ? 469 GLN A HA   1 
ATOM   1440 H HB2  . GLN A 1 95 ? -7.413  -5.425  -11.162 1.00 0.26 ? 469 GLN A HB2  1 
ATOM   1441 H HB3  . GLN A 1 95 ? -6.111  -5.928  -12.240 1.00 0.31 ? 469 GLN A HB3  1 
ATOM   1442 H HG2  . GLN A 1 95 ? -5.638  -3.862  -10.103 1.00 0.74 ? 469 GLN A HG2  1 
ATOM   1443 H HG3  . GLN A 1 95 ? -5.539  -5.582  -9.739  1.00 0.92 ? 469 GLN A HG3  1 
ATOM   1444 H HE21 . GLN A 1 95 ? -3.415  -3.328  -10.026 1.00 1.89 ? 469 GLN A HE21 1 
ATOM   1445 H HE22 . GLN A 1 95 ? -2.258  -4.016  -11.060 1.00 2.06 ? 469 GLN A HE22 1 
ATOM   1446 N N    . ARG A 1 96 ? -8.569  -4.668  -13.751 1.00 0.26 ? 470 ARG A N    1 
ATOM   1447 C CA   . ARG A 1 96 ? -9.260  -5.037  -14.979 1.00 0.26 ? 470 ARG A CA   1 
ATOM   1448 C C    . ARG A 1 96 ? -9.362  -3.828  -15.852 1.00 0.32 ? 470 ARG A C    1 
ATOM   1449 O O    . ARG A 1 96 ? -8.737  -3.734  -16.910 1.00 0.39 ? 470 ARG A O    1 
ATOM   1450 C CB   . ARG A 1 96 ? -10.673 -5.477  -14.687 1.00 0.26 ? 470 ARG A CB   1 
ATOM   1451 C CG   . ARG A 1 96 ? -10.668 -6.811  -13.983 1.00 1.11 ? 470 ARG A CG   1 
ATOM   1452 C CD   . ARG A 1 96 ? -12.100 -7.290  -13.905 1.00 1.60 ? 470 ARG A CD   1 
ATOM   1453 N NE   . ARG A 1 96 ? -12.100 -8.607  -13.294 1.00 2.26 ? 470 ARG A NE   1 
ATOM   1454 C CZ   . ARG A 1 96 ? -13.115 -9.427  -13.424 1.00 2.92 ? 470 ARG A CZ   1 
ATOM   1455 N NH1  . ARG A 1 96 ? -14.101 -9.108  -14.222 1.00 3.18 ? 470 ARG A NH1  1 
ATOM   1456 N NH2  . ARG A 1 96 ? -13.119 -10.565 -12.794 1.00 3.82 ? 470 ARG A NH2  1 
ATOM   1457 H H    . ARG A 1 96 ? -9.045  -4.651  -12.892 1.00 0.24 ? 470 ARG A H    1 
ATOM   1458 H HA   . ARG A 1 96 ? -8.725  -5.824  -15.488 1.00 0.28 ? 470 ARG A HA   1 
ATOM   1459 H HB2  . ARG A 1 96 ? -11.151 -4.739  -14.060 1.00 0.84 ? 470 ARG A HB2  1 
ATOM   1460 H HB3  . ARG A 1 96 ? -11.215 -5.563  -15.616 1.00 0.87 ? 470 ARG A HB3  1 
ATOM   1461 H HG2  . ARG A 1 96 ? -10.073 -7.517  -14.544 1.00 1.79 ? 470 ARG A HG2  1 
ATOM   1462 H HG3  . ARG A 1 96 ? -10.266 -6.700  -12.987 1.00 1.76 ? 470 ARG A HG3  1 
ATOM   1463 H HD2  . ARG A 1 96 ? -12.677 -6.642  -13.294 1.00 2.03 ? 470 ARG A HD2  1 
ATOM   1464 H HD3  . ARG A 1 96 ? -12.529 -7.279  -14.912 1.00 2.13 ? 470 ARG A HD3  1 
ATOM   1465 H HE   . ARG A 1 96 ? -11.336 -8.871  -12.739 1.00 2.71 ? 470 ARG A HE   1 
ATOM   1466 H HH11 . ARG A 1 96 ? -14.076 -8.241  -14.724 1.00 2.95 ? 470 ARG A HH11 1 
ATOM   1467 H HH12 . ARG A 1 96 ? -14.874 -9.729  -14.338 1.00 3.95 ? 470 ARG A HH12 1 
ATOM   1468 H HH21 . ARG A 1 96 ? -12.348 -10.815 -12.206 1.00 4.13 ? 470 ARG A HH21 1 
ATOM   1469 H HH22 . ARG A 1 96 ? -13.889 -11.193 -12.901 1.00 4.42 ? 470 ARG A HH22 1 
ATOM   1470 N N    . HIS A 1 97 ? -10.073 -2.852  -15.327 1.00 0.35 ? 471 HIS A N    1 
ATOM   1471 C CA   . HIS A 1 97 ? -10.161 -1.591  -15.989 1.00 0.43 ? 471 HIS A CA   1 
ATOM   1472 C C    . HIS A 1 97 ? -8.759  -1.081  -16.084 1.00 0.86 ? 471 HIS A C    1 
ATOM   1473 O O    . HIS A 1 97 ? -7.885  -1.511  -15.342 1.00 1.39 ? 471 HIS A O    1 
ATOM   1474 C CB   . HIS A 1 97 ? -10.974 -0.585  -15.153 1.00 0.88 ? 471 HIS A CB   1 
ATOM   1475 C CG   . HIS A 1 97 ? -12.420 -0.513  -15.571 1.00 1.49 ? 471 HIS A CG   1 
ATOM   1476 N ND1  . HIS A 1 97 ? -13.360 0.093   -14.756 1.00 2.48 ? 471 HIS A ND1  1 
ATOM   1477 C CD2  . HIS A 1 97 ? -13.105 -0.904  -16.703 1.00 2.24 ? 471 HIS A CD2  1 
ATOM   1478 C CE1  . HIS A 1 97 ? -14.541 0.056   -15.392 1.00 3.26 ? 471 HIS A CE1  1 
ATOM   1479 N NE2  . HIS A 1 97 ? -14.444 -0.541  -16.583 1.00 3.14 ? 471 HIS A NE2  1 
ATOM   1480 H H    . HIS A 1 97 ? -10.472 -2.963  -14.439 1.00 0.34 ? 471 HIS A H    1 
ATOM   1481 H HA   . HIS A 1 97 ? -10.586 -1.705  -16.969 1.00 0.69 ? 471 HIS A HA   1 
ATOM   1482 H HB2  . HIS A 1 97 ? -10.929 -0.877  -14.120 1.00 1.41 ? 471 HIS A HB2  1 
ATOM   1483 H HB3  . HIS A 1 97 ? -10.534 0.400   -15.252 1.00 1.52 ? 471 HIS A HB3  1 
ATOM   1484 H HD1  . HIS A 1 97 ? -13.191 0.481   -13.872 1.00 2.90 ? 471 HIS A HD1  1 
ATOM   1485 H HD2  . HIS A 1 97 ? -12.677 -1.408  -17.557 1.00 2.62 ? 471 HIS A HD2  1 
ATOM   1486 H HE1  . HIS A 1 97 ? -15.456 0.465   -14.992 1.00 4.18 ? 471 HIS A HE1  1 
# 
